data_3A6H
#
_entry.id   3A6H
#
_cell.length_a   106.8
_cell.length_b   60.24
_cell.length_c   146.2
_cell.angle_alpha   90.00
_cell.angle_beta   100.3
_cell.angle_gamma   90.00
#
_symmetry.space_group_name_H-M   'P 1 21 1'
#
loop_
_entity.id
_entity.type
_entity.pdbx_description
1 polymer 'Creatinine amidohydrolase'
2 non-polymer 'MANGANESE (II) ION'
3 non-polymer 'ZINC ION'
4 non-polymer 'CHLORIDE ION'
5 water water
#
_entity_poly.entity_id   1
_entity_poly.type   'polypeptide(L)'
_entity_poly.pdbx_seq_one_letter_code
;MSKSVFVGELTWKEYEARVAAGDCVLMLPVGALEQHGHHMCMNVDVLLPTAVCKRVAERIGALVMPGLQYGYKSQQKSGG
GNHFPGTTSLDGATLTGTVQDIIRELARHGARRLVLMNGHYENSMFIVEGIDLALRELRYAGIQDFKVVVLSYADFVKDP
AVIQQLYPEGFLGWDIEHGGVFETSLMLALYPDLVDLDRVVDHPPATFPPYDVFPVDPARTPAPGTLSSAKTASREKGEL
ILEVCVQGIADAIREEFPPT
;
_entity_poly.pdbx_strand_id   A,B,C,D,E,F
#
loop_
_chem_comp.id
_chem_comp.type
_chem_comp.name
_chem_comp.formula
CL non-polymer 'CHLORIDE ION' 'Cl -1'
MN non-polymer 'MANGANESE (II) ION' 'Mn 2'
ZN non-polymer 'ZINC ION' 'Zn 2'
#
# COMPACT_ATOMS: atom_id res chain seq x y z
N LYS A 3 -37.17 10.22 -13.62
CA LYS A 3 -37.94 10.26 -12.36
C LYS A 3 -37.14 10.89 -11.21
N SER A 4 -36.17 10.14 -10.69
CA SER A 4 -35.33 10.62 -9.60
C SER A 4 -33.96 11.07 -10.11
N VAL A 5 -33.31 11.96 -9.36
CA VAL A 5 -31.98 12.43 -9.73
C VAL A 5 -30.91 11.52 -9.15
N PHE A 6 -31.32 10.56 -8.32
CA PHE A 6 -30.37 9.64 -7.71
C PHE A 6 -30.07 8.44 -8.62
N VAL A 7 -28.79 8.26 -8.91
CA VAL A 7 -28.33 7.17 -9.76
C VAL A 7 -28.76 5.81 -9.21
N GLY A 8 -28.74 5.68 -7.88
CA GLY A 8 -29.12 4.43 -7.25
C GLY A 8 -30.56 4.01 -7.48
N GLU A 9 -31.44 4.95 -7.79
CA GLU A 9 -32.84 4.63 -8.01
C GLU A 9 -33.16 4.45 -9.49
N LEU A 10 -32.13 4.48 -10.33
CA LEU A 10 -32.30 4.31 -11.76
C LEU A 10 -31.85 2.92 -12.20
N THR A 11 -32.42 2.43 -13.31
CA THR A 11 -32.02 1.14 -13.86
C THR A 11 -30.75 1.46 -14.64
N TRP A 12 -29.91 0.45 -14.91
CA TRP A 12 -28.69 0.75 -15.64
C TRP A 12 -28.98 1.30 -17.04
N LYS A 13 -30.15 0.97 -17.59
CA LYS A 13 -30.53 1.45 -18.90
C LYS A 13 -30.82 2.96 -18.88
N GLU A 14 -31.50 3.40 -17.83
CA GLU A 14 -31.85 4.81 -17.66
C GLU A 14 -30.56 5.64 -17.48
N TYR A 15 -29.67 5.15 -16.63
CA TYR A 15 -28.40 5.83 -16.38
C TYR A 15 -27.63 5.91 -17.69
N GLU A 16 -27.55 4.78 -18.38
CA GLU A 16 -26.85 4.70 -19.67
C GLU A 16 -27.36 5.75 -20.66
N ALA A 17 -28.68 5.90 -20.74
CA ALA A 17 -29.27 6.86 -21.66
C ALA A 17 -28.89 8.30 -21.30
N ARG A 18 -28.88 8.60 -20.00
CA ARG A 18 -28.54 9.94 -19.55
C ARG A 18 -27.10 10.29 -19.88
N VAL A 19 -26.18 9.33 -19.71
CA VAL A 19 -24.79 9.58 -20.02
C VAL A 19 -24.62 9.71 -21.54
N ALA A 20 -25.44 8.97 -22.29
CA ALA A 20 -25.37 9.02 -23.74
C ALA A 20 -25.65 10.42 -24.26
N ALA A 21 -26.24 11.27 -23.41
CA ALA A 21 -26.56 12.64 -23.79
C ALA A 21 -25.31 13.43 -24.16
N GLY A 22 -24.16 13.02 -23.64
CA GLY A 22 -22.92 13.68 -23.96
C GLY A 22 -22.41 14.76 -23.02
N ASP A 23 -23.30 15.39 -22.26
CA ASP A 23 -22.89 16.44 -21.32
C ASP A 23 -23.52 16.26 -19.95
N CYS A 24 -23.69 15.01 -19.54
CA CYS A 24 -24.29 14.69 -18.26
C CYS A 24 -23.37 14.98 -17.09
N VAL A 25 -23.88 15.71 -16.11
CA VAL A 25 -23.11 16.05 -14.91
C VAL A 25 -23.48 15.12 -13.77
N LEU A 26 -22.47 14.60 -13.09
CA LEU A 26 -22.69 13.70 -11.97
C LEU A 26 -22.23 14.42 -10.70
N MET A 27 -22.93 14.17 -9.61
CA MET A 27 -22.60 14.79 -8.33
C MET A 27 -22.37 13.72 -7.27
N LEU A 28 -21.30 13.89 -6.50
CA LEU A 28 -20.96 12.92 -5.47
C LEU A 28 -20.83 13.55 -4.07
N PRO A 29 -21.78 13.24 -3.17
CA PRO A 29 -21.73 13.78 -1.81
C PRO A 29 -20.67 13.01 -1.02
N VAL A 30 -19.83 13.71 -0.27
CA VAL A 30 -18.80 13.04 0.54
C VAL A 30 -18.97 13.52 1.98
N GLY A 31 -19.45 12.64 2.85
CA GLY A 31 -19.69 13.03 4.23
C GLY A 31 -18.90 12.33 5.30
N ALA A 32 -19.59 11.98 6.39
CA ALA A 32 -18.97 11.33 7.52
C ALA A 32 -20.01 10.96 8.58
N LEU A 33 -19.61 10.07 9.49
CA LEU A 33 -20.45 9.68 10.61
C LEU A 33 -19.65 10.33 11.73
N GLU A 34 -20.19 11.42 12.27
CA GLU A 34 -19.46 12.18 13.28
C GLU A 34 -20.38 12.86 14.28
N GLN A 35 -19.95 12.89 15.54
CA GLN A 35 -20.74 13.51 16.59
C GLN A 35 -21.00 14.97 16.25
N HIS A 36 -22.24 15.41 16.47
CA HIS A 36 -22.62 16.79 16.23
C HIS A 36 -23.35 17.36 17.45
N GLY A 37 -22.73 17.24 18.61
CA GLY A 37 -23.32 17.76 19.84
C GLY A 37 -24.46 16.94 20.40
N HIS A 38 -25.10 17.46 21.44
CA HIS A 38 -26.22 16.79 22.08
C HIS A 38 -27.53 16.95 21.31
N HIS A 39 -27.59 17.95 20.44
CA HIS A 39 -28.83 18.26 19.72
C HIS A 39 -29.06 17.74 18.30
N MET A 40 -28.06 17.14 17.67
CA MET A 40 -28.24 16.65 16.30
C MET A 40 -27.73 15.22 16.12
N CYS A 41 -28.24 14.54 15.09
CA CYS A 41 -27.83 13.18 14.79
C CYS A 41 -26.40 13.19 14.25
N MET A 42 -25.81 12.02 14.11
CA MET A 42 -24.42 11.93 13.64
C MET A 42 -24.19 11.86 12.13
N ASN A 43 -25.25 11.75 11.33
CA ASN A 43 -25.05 11.70 9.88
C ASN A 43 -25.24 13.04 9.15
N VAL A 44 -25.21 14.14 9.91
CA VAL A 44 -25.35 15.48 9.35
C VAL A 44 -24.46 15.75 8.12
N ASP A 45 -23.18 15.39 8.20
CA ASP A 45 -22.27 15.61 7.09
C ASP A 45 -22.62 14.85 5.82
N VAL A 46 -23.50 13.86 5.92
CA VAL A 46 -23.93 13.12 4.74
C VAL A 46 -25.26 13.72 4.27
N LEU A 47 -26.15 13.94 5.23
CA LEU A 47 -27.48 14.50 4.93
C LEU A 47 -27.48 15.85 4.24
N LEU A 48 -26.69 16.78 4.76
CA LEU A 48 -26.66 18.12 4.18
C LEU A 48 -26.13 18.22 2.75
N PRO A 49 -24.93 17.69 2.47
CA PRO A 49 -24.51 17.81 1.07
C PRO A 49 -25.40 17.00 0.12
N THR A 50 -25.93 15.89 0.61
CA THR A 50 -26.81 15.07 -0.22
C THR A 50 -28.08 15.86 -0.57
N ALA A 51 -28.61 16.60 0.41
CA ALA A 51 -29.81 17.41 0.19
C ALA A 51 -29.55 18.58 -0.76
N VAL A 52 -28.35 19.18 -0.66
CA VAL A 52 -28.00 20.29 -1.52
C VAL A 52 -27.78 19.75 -2.94
N CYS A 53 -27.13 18.59 -3.05
CA CYS A 53 -26.90 17.97 -4.35
C CYS A 53 -28.22 17.64 -5.03
N LYS A 54 -29.17 17.11 -4.25
CA LYS A 54 -30.48 16.74 -4.78
C LYS A 54 -31.17 17.93 -5.44
N ARG A 55 -31.22 19.04 -4.73
CA ARG A 55 -31.86 20.24 -5.23
C ARG A 55 -31.12 20.86 -6.40
N VAL A 56 -29.79 20.92 -6.31
CA VAL A 56 -28.99 21.47 -7.41
C VAL A 56 -29.15 20.59 -8.66
N ALA A 57 -29.07 19.28 -8.48
CA ALA A 57 -29.20 18.33 -9.57
C ALA A 57 -30.55 18.48 -10.27
N GLU A 58 -31.61 18.64 -9.48
CA GLU A 58 -32.94 18.82 -10.01
C GLU A 58 -33.01 20.11 -10.81
N ARG A 59 -32.40 21.17 -10.28
CA ARG A 59 -32.42 22.48 -10.95
C ARG A 59 -31.66 22.56 -12.27
N ILE A 60 -30.54 21.85 -12.38
CA ILE A 60 -29.73 21.89 -13.60
C ILE A 60 -29.67 20.61 -14.42
N GLY A 61 -30.51 19.63 -14.07
CA GLY A 61 -30.53 18.39 -14.82
C GLY A 61 -29.33 17.45 -14.66
N ALA A 62 -28.80 17.35 -13.44
CA ALA A 62 -27.67 16.47 -13.17
C ALA A 62 -28.15 15.25 -12.39
N LEU A 63 -27.24 14.31 -12.13
CA LEU A 63 -27.57 13.10 -11.37
C LEU A 63 -26.72 13.04 -10.11
N VAL A 64 -27.19 12.33 -9.10
CA VAL A 64 -26.47 12.23 -7.82
C VAL A 64 -26.12 10.79 -7.45
N MET A 65 -24.82 10.53 -7.28
CA MET A 65 -24.31 9.21 -6.92
C MET A 65 -24.51 8.95 -5.42
N PRO A 66 -24.53 7.67 -5.01
CA PRO A 66 -24.69 7.34 -3.59
C PRO A 66 -23.58 8.05 -2.83
N GLY A 67 -23.90 8.66 -1.69
CA GLY A 67 -22.90 9.38 -0.93
C GLY A 67 -21.96 8.54 -0.09
N LEU A 68 -20.76 9.05 0.17
CA LEU A 68 -19.80 8.33 1.00
C LEU A 68 -20.23 8.59 2.44
N GLN A 69 -20.57 7.51 3.15
CA GLN A 69 -21.07 7.59 4.52
C GLN A 69 -20.01 7.81 5.60
N TYR A 70 -18.78 7.42 5.32
CA TYR A 70 -17.70 7.56 6.28
C TYR A 70 -16.59 8.45 5.73
N GLY A 71 -16.09 9.36 6.56
CA GLY A 71 -15.04 10.27 6.14
C GLY A 71 -13.78 10.19 6.98
N TYR A 72 -12.86 11.14 6.76
CA TYR A 72 -11.58 11.16 7.47
C TYR A 72 -11.73 11.52 8.96
N LYS A 73 -10.74 11.13 9.74
CA LYS A 73 -10.70 11.38 11.17
C LYS A 73 -11.05 12.81 11.56
N SER A 74 -12.00 12.94 12.48
CA SER A 74 -12.44 14.22 12.99
C SER A 74 -11.23 14.90 13.65
N GLN A 75 -11.03 16.19 13.39
CA GLN A 75 -9.92 16.94 14.00
C GLN A 75 -10.47 17.92 15.04
N GLN A 76 -9.80 18.01 16.18
CA GLN A 76 -10.24 18.87 17.28
C GLN A 76 -10.71 20.29 16.95
N LYS A 77 -9.89 21.05 16.23
CA LYS A 77 -10.25 22.43 15.92
C LYS A 77 -11.27 22.62 14.82
N SER A 78 -11.75 21.53 14.24
CA SER A 78 -12.75 21.62 13.19
C SER A 78 -13.99 20.77 13.48
N GLY A 79 -13.80 19.58 14.02
CA GLY A 79 -14.93 18.71 14.31
C GLY A 79 -15.00 18.19 15.74
N GLY A 80 -14.13 18.70 16.62
CA GLY A 80 -14.16 18.26 18.00
C GLY A 80 -13.12 17.22 18.38
N GLY A 81 -12.77 16.33 17.47
CA GLY A 81 -11.78 15.31 17.77
C GLY A 81 -12.27 13.89 17.58
N ASN A 82 -11.36 13.00 17.20
CA ASN A 82 -11.72 11.62 16.94
C ASN A 82 -11.79 10.73 18.19
N HIS A 83 -11.81 11.33 19.37
CA HIS A 83 -11.90 10.55 20.60
C HIS A 83 -13.36 10.33 21.02
N PHE A 84 -14.29 11.06 20.40
CA PHE A 84 -15.70 10.90 20.74
C PHE A 84 -16.28 9.57 20.25
N PRO A 85 -17.21 9.00 21.03
CA PRO A 85 -17.80 7.74 20.57
C PRO A 85 -18.75 8.11 19.43
N GLY A 86 -19.19 7.13 18.65
CA GLY A 86 -20.09 7.43 17.55
C GLY A 86 -19.35 7.77 16.27
N THR A 87 -18.47 8.77 16.33
CA THR A 87 -17.68 9.18 15.17
C THR A 87 -16.96 7.92 14.71
N THR A 88 -17.11 7.58 13.42
CA THR A 88 -16.51 6.38 12.85
C THR A 88 -15.74 6.83 11.62
N SER A 89 -14.42 6.90 11.73
CA SER A 89 -13.57 7.41 10.65
C SER A 89 -12.65 6.44 9.91
N LEU A 90 -12.37 6.82 8.66
CA LEU A 90 -11.49 6.04 7.79
C LEU A 90 -10.09 6.64 7.82
N ASP A 91 -9.10 5.82 7.47
CA ASP A 91 -7.72 6.29 7.37
C ASP A 91 -7.70 7.09 6.06
N GLY A 92 -6.69 7.96 5.91
CA GLY A 92 -6.58 8.75 4.70
C GLY A 92 -6.50 7.94 3.42
N ALA A 93 -5.72 6.85 3.44
CA ALA A 93 -5.56 6.02 2.26
C ALA A 93 -6.89 5.41 1.82
N THR A 94 -7.70 5.03 2.79
CA THR A 94 -9.01 4.42 2.49
C THR A 94 -9.94 5.39 1.76
N LEU A 95 -10.02 6.62 2.24
CA LEU A 95 -10.88 7.62 1.61
C LEU A 95 -10.36 7.99 0.23
N THR A 96 -9.07 8.25 0.13
CA THR A 96 -8.43 8.59 -1.15
C THR A 96 -8.72 7.51 -2.20
N GLY A 97 -8.58 6.25 -1.81
CA GLY A 97 -8.81 5.13 -2.71
C GLY A 97 -10.26 4.99 -3.15
N THR A 98 -11.19 5.32 -2.26
CA THR A 98 -12.61 5.24 -2.59
C THR A 98 -12.94 6.26 -3.68
N VAL A 99 -12.41 7.48 -3.51
CA VAL A 99 -12.63 8.56 -4.47
C VAL A 99 -11.99 8.21 -5.80
N GLN A 100 -10.77 7.69 -5.74
CA GLN A 100 -10.03 7.29 -6.93
C GLN A 100 -10.79 6.21 -7.72
N ASP A 101 -11.24 5.17 -7.02
CA ASP A 101 -11.98 4.07 -7.64
C ASP A 101 -13.26 4.53 -8.34
N ILE A 102 -14.03 5.38 -7.67
CA ILE A 102 -15.27 5.85 -8.23
C ILE A 102 -15.03 6.64 -9.51
N ILE A 103 -14.02 7.51 -9.50
CA ILE A 103 -13.70 8.30 -10.68
C ILE A 103 -13.29 7.39 -11.84
N ARG A 104 -12.49 6.37 -11.55
CA ARG A 104 -12.05 5.43 -12.58
C ARG A 104 -13.28 4.78 -13.23
N GLU A 105 -14.21 4.34 -12.40
CA GLU A 105 -15.43 3.69 -12.86
C GLU A 105 -16.37 4.60 -13.65
N LEU A 106 -16.50 5.85 -13.23
CA LEU A 106 -17.36 6.78 -13.94
C LEU A 106 -16.78 7.03 -15.33
N ALA A 107 -15.45 7.13 -15.41
CA ALA A 107 -14.79 7.34 -16.69
C ALA A 107 -15.02 6.13 -17.60
N ARG A 108 -15.13 4.95 -17.02
CA ARG A 108 -15.37 3.73 -17.80
C ARG A 108 -16.78 3.77 -18.40
N HIS A 109 -17.70 4.43 -17.71
CA HIS A 109 -19.08 4.55 -18.18
C HIS A 109 -19.16 5.53 -19.33
N GLY A 110 -18.16 6.40 -19.44
CA GLY A 110 -18.15 7.39 -20.49
C GLY A 110 -18.43 8.77 -19.90
N ALA A 111 -18.69 8.82 -18.60
CA ALA A 111 -18.96 10.09 -17.93
C ALA A 111 -17.67 10.90 -17.92
N ARG A 112 -17.79 12.23 -17.99
CA ARG A 112 -16.62 13.11 -18.00
C ARG A 112 -16.77 14.37 -17.15
N ARG A 113 -17.90 14.49 -16.46
CA ARG A 113 -18.16 15.67 -15.63
C ARG A 113 -18.56 15.29 -14.21
N LEU A 114 -17.76 15.68 -13.24
CA LEU A 114 -18.04 15.34 -11.85
C LEU A 114 -17.94 16.49 -10.85
N VAL A 115 -18.92 16.59 -9.97
CA VAL A 115 -18.88 17.59 -8.92
C VAL A 115 -18.80 16.82 -7.62
N LEU A 116 -17.77 17.09 -6.83
CA LEU A 116 -17.64 16.44 -5.53
C LEU A 116 -18.03 17.47 -4.50
N MET A 117 -19.08 17.19 -3.74
CA MET A 117 -19.52 18.13 -2.71
C MET A 117 -19.19 17.55 -1.35
N ASN A 118 -18.20 18.17 -0.73
CA ASN A 118 -17.73 17.74 0.57
C ASN A 118 -18.59 18.39 1.66
N GLY A 119 -18.92 17.60 2.69
CA GLY A 119 -19.72 18.12 3.78
C GLY A 119 -19.02 17.94 5.12
N HIS A 120 -17.78 17.44 5.07
CA HIS A 120 -16.94 17.19 6.26
C HIS A 120 -15.55 17.77 5.98
N TYR A 121 -15.26 18.93 6.56
CA TYR A 121 -14.01 19.63 6.36
C TYR A 121 -12.74 18.77 6.26
N GLU A 122 -12.56 17.88 7.22
CA GLU A 122 -11.38 17.00 7.25
C GLU A 122 -11.16 16.13 6.01
N ASN A 123 -12.19 15.94 5.20
CA ASN A 123 -12.08 15.12 3.98
C ASN A 123 -11.28 15.76 2.86
N SER A 124 -11.34 17.09 2.80
CA SER A 124 -10.72 17.89 1.74
C SER A 124 -9.47 17.40 1.03
N MET A 125 -8.35 17.31 1.74
CA MET A 125 -7.10 16.91 1.11
C MET A 125 -7.03 15.48 0.60
N PHE A 126 -7.79 14.58 1.21
CA PHE A 126 -7.79 13.19 0.75
C PHE A 126 -8.67 13.06 -0.49
N ILE A 127 -9.62 13.97 -0.64
CA ILE A 127 -10.49 13.99 -1.81
C ILE A 127 -9.59 14.49 -2.96
N VAL A 128 -8.80 15.52 -2.65
CA VAL A 128 -7.88 16.10 -3.62
C VAL A 128 -6.90 15.05 -4.13
N GLU A 129 -6.33 14.25 -3.22
CA GLU A 129 -5.38 13.21 -3.64
C GLU A 129 -6.06 12.10 -4.45
N GLY A 130 -7.29 11.76 -4.10
CA GLY A 130 -8.01 10.74 -4.85
C GLY A 130 -8.23 11.18 -6.29
N ILE A 131 -8.58 12.45 -6.45
CA ILE A 131 -8.80 13.04 -7.77
C ILE A 131 -7.53 13.02 -8.61
N ASP A 132 -6.43 13.49 -8.03
CA ASP A 132 -5.16 13.53 -8.74
C ASP A 132 -4.69 12.15 -9.18
N LEU A 133 -4.78 11.16 -8.29
CA LEU A 133 -4.35 9.81 -8.63
C LEU A 133 -5.23 9.22 -9.73
N ALA A 134 -6.52 9.53 -9.68
CA ALA A 134 -7.45 9.05 -10.69
C ALA A 134 -7.16 9.70 -12.05
N LEU A 135 -7.00 11.02 -12.06
CA LEU A 135 -6.71 11.74 -13.30
C LEU A 135 -5.36 11.31 -13.88
N ARG A 136 -4.40 11.02 -13.00
CA ARG A 136 -3.07 10.54 -13.43
C ARG A 136 -3.27 9.24 -14.21
N GLU A 137 -4.06 8.36 -13.63
CA GLU A 137 -4.36 7.06 -14.21
C GLU A 137 -5.08 7.22 -15.55
N LEU A 138 -6.06 8.12 -15.60
CA LEU A 138 -6.82 8.36 -16.82
C LEU A 138 -5.89 8.84 -17.94
N ARG A 139 -4.89 9.64 -17.57
CA ARG A 139 -3.94 10.14 -18.56
C ARG A 139 -3.14 8.98 -19.16
N TYR A 140 -2.78 8.00 -18.33
CA TYR A 140 -2.03 6.86 -18.83
C TYR A 140 -2.90 6.06 -19.78
N ALA A 141 -4.21 6.17 -19.61
CA ALA A 141 -5.14 5.45 -20.46
C ALA A 141 -5.58 6.25 -21.68
N GLY A 142 -5.00 7.44 -21.86
CA GLY A 142 -5.35 8.27 -23.00
C GLY A 142 -6.60 9.12 -22.81
N ILE A 143 -6.91 9.48 -21.57
CA ILE A 143 -8.10 10.28 -21.26
C ILE A 143 -7.72 11.56 -20.52
N GLN A 144 -7.92 12.70 -21.17
CA GLN A 144 -7.61 13.99 -20.56
C GLN A 144 -8.80 14.95 -20.57
N ASP A 145 -10.00 14.42 -20.84
CA ASP A 145 -11.19 15.28 -20.87
C ASP A 145 -12.15 15.06 -19.70
N PHE A 146 -11.71 14.38 -18.66
CA PHE A 146 -12.54 14.18 -17.48
C PHE A 146 -12.26 15.41 -16.60
N LYS A 147 -13.32 16.14 -16.25
CA LYS A 147 -13.18 17.34 -15.45
C LYS A 147 -13.92 17.21 -14.11
N VAL A 148 -13.27 17.70 -13.06
CA VAL A 148 -13.83 17.64 -11.71
C VAL A 148 -13.90 18.99 -11.02
N VAL A 149 -15.05 19.26 -10.40
CA VAL A 149 -15.26 20.48 -9.63
C VAL A 149 -15.43 20.03 -8.18
N VAL A 150 -14.60 20.54 -7.28
CA VAL A 150 -14.70 20.19 -5.87
C VAL A 150 -15.14 21.43 -5.10
N LEU A 151 -16.01 21.24 -4.13
CA LEU A 151 -16.49 22.36 -3.36
C LEU A 151 -17.16 21.92 -2.06
N SER A 152 -17.17 22.84 -1.09
CA SER A 152 -17.82 22.62 0.20
C SER A 152 -18.96 23.63 0.11
N TYR A 153 -20.18 23.14 0.18
CA TYR A 153 -21.36 23.98 0.03
C TYR A 153 -21.37 25.26 0.88
N ALA A 154 -20.83 25.20 2.09
CA ALA A 154 -20.80 26.37 2.97
C ALA A 154 -20.01 27.55 2.39
N ASP A 155 -19.06 27.28 1.51
CA ASP A 155 -18.25 28.34 0.92
C ASP A 155 -19.03 29.29 0.00
N PHE A 156 -20.25 28.93 -0.34
CA PHE A 156 -21.05 29.79 -1.21
C PHE A 156 -21.84 30.85 -0.46
N VAL A 157 -21.74 30.86 0.86
CA VAL A 157 -22.43 31.86 1.68
C VAL A 157 -21.38 32.93 1.98
N LYS A 158 -21.27 33.91 1.09
CA LYS A 158 -20.28 34.98 1.24
C LYS A 158 -20.86 36.37 1.41
N ASP A 159 -21.99 36.62 0.75
CA ASP A 159 -22.62 37.94 0.82
C ASP A 159 -22.74 38.47 2.24
N PRO A 160 -22.16 39.65 2.50
CA PRO A 160 -22.19 40.28 3.82
C PRO A 160 -23.62 40.45 4.34
N ALA A 161 -24.53 40.80 3.44
CA ALA A 161 -25.93 40.98 3.81
C ALA A 161 -26.53 39.67 4.31
N VAL A 162 -26.07 38.56 3.74
CA VAL A 162 -26.55 37.24 4.14
C VAL A 162 -25.98 36.88 5.50
N ILE A 163 -24.68 37.13 5.68
CA ILE A 163 -24.01 36.83 6.95
C ILE A 163 -24.62 37.61 8.11
N GLN A 164 -24.99 38.87 7.86
CA GLN A 164 -25.58 39.72 8.89
C GLN A 164 -26.94 39.19 9.36
N GLN A 165 -27.73 38.66 8.42
CA GLN A 165 -29.03 38.10 8.76
C GLN A 165 -28.86 36.82 9.57
N LEU A 166 -27.81 36.07 9.26
CA LEU A 166 -27.54 34.81 9.95
C LEU A 166 -26.92 35.04 11.33
N TYR A 167 -26.09 36.09 11.42
CA TYR A 167 -25.41 36.42 12.67
C TYR A 167 -25.58 37.92 12.96
N PRO A 168 -26.78 38.33 13.35
CA PRO A 168 -27.06 39.74 13.65
C PRO A 168 -26.22 40.31 14.78
N GLU A 169 -25.75 39.44 15.67
CA GLU A 169 -24.93 39.88 16.80
C GLU A 169 -23.46 39.96 16.41
N GLY A 170 -23.16 39.59 15.16
CA GLY A 170 -21.79 39.62 14.69
C GLY A 170 -21.28 38.23 14.40
N PHE A 171 -20.65 38.05 13.24
CA PHE A 171 -20.11 36.75 12.85
C PHE A 171 -18.74 36.55 13.49
N LEU A 172 -18.46 35.33 13.93
CA LEU A 172 -17.18 35.04 14.57
C LEU A 172 -16.31 34.05 13.80
N GLY A 173 -16.56 33.90 12.51
CA GLY A 173 -15.75 32.99 11.71
C GLY A 173 -16.32 31.59 11.55
N TRP A 174 -15.92 30.92 10.48
CA TRP A 174 -16.39 29.56 10.18
C TRP A 174 -15.66 28.48 10.97
N ASP A 175 -14.48 28.81 11.48
CA ASP A 175 -13.67 27.86 12.24
C ASP A 175 -14.35 27.20 13.43
N ILE A 176 -15.34 27.87 14.02
CA ILE A 176 -16.04 27.33 15.19
C ILE A 176 -17.45 26.84 14.92
N GLU A 177 -17.81 26.73 13.64
CA GLU A 177 -19.16 26.32 13.28
C GLU A 177 -19.62 24.87 13.49
N HIS A 178 -18.71 23.95 13.80
CA HIS A 178 -19.13 22.55 13.98
C HIS A 178 -20.31 22.41 14.96
N GLY A 179 -21.46 21.98 14.44
CA GLY A 179 -22.65 21.81 15.25
C GLY A 179 -23.22 23.13 15.73
N GLY A 180 -22.81 24.22 15.07
CA GLY A 180 -23.27 25.54 15.44
C GLY A 180 -24.49 26.02 14.69
N VAL A 181 -24.63 27.34 14.61
CA VAL A 181 -25.77 27.96 13.95
C VAL A 181 -25.99 27.51 12.51
N PHE A 182 -24.91 27.49 11.72
CA PHE A 182 -25.01 27.14 10.30
C PHE A 182 -25.60 25.76 9.99
N GLU A 183 -24.94 24.69 10.40
CA GLU A 183 -25.46 23.36 10.10
C GLU A 183 -26.77 23.10 10.80
N THR A 184 -26.91 23.59 12.02
CA THR A 184 -28.13 23.37 12.79
C THR A 184 -29.32 24.04 12.12
N SER A 185 -29.12 25.24 11.56
CA SER A 185 -30.21 25.94 10.89
C SER A 185 -30.64 25.14 9.66
N LEU A 186 -29.67 24.66 8.90
CA LEU A 186 -29.94 23.86 7.70
C LEU A 186 -30.70 22.59 8.06
N MET A 187 -30.29 21.94 9.15
CA MET A 187 -30.94 20.72 9.61
C MET A 187 -32.38 21.01 10.04
N LEU A 188 -32.59 22.17 10.67
CA LEU A 188 -33.93 22.54 11.11
C LEU A 188 -34.88 22.69 9.93
N ALA A 189 -34.34 23.08 8.78
CA ALA A 189 -35.15 23.27 7.58
C ALA A 189 -35.31 21.99 6.76
N LEU A 190 -34.33 21.10 6.84
CA LEU A 190 -34.36 19.88 6.06
C LEU A 190 -34.78 18.61 6.80
N TYR A 191 -34.30 18.46 8.03
CA TYR A 191 -34.60 17.27 8.83
C TYR A 191 -34.90 17.64 10.27
N PRO A 192 -35.97 18.43 10.50
CA PRO A 192 -36.34 18.87 11.84
C PRO A 192 -36.53 17.73 12.84
N ASP A 193 -36.86 16.55 12.32
CA ASP A 193 -37.08 15.37 13.14
C ASP A 193 -35.77 14.84 13.73
N LEU A 194 -34.65 15.24 13.13
CA LEU A 194 -33.34 14.79 13.58
C LEU A 194 -32.57 15.84 14.37
N VAL A 195 -33.26 16.90 14.77
CA VAL A 195 -32.65 17.98 15.54
C VAL A 195 -33.53 18.33 16.75
N ASP A 196 -32.92 18.38 17.93
CA ASP A 196 -33.63 18.74 19.17
C ASP A 196 -32.95 19.98 19.75
N LEU A 197 -33.34 21.15 19.30
CA LEU A 197 -32.72 22.40 19.75
C LEU A 197 -32.77 22.64 21.26
N ASP A 198 -33.74 22.02 21.94
CA ASP A 198 -33.87 22.15 23.38
C ASP A 198 -32.68 21.50 24.10
N ARG A 199 -31.93 20.67 23.37
CA ARG A 199 -30.78 19.99 23.97
C ARG A 199 -29.47 20.76 23.77
N VAL A 200 -29.54 21.92 23.12
CA VAL A 200 -28.34 22.71 22.87
C VAL A 200 -27.70 23.22 24.17
N VAL A 201 -26.37 23.09 24.25
CA VAL A 201 -25.61 23.57 25.40
C VAL A 201 -25.02 24.90 24.94
N ASP A 202 -25.54 25.99 25.50
CA ASP A 202 -25.13 27.34 25.13
C ASP A 202 -23.80 27.82 25.72
N HIS A 203 -22.72 27.14 25.35
CA HIS A 203 -21.38 27.48 25.82
C HIS A 203 -20.71 28.54 24.95
N PRO A 204 -19.70 29.24 25.50
CA PRO A 204 -18.99 30.28 24.75
C PRO A 204 -18.24 29.65 23.58
N PRO A 205 -17.97 30.44 22.52
CA PRO A 205 -17.26 29.92 21.34
C PRO A 205 -15.89 29.32 21.71
N ALA A 206 -15.61 28.13 21.20
CA ALA A 206 -14.35 27.48 21.46
C ALA A 206 -13.20 28.33 20.93
N THR A 207 -12.14 28.43 21.71
CA THR A 207 -10.96 29.20 21.30
C THR A 207 -9.74 28.30 21.43
N PHE A 208 -8.81 28.42 20.50
CA PHE A 208 -7.61 27.59 20.53
C PHE A 208 -6.35 28.39 20.29
N PRO A 209 -5.21 27.88 20.78
CA PRO A 209 -3.94 28.56 20.57
C PRO A 209 -3.56 28.28 19.10
N PRO A 210 -2.57 28.99 18.55
CA PRO A 210 -2.18 28.76 17.15
C PRO A 210 -1.38 27.50 16.86
N TYR A 211 -1.79 26.39 17.46
CA TYR A 211 -1.11 25.11 17.24
C TYR A 211 -2.04 23.95 17.58
N ASP A 212 -1.63 22.74 17.23
CA ASP A 212 -2.43 21.56 17.48
C ASP A 212 -1.65 20.53 18.29
N VAL A 213 -2.35 19.76 19.11
CA VAL A 213 -1.70 18.75 19.95
C VAL A 213 -2.24 17.34 19.76
N PHE A 214 -1.31 16.38 19.71
CA PHE A 214 -1.64 14.95 19.56
C PHE A 214 -0.79 14.18 20.58
N PRO A 215 -1.38 13.16 21.22
CA PRO A 215 -2.75 12.63 21.10
C PRO A 215 -3.76 13.74 21.41
N VAL A 216 -4.92 13.71 20.77
CA VAL A 216 -5.91 14.75 21.01
C VAL A 216 -6.29 14.79 22.49
N ASP A 217 -6.31 16.01 23.04
CA ASP A 217 -6.62 16.24 24.45
C ASP A 217 -8.10 16.60 24.60
N PRO A 218 -8.90 15.65 25.11
CA PRO A 218 -10.34 15.82 25.31
C PRO A 218 -10.74 17.11 26.05
N ALA A 219 -9.87 17.59 26.93
CA ALA A 219 -10.16 18.79 27.71
C ALA A 219 -10.19 20.07 26.88
N ARG A 220 -9.64 20.05 25.68
CA ARG A 220 -9.61 21.24 24.85
C ARG A 220 -10.83 21.40 23.95
N THR A 221 -11.76 20.47 24.02
CA THR A 221 -12.99 20.55 23.23
C THR A 221 -14.18 20.70 24.18
N PRO A 222 -15.10 21.65 23.91
CA PRO A 222 -16.26 21.79 24.79
C PRO A 222 -16.90 20.42 24.99
N ALA A 223 -17.29 20.10 26.22
CA ALA A 223 -17.89 18.80 26.54
C ALA A 223 -18.99 18.31 25.59
N PRO A 224 -19.88 19.20 25.15
CA PRO A 224 -20.95 18.76 24.24
C PRO A 224 -20.44 18.27 22.87
N GLY A 225 -19.25 18.73 22.48
CA GLY A 225 -18.69 18.32 21.20
C GLY A 225 -18.79 19.41 20.14
N THR A 226 -19.67 20.39 20.40
CA THR A 226 -19.88 21.51 19.51
C THR A 226 -18.77 22.54 19.74
N LEU A 227 -18.44 23.30 18.70
CA LEU A 227 -17.42 24.33 18.83
C LEU A 227 -18.04 25.71 19.06
N SER A 228 -19.37 25.79 18.91
CA SER A 228 -20.11 27.03 19.15
C SER A 228 -21.59 26.69 19.38
N SER A 229 -22.29 27.57 20.08
CA SER A 229 -23.71 27.36 20.38
C SER A 229 -24.64 27.61 19.20
N ALA A 230 -25.58 26.68 19.00
CA ALA A 230 -26.56 26.77 17.92
C ALA A 230 -27.90 27.30 18.47
N LYS A 231 -27.84 27.90 19.65
CA LYS A 231 -29.01 28.45 20.32
C LYS A 231 -29.84 29.37 19.41
N THR A 232 -29.16 30.20 18.60
CA THR A 232 -29.86 31.11 17.70
C THR A 232 -30.15 30.52 16.33
N ALA A 233 -30.00 29.20 16.19
CA ALA A 233 -30.28 28.55 14.90
C ALA A 233 -31.80 28.55 14.66
N SER A 234 -32.21 28.52 13.40
CA SER A 234 -33.63 28.51 13.08
C SER A 234 -33.89 28.01 11.68
N ARG A 235 -35.11 27.52 11.45
CA ARG A 235 -35.53 27.02 10.16
C ARG A 235 -35.41 28.11 9.10
N GLU A 236 -35.76 29.34 9.46
CA GLU A 236 -35.69 30.44 8.51
C GLU A 236 -34.26 30.73 8.05
N LYS A 237 -33.32 30.65 8.98
CA LYS A 237 -31.92 30.87 8.64
C LYS A 237 -31.49 29.73 7.72
N GLY A 238 -31.99 28.54 8.00
CA GLY A 238 -31.67 27.38 7.17
C GLY A 238 -32.20 27.52 5.76
N GLU A 239 -33.43 28.04 5.63
CA GLU A 239 -34.03 28.22 4.32
C GLU A 239 -33.22 29.24 3.51
N LEU A 240 -32.70 30.25 4.19
CA LEU A 240 -31.89 31.26 3.52
C LEU A 240 -30.59 30.63 3.02
N ILE A 241 -29.92 29.89 3.90
CA ILE A 241 -28.66 29.24 3.56
C ILE A 241 -28.84 28.30 2.36
N LEU A 242 -29.90 27.49 2.41
CA LEU A 242 -30.18 26.54 1.34
C LEU A 242 -30.35 27.24 -0.01
N GLU A 243 -31.19 28.27 -0.07
CA GLU A 243 -31.40 28.95 -1.34
C GLU A 243 -30.12 29.58 -1.86
N VAL A 244 -29.31 30.15 -0.96
CA VAL A 244 -28.06 30.78 -1.37
C VAL A 244 -27.08 29.72 -1.91
N CYS A 245 -26.95 28.61 -1.19
CA CYS A 245 -26.06 27.53 -1.62
C CYS A 245 -26.51 26.89 -2.93
N VAL A 246 -27.79 26.55 -3.01
CA VAL A 246 -28.34 25.92 -4.22
C VAL A 246 -28.17 26.80 -5.45
N GLN A 247 -28.50 28.08 -5.32
CA GLN A 247 -28.39 29.01 -6.44
C GLN A 247 -26.94 29.25 -6.82
N GLY A 248 -26.07 29.44 -5.83
CA GLY A 248 -24.67 29.68 -6.09
C GLY A 248 -23.97 28.50 -6.74
N ILE A 249 -24.27 27.30 -6.26
CA ILE A 249 -23.66 26.08 -6.79
C ILE A 249 -24.24 25.73 -8.17
N ALA A 250 -25.53 25.95 -8.36
CA ALA A 250 -26.16 25.66 -9.64
C ALA A 250 -25.55 26.55 -10.73
N ASP A 251 -25.32 27.80 -10.38
CA ASP A 251 -24.73 28.74 -11.34
C ASP A 251 -23.29 28.36 -11.63
N ALA A 252 -22.55 27.95 -10.60
CA ALA A 252 -21.16 27.55 -10.78
C ALA A 252 -21.06 26.37 -11.73
N ILE A 253 -22.00 25.42 -11.63
CA ILE A 253 -21.98 24.26 -12.51
C ILE A 253 -22.31 24.63 -13.95
N ARG A 254 -23.30 25.51 -14.15
CA ARG A 254 -23.67 25.94 -15.50
C ARG A 254 -22.44 26.55 -16.14
N GLU A 255 -21.67 27.28 -15.34
CA GLU A 255 -20.46 27.95 -15.80
C GLU A 255 -19.37 26.95 -16.21
N GLU A 256 -19.04 26.02 -15.32
CA GLU A 256 -17.99 25.04 -15.59
C GLU A 256 -18.39 23.88 -16.49
N PHE A 257 -19.67 23.51 -16.46
CA PHE A 257 -20.16 22.41 -17.28
C PHE A 257 -21.32 22.85 -18.16
N PRO A 258 -21.06 23.76 -19.11
CA PRO A 258 -22.12 24.22 -19.99
C PRO A 258 -22.62 23.14 -20.93
N PRO A 259 -23.89 23.23 -21.37
CA PRO A 259 -24.46 22.23 -22.28
C PRO A 259 -23.74 22.28 -23.61
N SER B 4 25.90 23.04 18.68
CA SER B 4 24.84 23.17 17.64
C SER B 4 23.49 22.65 18.12
N VAL B 5 22.42 23.25 17.61
CA VAL B 5 21.07 22.81 17.97
C VAL B 5 20.57 21.83 16.89
N PHE B 6 21.37 21.64 15.84
CA PHE B 6 20.99 20.72 14.76
C PHE B 6 21.46 19.30 15.02
N VAL B 7 20.50 18.39 15.17
CA VAL B 7 20.78 16.98 15.43
C VAL B 7 21.81 16.42 14.45
N GLY B 8 21.70 16.83 13.19
CA GLY B 8 22.63 16.35 12.19
C GLY B 8 24.08 16.70 12.43
N GLU B 9 24.32 17.80 13.15
CA GLU B 9 25.69 18.23 13.42
C GLU B 9 26.25 17.64 14.72
N LEU B 10 25.48 16.79 15.38
CA LEU B 10 25.92 16.15 16.62
C LEU B 10 26.36 14.72 16.39
N THR B 11 27.19 14.19 17.30
CA THR B 11 27.62 12.79 17.20
C THR B 11 26.46 12.03 17.84
N TRP B 12 26.43 10.71 17.69
CA TRP B 12 25.33 9.96 18.29
C TRP B 12 25.47 9.94 19.81
N LYS B 13 26.70 10.08 20.32
CA LYS B 13 26.91 10.08 21.75
C LYS B 13 26.33 11.35 22.37
N GLU B 14 26.52 12.47 21.68
CA GLU B 14 26.00 13.75 22.14
C GLU B 14 24.48 13.74 22.13
N TYR B 15 23.91 13.17 21.07
CA TYR B 15 22.45 13.07 20.94
C TYR B 15 21.90 12.17 22.03
N GLU B 16 22.57 11.03 22.23
CA GLU B 16 22.15 10.06 23.25
C GLU B 16 22.08 10.72 24.62
N ALA B 17 23.06 11.57 24.91
CA ALA B 17 23.14 12.27 26.19
C ALA B 17 22.00 13.27 26.37
N ARG B 18 21.68 13.99 25.31
CA ARG B 18 20.60 14.98 25.37
C ARG B 18 19.25 14.29 25.61
N VAL B 19 19.03 13.15 24.96
CA VAL B 19 17.79 12.40 25.15
C VAL B 19 17.78 11.75 26.53
N ALA B 20 18.94 11.28 26.96
CA ALA B 20 19.07 10.64 28.27
C ALA B 20 18.64 11.58 29.39
N ALA B 21 18.77 12.88 29.14
CA ALA B 21 18.39 13.90 30.12
C ALA B 21 16.90 13.81 30.44
N GLY B 22 16.15 13.14 29.57
CA GLY B 22 14.72 12.96 29.77
C GLY B 22 13.78 14.11 29.49
N ASP B 23 14.32 15.28 29.17
CA ASP B 23 13.51 16.47 28.90
C ASP B 23 13.71 17.01 27.49
N CYS B 24 14.38 16.23 26.64
CA CYS B 24 14.70 16.64 25.29
C CYS B 24 13.53 16.91 24.34
N VAL B 25 13.53 18.09 23.74
CA VAL B 25 12.49 18.47 22.78
C VAL B 25 13.08 18.49 21.37
N LEU B 26 12.45 17.78 20.45
CA LEU B 26 12.91 17.74 19.07
C LEU B 26 11.99 18.52 18.14
N MET B 27 12.58 19.17 17.15
CA MET B 27 11.83 19.97 16.20
C MET B 27 12.08 19.51 14.76
N LEU B 28 11.00 19.32 14.01
CA LEU B 28 11.11 18.87 12.63
C LEU B 28 10.50 19.82 11.62
N PRO B 29 11.34 20.48 10.82
CA PRO B 29 10.84 21.42 9.80
C PRO B 29 10.32 20.58 8.63
N VAL B 30 9.14 20.91 8.11
CA VAL B 30 8.56 20.18 6.97
C VAL B 30 8.31 21.22 5.88
N GLY B 31 9.08 21.16 4.80
CA GLY B 31 8.91 22.15 3.75
C GLY B 31 8.47 21.64 2.38
N ALA B 32 9.07 22.19 1.34
CA ALA B 32 8.74 21.83 -0.02
C ALA B 32 9.66 22.55 -1.00
N LEU B 33 9.76 22.00 -2.21
CA LEU B 33 10.54 22.61 -3.29
C LEU B 33 9.38 23.08 -4.17
N GLU B 34 9.12 24.37 -4.13
CA GLU B 34 7.98 24.94 -4.84
C GLU B 34 8.26 26.33 -5.38
N GLN B 35 7.72 26.62 -6.56
CA GLN B 35 7.93 27.93 -7.17
C GLN B 35 7.40 29.02 -6.24
N HIS B 36 8.15 30.11 -6.13
CA HIS B 36 7.74 31.24 -5.31
C HIS B 36 7.88 32.55 -6.08
N GLY B 37 7.40 32.55 -7.32
CA GLY B 37 7.46 33.76 -8.12
C GLY B 37 8.76 33.99 -8.87
N HIS B 38 8.80 35.10 -9.59
CA HIS B 38 9.97 35.48 -10.38
C HIS B 38 11.08 36.06 -9.52
N HIS B 39 10.73 36.45 -8.30
CA HIS B 39 11.67 37.11 -7.40
C HIS B 39 12.24 36.36 -6.21
N MET B 40 11.95 35.07 -6.07
CA MET B 40 12.44 34.33 -4.90
C MET B 40 12.79 32.89 -5.24
N CYS B 41 13.75 32.30 -4.51
CA CYS B 41 14.15 30.92 -4.76
C CYS B 41 13.02 29.93 -4.49
N MET B 42 13.23 28.66 -4.81
CA MET B 42 12.17 27.66 -4.62
C MET B 42 12.21 26.88 -3.32
N ASN B 43 13.24 27.07 -2.50
CA ASN B 43 13.30 26.33 -1.24
C ASN B 43 12.82 27.15 -0.05
N VAL B 44 12.11 28.24 -0.32
CA VAL B 44 11.57 29.10 0.75
C VAL B 44 10.87 28.33 1.88
N ASP B 45 9.99 27.39 1.52
CA ASP B 45 9.26 26.61 2.52
C ASP B 45 10.10 25.73 3.44
N VAL B 46 11.35 25.52 3.08
CA VAL B 46 12.27 24.76 3.92
C VAL B 46 13.09 25.75 4.75
N LEU B 47 13.61 26.77 4.06
CA LEU B 47 14.43 27.80 4.69
C LEU B 47 13.77 28.54 5.86
N LEU B 48 12.54 28.98 5.67
CA LEU B 48 11.85 29.73 6.72
C LEU B 48 11.56 28.94 8.00
N PRO B 49 10.87 27.78 7.90
CA PRO B 49 10.61 27.04 9.14
C PRO B 49 11.89 26.56 9.82
N THR B 50 12.93 26.29 9.02
CA THR B 50 14.20 25.84 9.60
C THR B 50 14.87 26.98 10.38
N ALA B 51 14.84 28.19 9.82
CA ALA B 51 15.45 29.34 10.47
C ALA B 51 14.71 29.68 11.76
N VAL B 52 13.39 29.55 11.72
CA VAL B 52 12.57 29.82 12.90
C VAL B 52 12.84 28.76 13.97
N CYS B 53 12.93 27.49 13.55
CA CYS B 53 13.23 26.38 14.47
C CYS B 53 14.58 26.61 15.15
N LYS B 54 15.57 27.02 14.36
CA LYS B 54 16.92 27.25 14.88
C LYS B 54 16.88 28.21 16.07
N ARG B 55 16.31 29.38 15.83
CA ARG B 55 16.22 30.42 16.85
C ARG B 55 15.40 29.98 18.07
N VAL B 56 14.27 29.31 17.85
CA VAL B 56 13.47 28.85 18.97
C VAL B 56 14.22 27.80 19.78
N ALA B 57 14.87 26.86 19.10
CA ALA B 57 15.62 25.82 19.78
C ALA B 57 16.73 26.42 20.65
N GLU B 58 17.35 27.50 20.18
CA GLU B 58 18.43 28.15 20.92
C GLU B 58 17.88 28.78 22.21
N ARG B 59 16.65 29.25 22.16
CA ARG B 59 16.02 29.88 23.32
C ARG B 59 15.54 28.89 24.37
N ILE B 60 14.98 27.77 23.92
CA ILE B 60 14.43 26.78 24.84
C ILE B 60 15.27 25.53 25.05
N GLY B 61 16.44 25.48 24.45
CA GLY B 61 17.31 24.32 24.61
C GLY B 61 16.81 23.06 23.90
N ALA B 62 16.26 23.23 22.70
CA ALA B 62 15.76 22.08 21.93
C ALA B 62 16.70 21.76 20.77
N LEU B 63 16.45 20.65 20.09
CA LEU B 63 17.27 20.23 18.96
C LEU B 63 16.42 20.21 17.69
N VAL B 64 17.05 20.43 16.54
CA VAL B 64 16.34 20.46 15.26
C VAL B 64 16.78 19.33 14.35
N MET B 65 15.81 18.56 13.87
CA MET B 65 16.06 17.44 12.97
C MET B 65 16.23 17.93 11.54
N PRO B 66 16.85 17.11 10.67
CA PRO B 66 17.01 17.54 9.28
C PRO B 66 15.61 17.77 8.72
N GLY B 67 15.40 18.90 8.05
CA GLY B 67 14.08 19.18 7.52
C GLY B 67 13.70 18.38 6.29
N LEU B 68 12.40 18.16 6.09
CA LEU B 68 11.91 17.44 4.92
C LEU B 68 11.94 18.43 3.75
N GLN B 69 12.71 18.10 2.73
CA GLN B 69 12.90 18.96 1.57
C GLN B 69 11.77 18.97 0.55
N TYR B 70 10.97 17.90 0.51
CA TYR B 70 9.87 17.80 -0.43
C TYR B 70 8.54 17.60 0.28
N GLY B 71 7.53 18.36 -0.15
CA GLY B 71 6.21 18.27 0.45
C GLY B 71 5.12 17.85 -0.51
N TYR B 72 3.87 17.98 -0.08
CA TYR B 72 2.74 17.58 -0.91
C TYR B 72 2.51 18.55 -2.08
N LYS B 73 1.82 18.03 -3.10
CA LYS B 73 1.49 18.78 -4.31
C LYS B 73 0.92 20.17 -4.06
N SER B 74 1.49 21.15 -4.76
CA SER B 74 1.04 22.53 -4.65
C SER B 74 -0.40 22.61 -5.16
N GLN B 75 -1.25 23.32 -4.43
CA GLN B 75 -2.65 23.48 -4.84
C GLN B 75 -2.82 24.92 -5.30
N GLN B 76 -3.58 25.09 -6.39
CA GLN B 76 -3.80 26.40 -6.99
C GLN B 76 -4.13 27.55 -6.05
N LYS B 77 -5.13 27.37 -5.19
CA LYS B 77 -5.53 28.44 -4.28
C LYS B 77 -4.57 28.77 -3.15
N SER B 78 -3.56 27.95 -2.95
CA SER B 78 -2.61 28.20 -1.87
C SER B 78 -1.17 28.38 -2.33
N GLY B 79 -0.74 27.57 -3.30
CA GLY B 79 0.62 27.68 -3.80
C GLY B 79 0.75 27.93 -5.29
N GLY B 80 -0.37 28.16 -5.97
CA GLY B 80 -0.31 28.42 -7.41
C GLY B 80 -0.64 27.24 -8.30
N GLY B 81 -0.36 26.02 -7.83
CA GLY B 81 -0.66 24.85 -8.63
C GLY B 81 0.53 23.98 -8.96
N ASN B 82 0.31 22.67 -9.08
CA ASN B 82 1.40 21.76 -9.35
C ASN B 82 1.79 21.64 -10.83
N HIS B 83 1.37 22.58 -11.65
CA HIS B 83 1.71 22.54 -13.07
C HIS B 83 2.99 23.33 -13.34
N PHE B 84 3.44 24.13 -12.38
CA PHE B 84 4.66 24.92 -12.57
C PHE B 84 5.91 24.05 -12.57
N PRO B 85 6.92 24.42 -13.38
CA PRO B 85 8.14 23.62 -13.38
C PRO B 85 8.89 23.98 -12.09
N GLY B 86 9.87 23.18 -11.72
CA GLY B 86 10.60 23.48 -10.49
C GLY B 86 9.94 22.84 -9.29
N THR B 87 8.66 23.10 -9.08
CA THR B 87 7.91 22.53 -7.96
C THR B 87 8.04 21.01 -8.10
N THR B 88 8.50 20.33 -7.06
CA THR B 88 8.70 18.88 -7.08
C THR B 88 7.97 18.33 -5.86
N SER B 89 6.81 17.74 -6.12
CA SER B 89 5.94 17.25 -5.05
C SER B 89 5.83 15.74 -4.85
N LEU B 90 5.55 15.35 -3.62
CA LEU B 90 5.38 13.94 -3.26
C LEU B 90 3.90 13.60 -3.24
N ASP B 91 3.61 12.31 -3.36
CA ASP B 91 2.23 11.84 -3.26
C ASP B 91 1.94 11.87 -1.77
N GLY B 92 0.67 11.91 -1.41
CA GLY B 92 0.28 11.97 -0.01
C GLY B 92 0.78 10.80 0.84
N ALA B 93 0.66 9.58 0.32
CA ALA B 93 1.10 8.42 1.07
C ALA B 93 2.60 8.49 1.37
N THR B 94 3.38 9.09 0.46
CA THR B 94 4.82 9.23 0.64
C THR B 94 5.16 10.15 1.81
N LEU B 95 4.55 11.33 1.83
CA LEU B 95 4.79 12.29 2.89
C LEU B 95 4.28 11.74 4.22
N THR B 96 3.09 11.16 4.20
CA THR B 96 2.50 10.57 5.40
C THR B 96 3.46 9.53 5.97
N GLY B 97 3.96 8.66 5.10
CA GLY B 97 4.89 7.62 5.50
C GLY B 97 6.19 8.13 6.09
N THR B 98 6.71 9.23 5.54
CA THR B 98 7.96 9.81 6.02
C THR B 98 7.84 10.31 7.45
N VAL B 99 6.72 10.98 7.73
CA VAL B 99 6.46 11.53 9.06
C VAL B 99 6.28 10.38 10.05
N GLN B 100 5.52 9.38 9.64
CA GLN B 100 5.27 8.21 10.47
C GLN B 100 6.57 7.48 10.82
N ASP B 101 7.43 7.26 9.82
CA ASP B 101 8.70 6.56 10.06
C ASP B 101 9.60 7.32 11.05
N ILE B 102 9.71 8.63 10.88
CA ILE B 102 10.55 9.43 11.76
C ILE B 102 10.06 9.36 13.21
N ILE B 103 8.75 9.47 13.41
CA ILE B 103 8.21 9.39 14.76
C ILE B 103 8.51 8.03 15.40
N ARG B 104 8.35 6.97 14.61
CA ARG B 104 8.63 5.62 15.08
C ARG B 104 10.08 5.55 15.56
N GLU B 105 10.99 6.12 14.77
CA GLU B 105 12.42 6.11 15.12
C GLU B 105 12.73 6.96 16.34
N LEU B 106 12.12 8.14 16.45
CA LEU B 106 12.37 9.00 17.61
C LEU B 106 11.91 8.31 18.90
N ALA B 107 10.79 7.60 18.84
CA ALA B 107 10.27 6.88 19.99
C ALA B 107 11.25 5.76 20.36
N ARG B 108 11.86 5.16 19.34
CA ARG B 108 12.83 4.09 19.57
C ARG B 108 14.03 4.64 20.34
N HIS B 109 14.44 5.87 20.01
CA HIS B 109 15.56 6.53 20.67
C HIS B 109 15.26 6.83 22.14
N GLY B 110 13.97 6.95 22.46
CA GLY B 110 13.57 7.28 23.81
C GLY B 110 13.03 8.70 23.86
N ALA B 111 12.98 9.36 22.70
CA ALA B 111 12.46 10.73 22.64
C ALA B 111 10.95 10.66 22.80
N ARG B 112 10.35 11.70 23.35
CA ARG B 112 8.92 11.73 23.58
C ARG B 112 8.25 13.06 23.32
N ARG B 113 9.03 14.07 22.93
CA ARG B 113 8.49 15.40 22.68
C ARG B 113 8.89 15.90 21.31
N LEU B 114 7.91 16.12 20.45
CA LEU B 114 8.21 16.58 19.09
C LEU B 114 7.36 17.75 18.62
N VAL B 115 8.03 18.70 17.99
CA VAL B 115 7.33 19.85 17.42
C VAL B 115 7.55 19.76 15.91
N LEU B 116 6.45 19.69 15.16
CA LEU B 116 6.55 19.66 13.71
C LEU B 116 6.19 21.05 13.21
N MET B 117 7.15 21.72 12.60
CA MET B 117 6.90 23.05 12.08
C MET B 117 6.74 23.00 10.58
N ASN B 118 5.50 23.18 10.13
CA ASN B 118 5.19 23.15 8.72
C ASN B 118 5.40 24.52 8.08
N GLY B 119 5.95 24.51 6.87
CA GLY B 119 6.18 25.76 6.16
C GLY B 119 5.51 25.75 4.79
N HIS B 120 4.78 24.68 4.50
CA HIS B 120 4.08 24.48 3.24
C HIS B 120 2.64 24.06 3.58
N TYR B 121 1.70 24.97 3.39
CA TYR B 121 0.29 24.74 3.71
C TYR B 121 -0.29 23.39 3.31
N GLU B 122 -0.05 22.97 2.07
CA GLU B 122 -0.57 21.70 1.55
C GLU B 122 -0.10 20.44 2.29
N ASN B 123 0.93 20.56 3.13
CA ASN B 123 1.45 19.43 3.89
C ASN B 123 0.58 19.01 5.06
N SER B 124 -0.11 19.98 5.66
CA SER B 124 -0.94 19.80 6.85
C SER B 124 -1.60 18.47 7.17
N MET B 125 -2.58 18.06 6.36
CA MET B 125 -3.31 16.81 6.63
C MET B 125 -2.53 15.51 6.49
N PHE B 126 -1.47 15.52 5.68
CA PHE B 126 -0.68 14.31 5.52
C PHE B 126 0.26 14.21 6.71
N ILE B 127 0.60 15.36 7.28
CA ILE B 127 1.45 15.41 8.46
C ILE B 127 0.57 14.85 9.58
N VAL B 128 -0.69 15.27 9.59
CA VAL B 128 -1.65 14.82 10.61
C VAL B 128 -1.85 13.30 10.54
N GLU B 129 -1.98 12.74 9.34
CA GLU B 129 -2.17 11.30 9.20
C GLU B 129 -0.91 10.55 9.62
N GLY B 130 0.25 11.11 9.30
CA GLY B 130 1.50 10.48 9.66
C GLY B 130 1.61 10.35 11.19
N ILE B 131 1.23 11.42 11.88
CA ILE B 131 1.24 11.45 13.34
C ILE B 131 0.28 10.41 13.90
N ASP B 132 -0.94 10.38 13.37
CA ASP B 132 -1.93 9.43 13.86
C ASP B 132 -1.50 7.98 13.68
N LEU B 133 -0.99 7.65 12.49
CA LEU B 133 -0.54 6.28 12.22
C LEU B 133 0.61 5.89 13.14
N ALA B 134 1.52 6.83 13.39
CA ALA B 134 2.65 6.58 14.27
C ALA B 134 2.19 6.34 15.71
N LEU B 135 1.32 7.21 16.21
CA LEU B 135 0.83 7.09 17.58
C LEU B 135 0.03 5.80 17.76
N ARG B 136 -0.60 5.33 16.69
CA ARG B 136 -1.37 4.10 16.72
C ARG B 136 -0.43 2.93 16.99
N GLU B 137 0.70 2.91 16.27
CA GLU B 137 1.71 1.87 16.43
C GLU B 137 2.34 1.89 17.81
N LEU B 138 2.63 3.09 18.31
CA LEU B 138 3.25 3.24 19.62
C LEU B 138 2.36 2.65 20.70
N ARG B 139 1.05 2.80 20.53
CA ARG B 139 0.11 2.25 21.50
C ARG B 139 0.17 0.73 21.47
N TYR B 140 0.27 0.16 20.27
CA TYR B 140 0.36 -1.30 20.13
C TYR B 140 1.64 -1.77 20.81
N ALA B 141 2.63 -0.89 20.86
CA ALA B 141 3.91 -1.20 21.48
C ALA B 141 3.97 -0.77 22.94
N GLY B 142 2.82 -0.40 23.50
CA GLY B 142 2.76 0.01 24.90
C GLY B 142 3.22 1.41 25.24
N ILE B 143 3.34 2.28 24.24
CA ILE B 143 3.80 3.65 24.47
C ILE B 143 2.69 4.67 24.26
N GLN B 144 2.36 5.42 25.31
CA GLN B 144 1.32 6.43 25.20
C GLN B 144 1.73 7.78 25.74
N ASP B 145 3.03 7.98 25.94
CA ASP B 145 3.50 9.25 26.46
C ASP B 145 4.27 10.10 25.43
N PHE B 146 4.14 9.75 24.16
CA PHE B 146 4.81 10.51 23.10
C PHE B 146 3.83 11.62 22.72
N LYS B 147 4.27 12.86 22.84
CA LYS B 147 3.42 14.02 22.54
C LYS B 147 3.95 14.84 21.37
N VAL B 148 3.04 15.24 20.49
CA VAL B 148 3.40 16.03 19.32
C VAL B 148 2.62 17.34 19.22
N VAL B 149 3.35 18.42 18.94
CA VAL B 149 2.76 19.74 18.76
C VAL B 149 3.00 20.08 17.29
N VAL B 150 1.92 20.37 16.57
CA VAL B 150 2.04 20.71 15.16
C VAL B 150 1.66 22.17 14.97
N LEU B 151 2.43 22.90 14.17
CA LEU B 151 2.14 24.29 13.94
C LEU B 151 2.75 24.86 12.68
N SER B 152 2.11 25.92 12.17
CA SER B 152 2.59 26.64 11.00
C SER B 152 3.02 27.95 11.63
N TYR B 153 4.30 28.29 11.47
CA TYR B 153 4.85 29.49 12.08
C TYR B 153 4.06 30.78 11.83
N ALA B 154 3.51 30.94 10.63
CA ALA B 154 2.76 32.15 10.31
C ALA B 154 1.55 32.36 11.23
N ASP B 155 0.95 31.28 11.69
CA ASP B 155 -0.23 31.39 12.56
C ASP B 155 0.02 32.17 13.85
N PHE B 156 1.27 32.45 14.17
CA PHE B 156 1.58 33.20 15.38
C PHE B 156 1.62 34.70 15.17
N VAL B 157 1.29 35.14 13.95
CA VAL B 157 1.26 36.56 13.62
C VAL B 157 -0.20 36.99 13.47
N LYS B 158 -0.87 37.19 14.61
CA LYS B 158 -2.27 37.58 14.59
C LYS B 158 -2.53 38.93 15.25
N ASP B 159 -1.58 39.40 16.05
CA ASP B 159 -1.71 40.68 16.74
C ASP B 159 -2.11 41.78 15.76
N PRO B 160 -3.29 42.37 15.95
CA PRO B 160 -3.78 43.44 15.06
C PRO B 160 -2.73 44.52 14.84
N ALA B 161 -2.07 44.91 15.91
CA ALA B 161 -1.04 45.94 15.85
C ALA B 161 0.08 45.53 14.90
N VAL B 162 0.48 44.26 14.96
CA VAL B 162 1.53 43.76 14.09
C VAL B 162 1.07 43.79 12.64
N ILE B 163 -0.15 43.31 12.41
CA ILE B 163 -0.71 43.29 11.06
C ILE B 163 -0.74 44.72 10.51
N GLN B 164 -1.08 45.67 11.36
CA GLN B 164 -1.13 47.08 10.96
C GLN B 164 0.23 47.50 10.40
N GLN B 165 1.29 47.13 11.13
CA GLN B 165 2.66 47.45 10.72
C GLN B 165 2.99 46.82 9.37
N LEU B 166 2.75 45.51 9.27
CA LEU B 166 3.05 44.77 8.05
C LEU B 166 2.22 45.21 6.85
N TYR B 167 0.96 45.56 7.09
CA TYR B 167 0.07 45.98 6.01
C TYR B 167 -0.59 47.31 6.32
N PRO B 168 0.19 48.40 6.29
CA PRO B 168 -0.31 49.75 6.58
C PRO B 168 -1.44 50.16 5.62
N GLU B 169 -1.48 49.55 4.46
CA GLU B 169 -2.50 49.86 3.47
C GLU B 169 -3.72 48.96 3.68
N GLY B 170 -3.61 48.01 4.60
CA GLY B 170 -4.71 47.10 4.88
C GLY B 170 -4.36 45.66 4.55
N PHE B 171 -4.86 44.72 5.36
CA PHE B 171 -4.59 43.30 5.15
C PHE B 171 -5.71 42.64 4.35
N LEU B 172 -5.34 41.90 3.32
CA LEU B 172 -6.31 41.22 2.47
C LEU B 172 -6.47 39.74 2.77
N GLY B 173 -5.88 39.27 3.87
CA GLY B 173 -6.00 37.87 4.22
C GLY B 173 -4.77 37.03 3.90
N TRP B 174 -4.64 35.91 4.60
CA TRP B 174 -3.51 35.00 4.42
C TRP B 174 -3.65 34.09 3.20
N ASP B 175 -4.87 33.95 2.70
CA ASP B 175 -5.13 33.09 1.56
C ASP B 175 -4.32 33.43 0.30
N ILE B 176 -3.95 34.70 0.15
CA ILE B 176 -3.17 35.12 -1.01
C ILE B 176 -1.70 35.32 -0.70
N GLU B 177 -1.27 34.88 0.48
CA GLU B 177 0.12 35.03 0.87
C GLU B 177 1.08 33.95 0.39
N HIS B 178 1.16 33.75 -0.92
CA HIS B 178 2.12 32.79 -1.46
C HIS B 178 3.11 33.63 -2.25
N GLY B 179 4.31 33.82 -1.71
CA GLY B 179 5.31 34.63 -2.39
C GLY B 179 4.93 36.09 -2.34
N GLY B 180 4.10 36.46 -1.37
CA GLY B 180 3.68 37.84 -1.22
C GLY B 180 4.53 38.58 -0.21
N VAL B 181 3.95 39.60 0.41
CA VAL B 181 4.66 40.42 1.39
C VAL B 181 5.26 39.62 2.56
N PHE B 182 4.46 38.73 3.16
CA PHE B 182 4.92 37.96 4.32
C PHE B 182 6.20 37.15 4.14
N GLU B 183 6.21 36.19 3.21
CA GLU B 183 7.41 35.38 3.01
C GLU B 183 8.56 36.16 2.42
N THR B 184 8.28 37.07 1.49
CA THR B 184 9.33 37.86 0.88
C THR B 184 10.03 38.71 1.94
N SER B 185 9.26 39.28 2.87
CA SER B 185 9.83 40.10 3.93
C SER B 185 10.71 39.26 4.85
N LEU B 186 10.25 38.05 5.20
CA LEU B 186 11.03 37.16 6.06
C LEU B 186 12.33 36.78 5.39
N MET B 187 12.27 36.51 4.07
CA MET B 187 13.45 36.14 3.31
C MET B 187 14.44 37.30 3.20
N LEU B 188 13.94 38.53 3.12
CA LEU B 188 14.83 39.69 3.03
C LEU B 188 15.59 39.86 4.33
N ALA B 189 14.98 39.42 5.43
CA ALA B 189 15.62 39.52 6.73
C ALA B 189 16.54 38.33 7.04
N LEU B 190 16.37 37.23 6.32
CA LEU B 190 17.17 36.03 6.55
C LEU B 190 18.11 35.61 5.43
N TYR B 191 17.60 35.63 4.19
CA TYR B 191 18.38 35.24 3.03
C TYR B 191 18.20 36.24 1.90
N PRO B 192 18.54 37.51 2.14
CA PRO B 192 18.41 38.56 1.13
C PRO B 192 19.00 38.25 -0.23
N ASP B 193 20.10 37.50 -0.26
CA ASP B 193 20.75 37.14 -1.51
C ASP B 193 19.90 36.23 -2.39
N LEU B 194 18.88 35.62 -1.80
CA LEU B 194 17.99 34.72 -2.54
C LEU B 194 16.73 35.43 -3.01
N VAL B 195 16.70 36.75 -2.85
CA VAL B 195 15.56 37.57 -3.27
C VAL B 195 15.99 38.63 -4.30
N ASP B 196 15.18 38.79 -5.35
CA ASP B 196 15.44 39.76 -6.41
C ASP B 196 14.16 40.59 -6.51
N LEU B 197 14.00 41.53 -5.59
CA LEU B 197 12.81 42.35 -5.52
C LEU B 197 12.42 43.09 -6.80
N ASP B 198 13.39 43.41 -7.64
CA ASP B 198 13.09 44.11 -8.88
C ASP B 198 12.32 43.21 -9.85
N ARG B 199 12.39 41.90 -9.64
CA ARG B 199 11.70 40.96 -10.53
C ARG B 199 10.23 40.75 -10.15
N VAL B 200 9.80 41.34 -9.05
CA VAL B 200 8.41 41.21 -8.62
C VAL B 200 7.42 41.74 -9.65
N VAL B 201 6.39 40.95 -9.92
CA VAL B 201 5.33 41.37 -10.84
C VAL B 201 4.20 41.87 -9.95
N ASP B 202 3.93 43.17 -10.03
CA ASP B 202 2.91 43.82 -9.20
C ASP B 202 1.48 43.65 -9.71
N HIS B 203 0.97 42.42 -9.68
CA HIS B 203 -0.38 42.13 -10.14
C HIS B 203 -1.40 42.25 -9.01
N PRO B 204 -2.68 42.43 -9.35
CA PRO B 204 -3.70 42.54 -8.30
C PRO B 204 -3.84 41.20 -7.58
N PRO B 205 -4.28 41.22 -6.31
CA PRO B 205 -4.45 39.98 -5.55
C PRO B 205 -5.27 38.95 -6.32
N ALA B 206 -4.84 37.69 -6.25
CA ALA B 206 -5.57 36.64 -6.95
C ALA B 206 -6.92 36.44 -6.29
N THR B 207 -7.95 36.23 -7.09
CA THR B 207 -9.29 36.00 -6.58
C THR B 207 -9.83 34.74 -7.24
N PHE B 208 -10.51 33.90 -6.45
CA PHE B 208 -11.08 32.66 -6.96
C PHE B 208 -12.53 32.51 -6.56
N PRO B 209 -13.29 31.69 -7.32
CA PRO B 209 -14.70 31.45 -7.02
C PRO B 209 -14.66 30.45 -5.85
N PRO B 210 -15.81 30.22 -5.18
CA PRO B 210 -15.88 29.28 -4.05
C PRO B 210 -15.75 27.79 -4.34
N TYR B 211 -14.94 27.43 -5.33
CA TYR B 211 -14.74 26.02 -5.67
C TYR B 211 -13.39 25.78 -6.33
N ASP B 212 -13.05 24.51 -6.54
CA ASP B 212 -11.79 24.15 -7.16
C ASP B 212 -12.00 23.31 -8.42
N VAL B 213 -11.11 23.48 -9.40
CA VAL B 213 -11.19 22.74 -10.66
C VAL B 213 -9.95 21.89 -10.93
N PHE B 214 -10.19 20.66 -11.37
CA PHE B 214 -9.14 19.69 -11.72
C PHE B 214 -9.52 19.05 -13.06
N PRO B 215 -8.52 18.84 -13.94
CA PRO B 215 -7.11 19.16 -13.73
C PRO B 215 -6.90 20.66 -13.57
N VAL B 216 -5.84 21.03 -12.85
CA VAL B 216 -5.55 22.44 -12.60
C VAL B 216 -5.41 23.24 -13.91
N ASP B 217 -6.15 24.34 -13.95
CA ASP B 217 -6.17 25.23 -15.10
C ASP B 217 -5.15 26.36 -14.88
N PRO B 218 -4.05 26.35 -15.66
CA PRO B 218 -3.00 27.37 -15.54
C PRO B 218 -3.50 28.82 -15.63
N ALA B 219 -4.54 29.02 -16.42
CA ALA B 219 -5.11 30.36 -16.62
C ALA B 219 -5.70 30.99 -15.36
N ARG B 220 -6.00 30.19 -14.35
CA ARG B 220 -6.60 30.73 -13.13
C ARG B 220 -5.59 31.14 -12.05
N THR B 221 -4.29 31.04 -12.36
CA THR B 221 -3.22 31.43 -11.43
C THR B 221 -2.45 32.57 -12.08
N PRO B 222 -2.13 33.63 -11.32
CA PRO B 222 -1.37 34.73 -11.93
C PRO B 222 -0.12 34.17 -12.62
N ALA B 223 0.16 34.63 -13.84
CA ALA B 223 1.31 34.16 -14.61
C ALA B 223 2.62 33.97 -13.82
N PRO B 224 2.97 34.92 -12.93
CA PRO B 224 4.19 34.83 -12.14
C PRO B 224 4.24 33.65 -11.15
N GLY B 225 3.07 33.17 -10.73
CA GLY B 225 3.02 32.07 -9.77
C GLY B 225 2.65 32.55 -8.39
N THR B 226 2.78 33.86 -8.16
CA THR B 226 2.45 34.48 -6.88
C THR B 226 0.94 34.72 -6.79
N LEU B 227 0.40 34.77 -5.57
CA LEU B 227 -1.02 35.02 -5.41
C LEU B 227 -1.26 36.47 -4.96
N SER B 228 -0.17 37.16 -4.64
CA SER B 228 -0.25 38.57 -4.25
C SER B 228 1.12 39.20 -4.50
N SER B 229 1.14 40.53 -4.62
CA SER B 229 2.38 41.26 -4.89
C SER B 229 3.25 41.51 -3.65
N ALA B 230 4.55 41.28 -3.80
CA ALA B 230 5.50 41.48 -2.71
C ALA B 230 6.20 42.83 -2.86
N LYS B 231 5.66 43.68 -3.72
CA LYS B 231 6.25 45.00 -3.96
C LYS B 231 6.60 45.77 -2.70
N THR B 232 5.75 45.71 -1.68
CA THR B 232 6.00 46.44 -0.43
C THR B 232 6.72 45.64 0.66
N ALA B 233 7.29 44.49 0.29
CA ALA B 233 7.99 43.68 1.27
C ALA B 233 9.29 44.38 1.67
N SER B 234 9.79 44.13 2.87
CA SER B 234 11.02 44.75 3.33
C SER B 234 11.67 43.99 4.49
N ARG B 235 12.97 44.22 4.67
CA ARG B 235 13.74 43.57 5.73
C ARG B 235 13.14 43.91 7.09
N GLU B 236 12.73 45.16 7.25
CA GLU B 236 12.15 45.61 8.52
C GLU B 236 10.90 44.82 8.85
N LYS B 237 10.06 44.58 7.84
CA LYS B 237 8.85 43.81 8.04
C LYS B 237 9.27 42.40 8.46
N GLY B 238 10.29 41.88 7.78
CA GLY B 238 10.79 40.55 8.08
C GLY B 238 11.29 40.46 9.52
N GLU B 239 11.99 41.50 9.96
CA GLU B 239 12.51 41.57 11.32
C GLU B 239 11.37 41.39 12.31
N LEU B 240 10.32 42.19 12.13
CA LEU B 240 9.15 42.14 12.99
C LEU B 240 8.53 40.75 13.01
N ILE B 241 8.30 40.18 11.83
CA ILE B 241 7.70 38.85 11.72
C ILE B 241 8.53 37.81 12.49
N LEU B 242 9.83 37.82 12.26
CA LEU B 242 10.74 36.89 12.91
C LEU B 242 10.67 36.96 14.44
N GLU B 243 10.68 38.18 14.98
CA GLU B 243 10.61 38.35 16.42
C GLU B 243 9.29 37.81 16.97
N VAL B 244 8.19 38.20 16.35
CA VAL B 244 6.88 37.75 16.79
C VAL B 244 6.77 36.23 16.77
N CYS B 245 7.17 35.62 15.65
CA CYS B 245 7.11 34.17 15.52
C CYS B 245 8.00 33.45 16.53
N VAL B 246 9.28 33.84 16.59
CA VAL B 246 10.21 33.19 17.52
C VAL B 246 9.73 33.26 18.96
N GLN B 247 9.36 34.45 19.42
CA GLN B 247 8.90 34.62 20.79
C GLN B 247 7.59 33.88 21.10
N GLY B 248 6.63 33.94 20.18
CA GLY B 248 5.38 33.27 20.40
C GLY B 248 5.53 31.76 20.47
N ILE B 249 6.26 31.21 19.50
CA ILE B 249 6.48 29.77 19.42
C ILE B 249 7.26 29.25 20.62
N ALA B 250 8.30 29.98 21.01
CA ALA B 250 9.11 29.58 22.15
C ALA B 250 8.21 29.44 23.38
N ASP B 251 7.31 30.40 23.57
CA ASP B 251 6.39 30.38 24.70
C ASP B 251 5.43 29.19 24.61
N ALA B 252 4.90 28.94 23.43
CA ALA B 252 3.95 27.84 23.23
C ALA B 252 4.61 26.51 23.55
N ILE B 253 5.86 26.33 23.12
CA ILE B 253 6.56 25.08 23.37
C ILE B 253 6.85 24.91 24.86
N ARG B 254 7.15 26.02 25.55
CA ARG B 254 7.44 25.94 26.98
C ARG B 254 6.16 25.54 27.71
N GLU B 255 5.03 25.97 27.16
CA GLU B 255 3.71 25.68 27.73
C GLU B 255 3.33 24.21 27.61
N GLU B 256 3.58 23.63 26.45
CA GLU B 256 3.24 22.24 26.19
C GLU B 256 4.28 21.23 26.68
N PHE B 257 5.55 21.64 26.71
CA PHE B 257 6.62 20.77 27.18
C PHE B 257 7.36 21.51 28.30
N PRO B 258 6.67 21.74 29.42
CA PRO B 258 7.28 22.45 30.56
C PRO B 258 8.53 21.76 31.09
N PRO B 259 9.59 22.54 31.35
CA PRO B 259 10.87 22.02 31.86
C PRO B 259 10.66 21.19 33.13
N SER C 4 24.95 29.85 -8.53
CA SER C 4 24.70 28.62 -7.72
C SER C 4 24.28 27.43 -8.59
N VAL C 5 24.67 26.24 -8.18
CA VAL C 5 24.31 25.03 -8.90
C VAL C 5 23.14 24.35 -8.20
N PHE C 6 22.68 24.93 -7.10
CA PHE C 6 21.57 24.36 -6.34
C PHE C 6 20.18 24.79 -6.82
N VAL C 7 19.40 23.82 -7.27
CA VAL C 7 18.04 24.06 -7.76
C VAL C 7 17.22 24.84 -6.73
N GLY C 8 17.36 24.48 -5.46
CA GLY C 8 16.61 25.17 -4.42
C GLY C 8 16.88 26.66 -4.33
N GLU C 9 18.04 27.10 -4.80
CA GLU C 9 18.39 28.52 -4.74
C GLU C 9 17.96 29.32 -5.97
N LEU C 10 17.46 28.62 -6.99
CA LEU C 10 17.01 29.26 -8.22
C LEU C 10 15.51 29.60 -8.16
N THR C 11 15.11 30.61 -8.95
CA THR C 11 13.70 30.94 -9.04
C THR C 11 13.18 29.92 -10.04
N TRP C 12 11.87 29.72 -10.12
CA TRP C 12 11.35 28.74 -11.07
C TRP C 12 11.58 29.16 -12.53
N LYS C 13 11.71 30.46 -12.76
CA LYS C 13 11.96 30.96 -14.13
C LYS C 13 13.36 30.56 -14.54
N GLU C 14 14.31 30.72 -13.63
CA GLU C 14 15.70 30.35 -13.91
C GLU C 14 15.80 28.85 -14.16
N TYR C 15 15.07 28.07 -13.38
CA TYR C 15 15.08 26.61 -13.53
C TYR C 15 14.46 26.23 -14.87
N GLU C 16 13.33 26.84 -15.19
CA GLU C 16 12.62 26.58 -16.44
C GLU C 16 13.53 26.80 -17.66
N ALA C 17 14.33 27.85 -17.61
CA ALA C 17 15.23 28.19 -18.70
C ALA C 17 16.36 27.17 -18.87
N ARG C 18 16.89 26.67 -17.74
CA ARG C 18 17.96 25.68 -17.80
C ARG C 18 17.44 24.38 -18.41
N VAL C 19 16.23 23.99 -18.03
CA VAL C 19 15.63 22.78 -18.56
C VAL C 19 15.24 22.98 -20.03
N ALA C 20 14.76 24.17 -20.35
CA ALA C 20 14.35 24.50 -21.71
C ALA C 20 15.51 24.36 -22.68
N ALA C 21 16.73 24.58 -22.19
CA ALA C 21 17.94 24.47 -23.00
C ALA C 21 18.03 23.07 -23.61
N GLY C 22 17.39 22.10 -22.97
CA GLY C 22 17.36 20.74 -23.49
C GLY C 22 18.52 19.81 -23.15
N ASP C 23 19.56 20.32 -22.50
CA ASP C 23 20.71 19.49 -22.16
C ASP C 23 20.93 19.43 -20.65
N CYS C 24 19.93 19.87 -19.90
CA CYS C 24 20.02 19.91 -18.45
C CYS C 24 20.20 18.59 -17.72
N VAL C 25 21.25 18.52 -16.91
CA VAL C 25 21.53 17.33 -16.12
C VAL C 25 21.28 17.67 -14.65
N LEU C 26 20.43 16.88 -14.00
CA LEU C 26 20.10 17.11 -12.59
C LEU C 26 20.75 16.04 -11.72
N MET C 27 21.17 16.43 -10.52
CA MET C 27 21.81 15.50 -9.60
C MET C 27 21.06 15.48 -8.26
N LEU C 28 20.81 14.28 -7.77
CA LEU C 28 20.09 14.12 -6.51
C LEU C 28 20.88 13.34 -5.47
N PRO C 29 21.30 14.02 -4.39
CA PRO C 29 22.06 13.34 -3.33
C PRO C 29 21.05 12.58 -2.47
N VAL C 30 21.37 11.33 -2.11
CA VAL C 30 20.48 10.54 -1.26
C VAL C 30 21.34 10.08 -0.08
N GLY C 31 21.05 10.60 1.11
CA GLY C 31 21.85 10.25 2.27
C GLY C 31 21.12 9.56 3.40
N ALA C 32 21.41 9.98 4.62
CA ALA C 32 20.80 9.40 5.80
C ALA C 32 21.26 10.11 7.07
N LEU C 33 20.49 9.96 8.14
CA LEU C 33 20.85 10.50 9.45
C LEU C 33 21.25 9.21 10.16
N GLU C 34 22.56 9.03 10.32
CA GLU C 34 23.09 7.80 10.89
C GLU C 34 24.34 8.02 11.75
N GLN C 35 24.42 7.29 12.87
CA GLN C 35 25.57 7.41 13.75
C GLN C 35 26.85 7.12 12.97
N HIS C 36 27.88 7.93 13.22
CA HIS C 36 29.17 7.75 12.58
C HIS C 36 30.30 7.79 13.62
N GLY C 37 30.12 7.06 14.71
CA GLY C 37 31.13 7.02 15.74
C GLY C 37 31.12 8.18 16.73
N HIS C 38 32.10 8.17 17.63
CA HIS C 38 32.26 9.18 18.66
C HIS C 38 32.84 10.49 18.14
N HIS C 39 33.56 10.41 17.02
CA HIS C 39 34.27 11.55 16.44
C HIS C 39 33.66 12.31 15.27
N MET C 40 32.46 11.95 14.84
CA MET C 40 31.89 12.62 13.67
C MET C 40 30.38 12.83 13.77
N CYS C 41 29.87 13.90 13.16
CA CYS C 41 28.43 14.19 13.18
C CYS C 41 27.64 13.09 12.48
N MET C 42 26.32 13.10 12.66
CA MET C 42 25.46 12.08 12.07
C MET C 42 24.92 12.33 10.65
N ASN C 43 25.13 13.51 10.08
CA ASN C 43 24.63 13.77 8.73
C ASN C 43 25.69 13.61 7.64
N VAL C 44 26.74 12.87 7.96
CA VAL C 44 27.83 12.61 7.02
C VAL C 44 27.36 12.07 5.65
N ASP C 45 26.41 11.15 5.67
CA ASP C 45 25.89 10.57 4.43
C ASP C 45 25.17 11.54 3.51
N VAL C 46 24.82 12.72 4.03
CA VAL C 46 24.18 13.75 3.24
C VAL C 46 25.24 14.76 2.80
N LEU C 47 26.00 15.25 3.77
CA LEU C 47 27.05 16.24 3.52
C LEU C 47 28.04 15.87 2.44
N LEU C 48 28.55 14.64 2.48
CA LEU C 48 29.54 14.19 1.52
C LEU C 48 29.04 14.08 0.08
N PRO C 49 27.94 13.34 -0.17
CA PRO C 49 27.52 13.28 -1.58
C PRO C 49 27.03 14.65 -2.09
N THR C 50 26.56 15.49 -1.19
CA THR C 50 26.11 16.82 -1.60
C THR C 50 27.31 17.67 -2.03
N ALA C 51 28.41 17.57 -1.28
CA ALA C 51 29.64 18.33 -1.58
C ALA C 51 30.23 17.88 -2.91
N VAL C 52 30.20 16.59 -3.17
CA VAL C 52 30.72 16.04 -4.41
C VAL C 52 29.86 16.52 -5.57
N CYS C 53 28.54 16.43 -5.41
CA CYS C 53 27.60 16.89 -6.44
C CYS C 53 27.87 18.36 -6.79
N LYS C 54 28.01 19.19 -5.76
CA LYS C 54 28.24 20.62 -5.94
C LYS C 54 29.45 20.88 -6.86
N ARG C 55 30.55 20.21 -6.56
CA ARG C 55 31.78 20.37 -7.33
C ARG C 55 31.65 19.81 -8.73
N VAL C 56 31.04 18.64 -8.86
CA VAL C 56 30.86 18.05 -10.18
C VAL C 56 29.98 18.98 -11.01
N ALA C 57 28.87 19.42 -10.41
CA ALA C 57 27.93 20.31 -11.09
C ALA C 57 28.58 21.57 -11.63
N GLU C 58 29.47 22.16 -10.83
CA GLU C 58 30.17 23.38 -11.23
C GLU C 58 31.06 23.15 -12.45
N ARG C 59 31.67 21.97 -12.53
CA ARG C 59 32.54 21.66 -13.65
C ARG C 59 31.84 21.25 -14.94
N ILE C 60 30.69 20.59 -14.82
CA ILE C 60 29.97 20.13 -16.01
C ILE C 60 28.71 20.91 -16.33
N GLY C 61 28.41 21.93 -15.53
CA GLY C 61 27.23 22.74 -15.78
C GLY C 61 25.91 22.06 -15.44
N ALA C 62 25.89 21.28 -14.36
CA ALA C 62 24.68 20.58 -13.94
C ALA C 62 24.03 21.27 -12.74
N LEU C 63 22.83 20.82 -12.36
CA LEU C 63 22.13 21.38 -11.21
C LEU C 63 21.92 20.32 -10.14
N VAL C 64 21.90 20.74 -8.87
CA VAL C 64 21.75 19.81 -7.75
C VAL C 64 20.44 20.00 -6.99
N MET C 65 19.65 18.93 -6.91
CA MET C 65 18.36 18.94 -6.21
C MET C 65 18.56 18.84 -4.70
N PRO C 66 17.56 19.27 -3.92
CA PRO C 66 17.69 19.17 -2.46
C PRO C 66 17.92 17.69 -2.13
N GLY C 67 18.87 17.40 -1.25
CA GLY C 67 19.16 16.01 -0.92
C GLY C 67 18.18 15.33 0.02
N LEU C 68 18.06 14.01 -0.10
CA LEU C 68 17.18 13.25 0.78
C LEU C 68 17.93 13.05 2.10
N GLN C 69 17.41 13.65 3.16
CA GLN C 69 18.04 13.61 4.47
C GLN C 69 17.94 12.29 5.24
N TYR C 70 16.92 11.49 4.94
CA TYR C 70 16.72 10.21 5.61
C TYR C 70 16.74 9.04 4.64
N GLY C 71 17.47 8.00 5.01
CA GLY C 71 17.58 6.82 4.16
C GLY C 71 17.12 5.56 4.85
N TYR C 72 17.39 4.40 4.23
CA TYR C 72 16.97 3.12 4.78
C TYR C 72 17.73 2.67 6.03
N LYS C 73 17.09 1.78 6.78
CA LYS C 73 17.61 1.24 8.02
C LYS C 73 19.06 0.79 7.94
N SER C 74 19.86 1.28 8.90
CA SER C 74 21.27 0.93 8.98
C SER C 74 21.39 -0.57 9.21
N GLN C 75 22.31 -1.21 8.50
CA GLN C 75 22.52 -2.64 8.66
C GLN C 75 23.84 -2.83 9.40
N GLN C 76 23.89 -3.86 10.24
CA GLN C 76 25.09 -4.15 11.03
C GLN C 76 26.41 -4.22 10.29
N LYS C 77 26.47 -5.00 9.21
CA LYS C 77 27.73 -5.16 8.48
C LYS C 77 28.15 -3.97 7.62
N SER C 78 27.28 -2.97 7.49
CA SER C 78 27.60 -1.81 6.68
C SER C 78 27.58 -0.49 7.45
N GLY C 79 26.56 -0.29 8.28
CA GLY C 79 26.48 0.95 9.03
C GLY C 79 26.47 0.81 10.54
N GLY C 80 26.62 -0.41 11.04
CA GLY C 80 26.64 -0.63 12.48
C GLY C 80 25.35 -1.19 13.06
N GLY C 81 24.23 -0.92 12.41
CA GLY C 81 22.95 -1.43 12.92
C GLY C 81 21.97 -0.32 13.26
N ASN C 82 20.68 -0.61 13.10
CA ASN C 82 19.66 0.38 13.38
C ASN C 82 19.21 0.46 14.83
N HIS C 83 19.99 -0.13 15.75
CA HIS C 83 19.65 -0.08 17.15
C HIS C 83 20.29 1.14 17.83
N PHE C 84 21.23 1.78 17.14
CA PHE C 84 21.89 2.96 17.69
C PHE C 84 20.98 4.18 17.80
N PRO C 85 21.21 5.03 18.82
CA PRO C 85 20.41 6.22 19.01
C PRO C 85 20.84 7.18 17.90
N GLY C 86 20.03 8.20 17.63
CA GLY C 86 20.39 9.15 16.59
C GLY C 86 20.02 8.71 15.19
N THR C 87 20.46 7.52 14.80
CA THR C 87 20.13 7.00 13.47
C THR C 87 18.61 7.07 13.35
N THR C 88 18.12 7.69 12.27
CA THR C 88 16.69 7.84 12.04
C THR C 88 16.43 7.34 10.62
N SER C 89 15.86 6.14 10.52
CA SER C 89 15.64 5.49 9.24
C SER C 89 14.21 5.35 8.74
N LEU C 90 14.08 5.26 7.42
CA LEU C 90 12.78 5.10 6.77
C LEU C 90 12.52 3.64 6.42
N ASP C 91 11.25 3.30 6.22
CA ASP C 91 10.92 1.94 5.79
C ASP C 91 11.27 1.95 4.30
N GLY C 92 11.46 0.76 3.75
CA GLY C 92 11.81 0.65 2.34
C GLY C 92 10.81 1.28 1.37
N ALA C 93 9.53 1.02 1.59
CA ALA C 93 8.49 1.56 0.74
C ALA C 93 8.49 3.09 0.75
N THR C 94 8.85 3.70 1.88
CA THR C 94 8.88 5.15 1.99
C THR C 94 10.00 5.74 1.14
N LEU C 95 11.20 5.14 1.23
CA LEU C 95 12.32 5.64 0.45
C LEU C 95 12.06 5.39 -1.04
N THR C 96 11.52 4.21 -1.35
CA THR C 96 11.20 3.86 -2.73
C THR C 96 10.21 4.87 -3.33
N GLY C 97 9.16 5.18 -2.56
CA GLY C 97 8.15 6.13 -3.02
C GLY C 97 8.68 7.54 -3.24
N THR C 98 9.60 7.97 -2.39
CA THR C 98 10.18 9.32 -2.50
C THR C 98 10.96 9.48 -3.80
N VAL C 99 11.79 8.48 -4.12
CA VAL C 99 12.58 8.50 -5.34
C VAL C 99 11.64 8.46 -6.55
N GLN C 100 10.65 7.57 -6.50
CA GLN C 100 9.67 7.44 -7.56
C GLN C 100 8.91 8.76 -7.79
N ASP C 101 8.46 9.39 -6.73
CA ASP C 101 7.72 10.66 -6.85
C ASP C 101 8.58 11.76 -7.49
N ILE C 102 9.84 11.88 -7.05
CA ILE C 102 10.72 12.91 -7.58
C ILE C 102 10.96 12.73 -9.09
N ILE C 103 11.19 11.50 -9.53
CA ILE C 103 11.41 11.23 -10.93
C ILE C 103 10.17 11.58 -11.76
N ARG C 104 8.98 11.21 -11.26
CA ARG C 104 7.74 11.52 -11.95
C ARG C 104 7.64 13.03 -12.18
N GLU C 105 7.96 13.79 -11.14
CA GLU C 105 7.91 15.26 -11.19
C GLU C 105 8.96 15.87 -12.12
N LEU C 106 10.18 15.35 -12.08
CA LEU C 106 11.24 15.86 -12.96
C LEU C 106 10.85 15.62 -14.42
N ALA C 107 10.23 14.47 -14.69
CA ALA C 107 9.79 14.16 -16.05
C ALA C 107 8.71 15.17 -16.45
N ARG C 108 7.86 15.54 -15.50
CA ARG C 108 6.82 16.52 -15.76
C ARG C 108 7.43 17.87 -16.17
N HIS C 109 8.54 18.26 -15.54
CA HIS C 109 9.22 19.51 -15.87
C HIS C 109 9.77 19.49 -17.29
N GLY C 110 10.02 18.30 -17.80
CA GLY C 110 10.59 18.16 -19.13
C GLY C 110 12.04 17.70 -19.01
N ALA C 111 12.50 17.50 -17.78
CA ALA C 111 13.87 17.03 -17.53
C ALA C 111 13.95 15.57 -17.97
N ARG C 112 15.14 15.12 -18.38
CA ARG C 112 15.30 13.75 -18.86
C ARG C 112 16.61 13.10 -18.49
N ARG C 113 17.46 13.82 -17.76
CA ARG C 113 18.76 13.29 -17.36
C ARG C 113 18.96 13.45 -15.85
N LEU C 114 19.04 12.32 -15.15
CA LEU C 114 19.21 12.36 -13.70
C LEU C 114 20.35 11.49 -13.18
N VAL C 115 21.15 12.08 -12.29
CA VAL C 115 22.24 11.35 -11.67
C VAL C 115 21.88 11.23 -10.19
N LEU C 116 21.68 10.00 -9.73
CA LEU C 116 21.36 9.75 -8.31
C LEU C 116 22.66 9.38 -7.62
N MET C 117 23.13 10.23 -6.71
CA MET C 117 24.36 9.93 -5.99
C MET C 117 24.05 9.47 -4.58
N ASN C 118 24.24 8.17 -4.34
CA ASN C 118 23.98 7.56 -3.05
C ASN C 118 25.17 7.73 -2.10
N GLY C 119 24.88 8.03 -0.84
CA GLY C 119 25.93 8.20 0.14
C GLY C 119 25.73 7.26 1.32
N HIS C 120 24.70 6.43 1.24
CA HIS C 120 24.35 5.48 2.30
C HIS C 120 24.10 4.13 1.65
N TYR C 121 25.06 3.20 1.81
CA TYR C 121 24.98 1.87 1.20
C TYR C 121 23.61 1.19 1.21
N GLU C 122 22.97 1.17 2.38
CA GLU C 122 21.67 0.53 2.54
C GLU C 122 20.54 1.07 1.65
N ASN C 123 20.74 2.27 1.11
CA ASN C 123 19.73 2.89 0.25
C ASN C 123 19.57 2.24 -1.12
N SER C 124 20.67 1.69 -1.62
CA SER C 124 20.75 1.09 -2.96
C SER C 124 19.57 0.42 -3.65
N MET C 125 19.07 -0.68 -3.11
CA MET C 125 17.99 -1.41 -3.76
C MET C 125 16.62 -0.72 -3.74
N PHE C 126 16.40 0.16 -2.77
CA PHE C 126 15.14 0.86 -2.70
C PHE C 126 15.19 2.02 -3.69
N ILE C 127 16.40 2.51 -3.97
CA ILE C 127 16.59 3.57 -4.94
C ILE C 127 16.32 2.91 -6.31
N VAL C 128 16.81 1.68 -6.46
CA VAL C 128 16.63 0.94 -7.70
C VAL C 128 15.14 0.68 -7.97
N GLU C 129 14.40 0.30 -6.94
CA GLU C 129 12.98 0.03 -7.11
C GLU C 129 12.22 1.34 -7.39
N GLY C 130 12.68 2.43 -6.80
CA GLY C 130 12.03 3.72 -7.01
C GLY C 130 12.16 4.10 -8.48
N ILE C 131 13.35 3.88 -9.02
CA ILE C 131 13.64 4.18 -10.42
C ILE C 131 12.81 3.30 -11.35
N ASP C 132 12.74 1.99 -11.07
CA ASP C 132 11.97 1.07 -11.92
C ASP C 132 10.48 1.41 -11.96
N LEU C 133 9.90 1.71 -10.81
CA LEU C 133 8.48 2.04 -10.75
C LEU C 133 8.19 3.35 -11.49
N ALA C 134 9.10 4.32 -11.36
CA ALA C 134 8.91 5.60 -12.04
C ALA C 134 9.00 5.41 -13.56
N LEU C 135 10.00 4.67 -14.00
CA LEU C 135 10.19 4.45 -15.44
C LEU C 135 9.02 3.65 -16.03
N ARG C 136 8.43 2.76 -15.22
CA ARG C 136 7.29 1.97 -15.66
C ARG C 136 6.13 2.93 -15.94
N GLU C 137 5.91 3.87 -15.01
CA GLU C 137 4.85 4.86 -15.15
C GLU C 137 5.09 5.74 -16.37
N LEU C 138 6.33 6.17 -16.55
CA LEU C 138 6.64 7.03 -17.68
C LEU C 138 6.35 6.34 -19.01
N ARG C 139 6.57 5.03 -19.08
CA ARG C 139 6.28 4.29 -20.30
C ARG C 139 4.77 4.34 -20.55
N TYR C 140 3.98 4.16 -19.48
CA TYR C 140 2.53 4.20 -19.60
C TYR C 140 2.09 5.58 -20.07
N ALA C 141 2.91 6.58 -19.78
CA ALA C 141 2.60 7.96 -20.16
C ALA C 141 3.21 8.29 -21.52
N GLY C 142 3.86 7.31 -22.14
CA GLY C 142 4.45 7.51 -23.45
C GLY C 142 5.86 8.10 -23.46
N ILE C 143 6.52 8.08 -22.30
CA ILE C 143 7.87 8.63 -22.19
C ILE C 143 8.90 7.51 -22.03
N GLN C 144 9.87 7.46 -22.91
CA GLN C 144 10.91 6.43 -22.84
C GLN C 144 12.31 6.99 -22.99
N ASP C 145 12.45 8.31 -22.95
CA ASP C 145 13.76 8.93 -23.10
C ASP C 145 14.33 9.52 -21.81
N PHE C 146 13.79 9.10 -20.66
CA PHE C 146 14.30 9.58 -19.38
C PHE C 146 15.40 8.59 -18.98
N LYS C 147 16.60 9.09 -18.74
CA LYS C 147 17.73 8.23 -18.39
C LYS C 147 18.31 8.54 -17.01
N VAL C 148 18.55 7.49 -16.23
CA VAL C 148 19.10 7.65 -14.88
C VAL C 148 20.46 6.97 -14.68
N VAL C 149 21.38 7.69 -14.08
CA VAL C 149 22.70 7.15 -13.76
C VAL C 149 22.74 7.09 -12.23
N VAL C 150 23.00 5.90 -11.68
CA VAL C 150 23.07 5.73 -10.23
C VAL C 150 24.48 5.37 -9.82
N LEU C 151 25.02 6.09 -8.83
CA LEU C 151 26.38 5.82 -8.39
C LEU C 151 26.67 6.18 -6.94
N SER C 152 27.69 5.53 -6.40
CA SER C 152 28.17 5.78 -5.05
C SER C 152 29.52 6.43 -5.32
N TYR C 153 29.70 7.64 -4.82
CA TYR C 153 30.94 8.37 -5.07
C TYR C 153 32.20 7.58 -4.74
N ALA C 154 32.14 6.76 -3.70
CA ALA C 154 33.29 5.96 -3.28
C ALA C 154 33.78 4.96 -4.33
N ASP C 155 32.86 4.45 -5.13
CA ASP C 155 33.23 3.47 -6.16
C ASP C 155 34.20 4.01 -7.20
N PHE C 156 34.41 5.32 -7.21
CA PHE C 156 35.32 5.93 -8.16
C PHE C 156 36.76 6.01 -7.67
N VAL C 157 37.00 5.50 -6.47
CA VAL C 157 38.34 5.47 -5.90
C VAL C 157 38.85 4.04 -6.04
N LYS C 158 39.38 3.71 -7.20
CA LYS C 158 39.87 2.37 -7.47
C LYS C 158 41.34 2.32 -7.86
N ASP C 159 41.89 3.45 -8.27
CA ASP C 159 43.29 3.50 -8.67
C ASP C 159 44.18 2.96 -7.55
N PRO C 160 44.90 1.86 -7.82
CA PRO C 160 45.79 1.24 -6.83
C PRO C 160 46.76 2.25 -6.24
N ALA C 161 47.22 3.17 -7.08
CA ALA C 161 48.15 4.20 -6.67
C ALA C 161 47.50 5.11 -5.64
N VAL C 162 46.19 5.34 -5.79
CA VAL C 162 45.47 6.19 -4.85
C VAL C 162 45.20 5.42 -3.56
N ILE C 163 44.73 4.19 -3.69
CA ILE C 163 44.45 3.35 -2.53
C ILE C 163 45.72 3.24 -1.69
N GLN C 164 46.85 3.16 -2.39
CA GLN C 164 48.14 3.06 -1.74
C GLN C 164 48.43 4.30 -0.90
N GLN C 165 48.20 5.48 -1.48
CA GLN C 165 48.43 6.72 -0.77
C GLN C 165 47.46 6.91 0.40
N LEU C 166 46.28 6.30 0.27
CA LEU C 166 45.25 6.39 1.30
C LEU C 166 45.48 5.37 2.41
N TYR C 167 45.89 4.16 2.04
CA TYR C 167 46.15 3.12 3.02
C TYR C 167 47.57 2.58 2.85
N PRO C 168 48.57 3.39 3.22
CA PRO C 168 49.98 3.00 3.12
C PRO C 168 50.34 1.80 3.99
N GLU C 169 49.36 1.32 4.77
CA GLU C 169 49.57 0.18 5.64
C GLU C 169 48.83 -1.03 5.05
N GLY C 170 48.12 -0.79 3.95
CA GLY C 170 47.36 -1.86 3.31
C GLY C 170 45.87 -1.58 3.38
N PHE C 171 45.14 -2.00 2.36
CA PHE C 171 43.69 -1.79 2.31
C PHE C 171 42.93 -3.01 2.80
N LEU C 172 42.11 -2.83 3.83
CA LEU C 172 41.33 -3.91 4.42
C LEU C 172 39.97 -4.14 3.76
N GLY C 173 39.63 -3.30 2.79
CA GLY C 173 38.36 -3.43 2.10
C GLY C 173 37.39 -2.31 2.42
N TRP C 174 36.32 -2.21 1.64
CA TRP C 174 35.33 -1.16 1.84
C TRP C 174 34.22 -1.55 2.80
N ASP C 175 34.12 -2.84 3.10
CA ASP C 175 33.10 -3.33 4.00
C ASP C 175 33.18 -2.83 5.44
N ILE C 176 34.33 -2.29 5.83
CA ILE C 176 34.48 -1.80 7.21
C ILE C 176 34.76 -0.30 7.27
N GLU C 177 34.52 0.40 6.17
CA GLU C 177 34.79 1.84 6.14
C GLU C 177 33.78 2.76 6.82
N HIS C 178 32.70 2.24 7.36
CA HIS C 178 31.72 3.09 8.02
C HIS C 178 32.36 3.90 9.15
N GLY C 179 32.53 5.20 8.91
CA GLY C 179 33.13 6.06 9.92
C GLY C 179 34.62 5.82 10.06
N GLY C 180 35.22 5.22 9.03
CA GLY C 180 36.65 4.94 9.05
C GLY C 180 37.50 6.02 8.40
N VAL C 181 38.64 5.61 7.88
CA VAL C 181 39.59 6.51 7.23
C VAL C 181 39.02 7.31 6.07
N PHE C 182 38.33 6.63 5.16
CA PHE C 182 37.76 7.26 3.97
C PHE C 182 36.82 8.45 4.24
N GLU C 183 35.74 8.19 4.96
CA GLU C 183 34.78 9.25 5.26
C GLU C 183 35.33 10.33 6.17
N THR C 184 36.07 9.93 7.19
CA THR C 184 36.64 10.89 8.12
C THR C 184 37.60 11.85 7.41
N SER C 185 38.40 11.32 6.48
CA SER C 185 39.35 12.13 5.73
C SER C 185 38.62 13.16 4.87
N LEU C 186 37.51 12.73 4.27
CA LEU C 186 36.70 13.62 3.45
C LEU C 186 36.13 14.73 4.32
N MET C 187 35.61 14.35 5.49
CA MET C 187 35.03 15.31 6.42
C MET C 187 36.08 16.31 6.96
N LEU C 188 37.31 15.84 7.13
CA LEU C 188 38.39 16.70 7.62
C LEU C 188 38.70 17.77 6.58
N ALA C 189 38.52 17.41 5.32
CA ALA C 189 38.79 18.32 4.22
C ALA C 189 37.61 19.22 3.90
N LEU C 190 36.39 18.73 4.13
CA LEU C 190 35.18 19.51 3.83
C LEU C 190 34.50 20.19 5.00
N TYR C 191 34.36 19.48 6.11
CA TYR C 191 33.69 20.03 7.29
C TYR C 191 34.50 19.80 8.56
N PRO C 192 35.71 20.38 8.63
CA PRO C 192 36.61 20.27 9.78
C PRO C 192 35.91 20.43 11.12
N ASP C 193 35.05 21.44 11.22
CA ASP C 193 34.34 21.72 12.46
C ASP C 193 33.35 20.65 12.90
N LEU C 194 33.12 19.65 12.06
CA LEU C 194 32.18 18.58 12.40
C LEU C 194 32.91 17.27 12.69
N VAL C 195 34.22 17.38 12.91
CA VAL C 195 35.08 16.23 13.19
C VAL C 195 36.03 16.53 14.35
N ASP C 196 36.35 15.49 15.12
CA ASP C 196 37.26 15.63 16.26
C ASP C 196 37.99 14.29 16.44
N LEU C 197 39.09 14.14 15.71
CA LEU C 197 39.89 12.91 15.75
C LEU C 197 40.30 12.47 17.16
N ASP C 198 40.37 13.42 18.08
CA ASP C 198 40.76 13.10 19.45
C ASP C 198 39.79 12.10 20.08
N ARG C 199 38.55 12.10 19.59
CA ARG C 199 37.52 11.21 20.13
C ARG C 199 37.49 9.84 19.44
N VAL C 200 38.30 9.68 18.41
CA VAL C 200 38.37 8.42 17.68
C VAL C 200 38.75 7.26 18.59
N VAL C 201 38.02 6.15 18.47
CA VAL C 201 38.30 4.96 19.25
C VAL C 201 39.06 4.01 18.33
N ASP C 202 40.37 3.92 18.54
CA ASP C 202 41.24 3.09 17.70
C ASP C 202 41.14 1.59 17.95
N HIS C 203 40.00 1.01 17.57
CA HIS C 203 39.76 -0.42 17.74
C HIS C 203 40.13 -1.17 16.46
N PRO C 204 40.31 -2.50 16.55
CA PRO C 204 40.66 -3.29 15.36
C PRO C 204 39.47 -3.39 14.42
N PRO C 205 39.72 -3.65 13.12
CA PRO C 205 38.65 -3.77 12.13
C PRO C 205 37.59 -4.78 12.54
N ALA C 206 36.32 -4.46 12.29
CA ALA C 206 35.23 -5.35 12.62
C ALA C 206 35.21 -6.53 11.65
N THR C 207 34.91 -7.71 12.17
CA THR C 207 34.82 -8.92 11.34
C THR C 207 33.53 -9.65 11.70
N PHE C 208 32.93 -10.31 10.72
CA PHE C 208 31.68 -11.04 10.94
C PHE C 208 31.65 -12.41 10.27
N PRO C 209 30.76 -13.30 10.75
CA PRO C 209 30.65 -14.63 10.14
C PRO C 209 29.88 -14.40 8.83
N PRO C 210 29.87 -15.40 7.92
CA PRO C 210 29.18 -15.28 6.64
C PRO C 210 27.65 -15.31 6.65
N TYR C 211 27.02 -14.67 7.63
CA TYR C 211 25.56 -14.64 7.70
C TYR C 211 25.08 -13.48 8.57
N ASP C 212 23.78 -13.24 8.57
CA ASP C 212 23.19 -12.16 9.36
C ASP C 212 22.18 -12.65 10.37
N VAL C 213 22.07 -11.93 11.48
CA VAL C 213 21.14 -12.29 12.54
C VAL C 213 20.18 -11.15 12.87
N PHE C 214 18.91 -11.49 13.03
CA PHE C 214 17.86 -10.54 13.40
C PHE C 214 17.03 -11.23 14.48
N PRO C 215 16.67 -10.49 15.56
CA PRO C 215 16.96 -9.09 15.85
C PRO C 215 18.47 -8.82 15.88
N VAL C 216 18.88 -7.64 15.43
CA VAL C 216 20.28 -7.27 15.41
C VAL C 216 20.84 -7.34 16.83
N ASP C 217 21.99 -7.99 16.96
CA ASP C 217 22.67 -8.16 18.25
C ASP C 217 23.72 -7.06 18.41
N PRO C 218 23.50 -6.12 19.35
CA PRO C 218 24.43 -5.01 19.58
C PRO C 218 25.87 -5.45 19.87
N ALA C 219 26.03 -6.62 20.45
CA ALA C 219 27.35 -7.14 20.79
C ALA C 219 28.25 -7.42 19.59
N ARG C 220 27.66 -7.52 18.40
CA ARG C 220 28.45 -7.82 17.21
C ARG C 220 28.98 -6.59 16.46
N THR C 221 28.71 -5.40 17.01
CA THR C 221 29.17 -4.14 16.42
C THR C 221 30.07 -3.43 17.42
N PRO C 222 31.25 -2.95 16.97
CA PRO C 222 32.15 -2.24 17.91
C PRO C 222 31.35 -1.18 18.66
N ALA C 223 31.56 -1.11 19.98
CA ALA C 223 30.84 -0.16 20.84
C ALA C 223 30.69 1.26 20.30
N PRO C 224 31.75 1.84 19.70
CA PRO C 224 31.70 3.20 19.16
C PRO C 224 30.78 3.38 17.95
N GLY C 225 30.45 2.28 17.28
CA GLY C 225 29.59 2.36 16.12
C GLY C 225 30.36 2.29 14.80
N THR C 226 31.66 2.51 14.88
CA THR C 226 32.52 2.47 13.70
C THR C 226 32.88 1.02 13.38
N LEU C 227 33.22 0.75 12.11
CA LEU C 227 33.60 -0.61 11.72
C LEU C 227 35.11 -0.75 11.55
N SER C 228 35.80 0.40 11.58
CA SER C 228 37.26 0.44 11.46
C SER C 228 37.73 1.78 12.04
N SER C 229 39.00 1.88 12.39
CA SER C 229 39.55 3.09 12.98
C SER C 229 39.92 4.18 11.97
N ALA C 230 39.59 5.42 12.30
CA ALA C 230 39.88 6.57 11.44
C ALA C 230 41.08 7.34 11.98
N LYS C 231 41.88 6.70 12.83
CA LYS C 231 43.04 7.33 13.42
C LYS C 231 43.99 7.92 12.37
N THR C 232 44.18 7.21 11.28
CA THR C 232 45.06 7.66 10.21
C THR C 232 44.42 8.63 9.22
N ALA C 233 43.18 9.03 9.47
CA ALA C 233 42.50 9.95 8.57
C ALA C 233 43.20 11.30 8.55
N SER C 234 43.08 12.03 7.44
CA SER C 234 43.72 13.33 7.32
C SER C 234 43.08 14.19 6.23
N ARG C 235 43.25 15.50 6.37
CA ARG C 235 42.71 16.45 5.41
C ARG C 235 43.34 16.18 4.05
N GLU C 236 44.63 15.84 4.05
CA GLU C 236 45.37 15.55 2.83
C GLU C 236 44.72 14.38 2.10
N LYS C 237 44.39 13.33 2.84
CA LYS C 237 43.74 12.16 2.25
C LYS C 237 42.39 12.61 1.70
N GLY C 238 41.70 13.47 2.43
CA GLY C 238 40.42 13.97 2.01
C GLY C 238 40.51 14.74 0.71
N GLU C 239 41.52 15.60 0.60
CA GLU C 239 41.71 16.40 -0.61
C GLU C 239 41.93 15.49 -1.82
N LEU C 240 42.69 14.42 -1.62
CA LEU C 240 42.99 13.47 -2.69
C LEU C 240 41.73 12.73 -3.12
N ILE C 241 41.04 12.16 -2.15
CA ILE C 241 39.80 11.42 -2.42
C ILE C 241 38.85 12.30 -3.22
N LEU C 242 38.60 13.50 -2.70
CA LEU C 242 37.70 14.45 -3.32
C LEU C 242 38.01 14.69 -4.79
N GLU C 243 39.23 15.13 -5.09
CA GLU C 243 39.60 15.41 -6.47
C GLU C 243 39.48 14.20 -7.39
N VAL C 244 39.71 13.01 -6.84
CA VAL C 244 39.60 11.79 -7.63
C VAL C 244 38.13 11.53 -7.99
N CYS C 245 37.26 11.57 -6.99
CA CYS C 245 35.84 11.33 -7.21
C CYS C 245 35.23 12.37 -8.15
N VAL C 246 35.51 13.65 -7.89
CA VAL C 246 34.98 14.73 -8.71
C VAL C 246 35.34 14.53 -10.19
N GLN C 247 36.63 14.30 -10.45
CA GLN C 247 37.10 14.10 -11.81
C GLN C 247 36.47 12.87 -12.46
N GLY C 248 36.42 11.77 -11.71
CA GLY C 248 35.86 10.54 -12.24
C GLY C 248 34.38 10.61 -12.57
N ILE C 249 33.61 11.16 -11.63
CA ILE C 249 32.17 11.29 -11.82
C ILE C 249 31.86 12.26 -12.95
N ALA C 250 32.63 13.33 -13.05
CA ALA C 250 32.42 14.32 -14.10
C ALA C 250 32.59 13.65 -15.46
N ASP C 251 33.62 12.81 -15.60
CA ASP C 251 33.85 12.12 -16.86
C ASP C 251 32.76 11.09 -17.15
N ALA C 252 32.30 10.41 -16.10
CA ALA C 252 31.24 9.41 -16.25
C ALA C 252 29.98 10.06 -16.80
N ILE C 253 29.66 11.24 -16.27
CA ILE C 253 28.48 11.99 -16.69
C ILE C 253 28.64 12.54 -18.10
N ARG C 254 29.82 13.02 -18.43
CA ARG C 254 30.08 13.55 -19.78
C ARG C 254 29.92 12.40 -20.76
N GLU C 255 30.19 11.19 -20.30
CA GLU C 255 30.09 10.00 -21.12
C GLU C 255 28.63 9.56 -21.35
N GLU C 256 27.85 9.50 -20.29
CA GLU C 256 26.46 9.07 -20.38
C GLU C 256 25.49 10.17 -20.84
N PHE C 257 25.84 11.43 -20.56
CA PHE C 257 25.02 12.56 -20.98
C PHE C 257 25.88 13.52 -21.82
N PRO C 258 26.36 13.05 -22.98
CA PRO C 258 27.20 13.88 -23.86
C PRO C 258 26.48 15.14 -24.30
N PRO C 259 27.14 16.30 -24.16
CA PRO C 259 26.56 17.59 -24.56
C PRO C 259 26.16 17.65 -26.04
N LYS D 3 10.12 -38.79 8.38
CA LYS D 3 10.21 -39.28 6.97
C LYS D 3 11.04 -38.31 6.12
N SER D 4 10.44 -37.19 5.74
CA SER D 4 11.11 -36.19 4.91
C SER D 4 11.43 -34.93 5.72
N VAL D 5 12.34 -34.11 5.21
CA VAL D 5 12.68 -32.87 5.90
C VAL D 5 11.84 -31.72 5.34
N PHE D 6 11.08 -32.00 4.28
CA PHE D 6 10.23 -30.99 3.67
C PHE D 6 8.87 -30.90 4.37
N VAL D 7 8.56 -29.70 4.86
CA VAL D 7 7.29 -29.45 5.56
C VAL D 7 6.10 -29.82 4.69
N GLY D 8 6.19 -29.55 3.39
CA GLY D 8 5.11 -29.86 2.49
C GLY D 8 4.75 -31.33 2.36
N GLU D 9 5.69 -32.21 2.70
CA GLU D 9 5.44 -33.65 2.60
C GLU D 9 5.05 -34.26 3.94
N LEU D 10 4.85 -33.42 4.95
CA LEU D 10 4.45 -33.91 6.27
C LEU D 10 2.97 -33.62 6.50
N THR D 11 2.35 -34.36 7.42
CA THR D 11 0.95 -34.12 7.76
C THR D 11 1.02 -32.98 8.77
N TRP D 12 -0.08 -32.30 9.05
CA TRP D 12 0.01 -31.21 10.02
C TRP D 12 0.32 -31.76 11.40
N LYS D 13 -0.07 -33.01 11.64
CA LYS D 13 0.19 -33.65 12.93
C LYS D 13 1.70 -33.86 13.11
N GLU D 14 2.36 -34.30 12.04
CA GLU D 14 3.81 -34.53 12.07
C GLU D 14 4.53 -33.21 12.34
N TYR D 15 4.21 -32.21 11.53
CA TYR D 15 4.79 -30.87 11.68
C TYR D 15 4.56 -30.35 13.10
N GLU D 16 3.32 -30.47 13.57
CA GLU D 16 2.98 -30.02 14.90
C GLU D 16 3.84 -30.69 15.98
N ALA D 17 4.07 -31.99 15.82
CA ALA D 17 4.88 -32.74 16.76
C ALA D 17 6.33 -32.22 16.78
N ARG D 18 6.87 -31.93 15.61
CA ARG D 18 8.24 -31.42 15.52
C ARG D 18 8.38 -30.08 16.22
N VAL D 19 7.45 -29.17 15.96
CA VAL D 19 7.52 -27.85 16.60
C VAL D 19 7.35 -27.98 18.11
N ALA D 20 6.52 -28.92 18.54
CA ALA D 20 6.31 -29.12 19.97
C ALA D 20 7.61 -29.44 20.69
N ALA D 21 8.63 -29.85 19.94
CA ALA D 21 9.93 -30.19 20.51
C ALA D 21 10.54 -29.00 21.26
N GLY D 22 10.16 -27.79 20.85
CA GLY D 22 10.66 -26.60 21.52
C GLY D 22 11.91 -25.94 20.97
N ASP D 23 12.63 -26.65 20.09
CA ASP D 23 13.85 -26.09 19.50
C ASP D 23 13.99 -26.42 18.02
N CYS D 24 12.85 -26.61 17.35
CA CYS D 24 12.82 -26.95 15.94
C CYS D 24 13.22 -25.78 15.04
N VAL D 25 14.21 -26.02 14.18
CA VAL D 25 14.70 -25.02 13.24
C VAL D 25 14.03 -25.21 11.89
N LEU D 26 13.54 -24.11 11.31
CA LEU D 26 12.90 -24.15 10.00
C LEU D 26 13.78 -23.44 8.98
N MET D 27 13.76 -23.90 7.74
CA MET D 27 14.56 -23.30 6.68
C MET D 27 13.68 -22.91 5.50
N LEU D 28 13.89 -21.70 4.98
CA LEU D 28 13.12 -21.19 3.85
C LEU D 28 14.00 -20.77 2.69
N PRO D 29 13.97 -21.53 1.59
CA PRO D 29 14.79 -21.16 0.43
C PRO D 29 14.08 -20.02 -0.31
N VAL D 30 14.83 -19.01 -0.72
CA VAL D 30 14.23 -17.89 -1.45
C VAL D 30 14.99 -17.79 -2.78
N GLY D 31 14.32 -18.12 -3.87
CA GLY D 31 14.98 -18.11 -5.16
C GLY D 31 14.43 -17.14 -6.19
N ALA D 32 14.33 -17.64 -7.43
CA ALA D 32 13.85 -16.82 -8.54
C ALA D 32 13.75 -17.65 -9.81
N LEU D 33 13.04 -17.09 -10.80
CA LEU D 33 12.92 -17.73 -12.11
C LEU D 33 13.68 -16.71 -12.94
N GLU D 34 14.90 -17.06 -13.32
CA GLU D 34 15.78 -16.15 -14.04
C GLU D 34 16.65 -16.85 -15.06
N GLN D 35 16.92 -16.18 -16.17
CA GLN D 35 17.75 -16.73 -17.22
C GLN D 35 19.13 -17.01 -16.66
N HIS D 36 19.71 -18.14 -17.05
CA HIS D 36 21.05 -18.50 -16.61
C HIS D 36 21.87 -18.98 -17.81
N GLY D 37 21.91 -18.16 -18.86
CA GLY D 37 22.65 -18.49 -20.05
C GLY D 37 22.04 -19.53 -20.97
N HIS D 38 22.78 -19.93 -21.99
CA HIS D 38 22.32 -20.92 -22.96
C HIS D 38 22.38 -22.35 -22.41
N HIS D 39 23.23 -22.56 -21.40
CA HIS D 39 23.46 -23.90 -20.86
C HIS D 39 22.69 -24.42 -19.63
N MET D 40 21.94 -23.57 -18.94
CA MET D 40 21.20 -24.04 -17.76
C MET D 40 19.75 -23.60 -17.75
N CYS D 41 18.94 -24.34 -16.99
CA CYS D 41 17.52 -24.03 -16.86
C CYS D 41 17.36 -22.73 -16.07
N MET D 42 16.14 -22.22 -16.02
CA MET D 42 15.89 -20.95 -15.33
C MET D 42 15.53 -21.02 -13.84
N ASN D 43 15.37 -22.22 -13.29
CA ASN D 43 15.00 -22.32 -11.86
C ASN D 43 16.21 -22.57 -10.93
N VAL D 44 17.41 -22.37 -11.45
CA VAL D 44 18.64 -22.57 -10.68
C VAL D 44 18.62 -21.95 -9.27
N ASP D 45 18.22 -20.68 -9.18
CA ASP D 45 18.17 -19.96 -7.91
C ASP D 45 17.23 -20.59 -6.88
N VAL D 46 16.33 -21.45 -7.33
CA VAL D 46 15.41 -22.14 -6.43
C VAL D 46 16.01 -23.52 -6.11
N LEU D 47 16.42 -24.23 -7.15
CA LEU D 47 17.00 -25.58 -7.00
C LEU D 47 18.19 -25.67 -6.08
N LEU D 48 19.15 -24.76 -6.24
CA LEU D 48 20.36 -24.78 -5.43
C LEU D 48 20.16 -24.55 -3.94
N PRO D 49 19.56 -23.41 -3.54
CA PRO D 49 19.40 -23.23 -2.09
C PRO D 49 18.50 -24.32 -1.50
N THR D 50 17.56 -24.82 -2.29
CA THR D 50 16.65 -25.86 -1.83
C THR D 50 17.43 -27.16 -1.58
N ALA D 51 18.37 -27.48 -2.49
CA ALA D 51 19.18 -28.68 -2.36
C ALA D 51 20.13 -28.57 -1.17
N VAL D 52 20.67 -27.37 -0.96
CA VAL D 52 21.58 -27.15 0.16
C VAL D 52 20.80 -27.22 1.47
N CYS D 53 19.59 -26.65 1.48
CA CYS D 53 18.73 -26.68 2.66
C CYS D 53 18.37 -28.13 3.01
N LYS D 54 18.02 -28.91 1.99
CA LYS D 54 17.65 -30.30 2.20
C LYS D 54 18.73 -31.06 2.94
N ARG D 55 19.96 -30.97 2.43
CA ARG D 55 21.09 -31.65 3.05
C ARG D 55 21.41 -31.11 4.44
N VAL D 56 21.42 -29.79 4.60
CA VAL D 56 21.69 -29.20 5.91
C VAL D 56 20.62 -29.64 6.92
N ALA D 57 19.37 -29.55 6.52
CA ALA D 57 18.25 -29.93 7.38
C ALA D 57 18.39 -31.39 7.82
N GLU D 58 18.74 -32.25 6.88
CA GLU D 58 18.92 -33.66 7.16
C GLU D 58 20.03 -33.86 8.19
N ARG D 59 21.15 -33.16 7.98
CA ARG D 59 22.30 -33.26 8.86
C ARG D 59 22.07 -32.77 10.30
N ILE D 60 21.32 -31.67 10.45
CA ILE D 60 21.08 -31.11 11.79
C ILE D 60 19.68 -31.31 12.37
N GLY D 61 18.81 -32.03 11.67
CA GLY D 61 17.47 -32.27 12.18
C GLY D 61 16.50 -31.10 12.08
N ALA D 62 16.57 -30.35 10.97
CA ALA D 62 15.69 -29.21 10.76
C ALA D 62 14.67 -29.55 9.66
N LEU D 63 13.74 -28.64 9.41
CA LEU D 63 12.71 -28.83 8.38
C LEU D 63 12.82 -27.74 7.33
N VAL D 64 12.35 -28.03 6.13
CA VAL D 64 12.44 -27.09 5.02
C VAL D 64 11.07 -26.72 4.45
N MET D 65 10.77 -25.43 4.46
CA MET D 65 9.52 -24.88 3.96
C MET D 65 9.55 -24.78 2.43
N PRO D 66 8.38 -24.77 1.79
CA PRO D 66 8.32 -24.66 0.32
C PRO D 66 9.09 -23.40 -0.09
N GLY D 67 9.89 -23.48 -1.14
CA GLY D 67 10.67 -22.32 -1.54
C GLY D 67 9.93 -21.25 -2.33
N LEU D 68 10.41 -20.01 -2.26
CA LEU D 68 9.78 -18.93 -3.01
C LEU D 68 10.32 -19.08 -4.44
N GLN D 69 9.41 -19.30 -5.37
CA GLN D 69 9.78 -19.53 -6.78
C GLN D 69 10.10 -18.28 -7.59
N TYR D 70 9.61 -17.13 -7.13
CA TYR D 70 9.83 -15.86 -7.82
C TYR D 70 10.51 -14.84 -6.92
N GLY D 71 11.54 -14.19 -7.44
CA GLY D 71 12.27 -13.20 -6.66
C GLY D 71 12.26 -11.81 -7.26
N TYR D 72 13.10 -10.92 -6.73
CA TYR D 72 13.16 -9.54 -7.20
C TYR D 72 13.77 -9.39 -8.59
N LYS D 73 13.47 -8.27 -9.23
CA LYS D 73 13.96 -7.96 -10.57
C LYS D 73 15.47 -8.18 -10.72
N SER D 74 15.84 -8.88 -11.78
CA SER D 74 17.23 -9.16 -12.09
C SER D 74 17.95 -7.84 -12.40
N GLN D 75 19.13 -7.64 -11.82
CA GLN D 75 19.90 -6.42 -12.07
C GLN D 75 21.07 -6.74 -12.99
N GLN D 76 21.38 -5.82 -13.90
CA GLN D 76 22.45 -6.02 -14.87
C GLN D 76 23.79 -6.52 -14.35
N LYS D 77 24.33 -5.86 -13.33
CA LYS D 77 25.62 -6.24 -12.78
C LYS D 77 25.66 -7.51 -11.94
N SER D 78 24.51 -8.13 -11.70
CA SER D 78 24.49 -9.34 -10.90
C SER D 78 23.79 -10.52 -11.58
N GLY D 79 22.71 -10.26 -12.31
CA GLY D 79 22.00 -11.34 -12.97
C GLY D 79 21.77 -11.14 -14.46
N GLY D 80 22.36 -10.09 -15.02
CA GLY D 80 22.21 -9.82 -16.44
C GLY D 80 21.20 -8.74 -16.81
N GLY D 81 20.12 -8.60 -16.04
CA GLY D 81 19.14 -7.58 -16.34
C GLY D 81 17.74 -8.15 -16.49
N ASN D 82 16.72 -7.38 -16.14
CA ASN D 82 15.35 -7.87 -16.22
C ASN D 82 14.71 -7.73 -17.60
N HIS D 83 15.52 -7.50 -18.63
CA HIS D 83 14.99 -7.37 -19.99
C HIS D 83 14.96 -8.72 -20.71
N PHE D 84 15.59 -9.73 -20.12
CA PHE D 84 15.62 -11.05 -20.75
C PHE D 84 14.29 -11.78 -20.68
N PRO D 85 13.98 -12.58 -21.72
CA PRO D 85 12.73 -13.35 -21.77
C PRO D 85 12.89 -14.43 -20.68
N GLY D 86 11.79 -15.01 -20.24
CA GLY D 86 11.89 -16.06 -19.23
C GLY D 86 11.96 -15.57 -17.79
N THR D 87 12.91 -14.67 -17.52
CA THR D 87 13.05 -14.09 -16.18
C THR D 87 11.68 -13.52 -15.81
N THR D 88 11.14 -13.92 -14.67
CA THR D 88 9.82 -13.47 -14.22
C THR D 88 9.97 -12.95 -12.80
N SER D 89 10.01 -11.62 -12.67
CA SER D 89 10.24 -10.98 -11.37
C SER D 89 9.09 -10.29 -10.68
N LEU D 90 9.19 -10.22 -9.36
CA LEU D 90 8.19 -9.58 -8.50
C LEU D 90 8.66 -8.18 -8.13
N ASP D 91 7.72 -7.32 -7.76
CA ASP D 91 8.07 -5.98 -7.32
C ASP D 91 8.60 -6.16 -5.90
N GLY D 92 9.37 -5.20 -5.41
CA GLY D 92 9.91 -5.29 -4.07
C GLY D 92 8.87 -5.49 -2.98
N ALA D 93 7.80 -4.71 -3.02
CA ALA D 93 6.74 -4.82 -2.02
C ALA D 93 6.17 -6.24 -1.95
N THR D 94 6.06 -6.88 -3.12
CA THR D 94 5.51 -8.22 -3.19
C THR D 94 6.40 -9.25 -2.48
N LEU D 95 7.70 -9.19 -2.74
CA LEU D 95 8.64 -10.13 -2.11
C LEU D 95 8.71 -9.85 -0.62
N THR D 96 8.80 -8.59 -0.25
CA THR D 96 8.85 -8.20 1.15
C THR D 96 7.61 -8.69 1.90
N GLY D 97 6.45 -8.52 1.29
CA GLY D 97 5.20 -8.97 1.91
C GLY D 97 5.10 -10.48 2.06
N THR D 98 5.66 -11.21 1.11
CA THR D 98 5.62 -12.68 1.16
C THR D 98 6.46 -13.18 2.34
N VAL D 99 7.64 -12.59 2.48
CA VAL D 99 8.55 -12.96 3.58
C VAL D 99 7.89 -12.63 4.92
N GLN D 100 7.29 -11.44 4.99
CA GLN D 100 6.62 -11.00 6.20
C GLN D 100 5.46 -11.92 6.60
N ASP D 101 4.60 -12.26 5.63
CA ASP D 101 3.46 -13.13 5.92
C ASP D 101 3.88 -14.51 6.43
N ILE D 102 4.93 -15.08 5.84
CA ILE D 102 5.39 -16.40 6.25
C ILE D 102 5.89 -16.38 7.68
N ILE D 103 6.67 -15.36 8.03
CA ILE D 103 7.20 -15.24 9.38
C ILE D 103 6.06 -15.09 10.39
N ARG D 104 5.07 -14.26 10.06
CA ARG D 104 3.92 -14.05 10.94
C ARG D 104 3.25 -15.41 11.22
N GLU D 105 3.05 -16.19 10.16
CA GLU D 105 2.41 -17.50 10.26
C GLU D 105 3.23 -18.52 11.05
N LEU D 106 4.54 -18.56 10.82
CA LEU D 106 5.39 -19.50 11.53
C LEU D 106 5.34 -19.17 13.03
N ALA D 107 5.30 -17.87 13.35
CA ALA D 107 5.24 -17.47 14.75
C ALA D 107 3.91 -17.92 15.37
N ARG D 108 2.87 -18.01 14.55
CA ARG D 108 1.57 -18.45 15.03
C ARG D 108 1.58 -19.95 15.34
N HIS D 109 2.45 -20.69 14.64
CA HIS D 109 2.58 -22.14 14.85
C HIS D 109 3.32 -22.40 16.15
N GLY D 110 4.06 -21.40 16.61
CA GLY D 110 4.83 -21.57 17.83
C GLY D 110 6.32 -21.65 17.52
N ALA D 111 6.66 -21.65 16.22
CA ALA D 111 8.04 -21.71 15.78
C ALA D 111 8.75 -20.41 16.17
N ARG D 112 10.06 -20.49 16.44
CA ARG D 112 10.82 -19.30 16.83
C ARG D 112 12.22 -19.24 16.23
N ARG D 113 12.53 -20.18 15.34
CA ARG D 113 13.86 -20.24 14.72
C ARG D 113 13.76 -20.43 13.22
N LEU D 114 14.22 -19.44 12.46
CA LEU D 114 14.15 -19.52 11.01
C LEU D 114 15.46 -19.17 10.32
N VAL D 115 15.78 -19.95 9.29
CA VAL D 115 16.96 -19.70 8.49
C VAL D 115 16.45 -19.36 7.09
N LEU D 116 16.81 -18.20 6.58
CA LEU D 116 16.41 -17.84 5.22
C LEU D 116 17.64 -18.00 4.35
N MET D 117 17.56 -18.90 3.37
CA MET D 117 18.70 -19.10 2.49
C MET D 117 18.36 -18.52 1.13
N ASN D 118 19.04 -17.42 0.81
CA ASN D 118 18.83 -16.73 -0.45
C ASN D 118 19.70 -17.33 -1.54
N GLY D 119 19.13 -17.48 -2.74
CA GLY D 119 19.89 -18.02 -3.85
C GLY D 119 19.88 -17.07 -5.04
N HIS D 120 19.31 -15.88 -4.83
CA HIS D 120 19.21 -14.84 -5.86
C HIS D 120 19.62 -13.52 -5.19
N TYR D 121 20.84 -13.08 -5.49
CA TYR D 121 21.41 -11.86 -4.91
C TYR D 121 20.47 -10.66 -4.76
N GLU D 122 19.71 -10.36 -5.80
CA GLU D 122 18.79 -9.22 -5.80
C GLU D 122 17.70 -9.25 -4.72
N ASN D 123 17.41 -10.43 -4.15
CA ASN D 123 16.38 -10.57 -3.13
C ASN D 123 16.80 -9.99 -1.77
N SER D 124 18.11 -9.98 -1.54
CA SER D 124 18.69 -9.55 -0.28
C SER D 124 17.98 -8.51 0.57
N MET D 125 17.99 -7.26 0.13
CA MET D 125 17.37 -6.20 0.93
C MET D 125 15.86 -6.25 1.11
N PHE D 126 15.17 -6.94 0.21
CA PHE D 126 13.73 -7.06 0.34
C PHE D 126 13.41 -8.16 1.35
N ILE D 127 14.33 -9.12 1.47
CA ILE D 127 14.19 -10.20 2.44
C ILE D 127 14.40 -9.53 3.82
N VAL D 128 15.41 -8.68 3.90
CA VAL D 128 15.74 -7.95 5.12
C VAL D 128 14.55 -7.13 5.61
N GLU D 129 13.91 -6.39 4.71
CA GLU D 129 12.75 -5.57 5.09
C GLU D 129 11.56 -6.44 5.50
N GLY D 130 11.41 -7.61 4.89
CA GLY D 130 10.31 -8.48 5.26
C GLY D 130 10.49 -8.94 6.69
N ILE D 131 11.73 -9.26 7.04
CA ILE D 131 12.08 -9.70 8.38
C ILE D 131 11.82 -8.60 9.40
N ASP D 132 12.30 -7.40 9.10
CA ASP D 132 12.12 -6.29 10.03
C ASP D 132 10.65 -5.97 10.28
N LEU D 133 9.85 -5.92 9.22
CA LEU D 133 8.44 -5.61 9.38
C LEU D 133 7.73 -6.71 10.17
N ALA D 134 8.13 -7.96 9.94
CA ALA D 134 7.53 -9.08 10.66
C ALA D 134 7.90 -9.02 12.15
N LEU D 135 9.17 -8.81 12.44
CA LEU D 135 9.62 -8.74 13.84
C LEU D 135 8.99 -7.54 14.55
N ARG D 136 8.80 -6.43 13.83
CA ARG D 136 8.18 -5.23 14.41
C ARG D 136 6.78 -5.63 14.87
N GLU D 137 6.09 -6.35 14.01
CA GLU D 137 4.74 -6.82 14.25
C GLU D 137 4.69 -7.82 15.42
N LEU D 138 5.61 -8.77 15.44
CA LEU D 138 5.66 -9.77 16.50
C LEU D 138 5.85 -9.07 17.85
N ARG D 139 6.63 -8.01 17.82
CA ARG D 139 6.92 -7.21 18.99
C ARG D 139 5.62 -6.59 19.52
N TYR D 140 4.77 -6.11 18.62
CA TYR D 140 3.51 -5.51 19.02
C TYR D 140 2.60 -6.56 19.63
N ALA D 141 2.87 -7.83 19.29
CA ALA D 141 2.07 -8.94 19.81
C ALA D 141 2.68 -9.56 21.06
N GLY D 142 3.76 -8.95 21.56
CA GLY D 142 4.40 -9.47 22.76
C GLY D 142 5.40 -10.58 22.53
N ILE D 143 5.82 -10.78 21.28
CA ILE D 143 6.78 -11.84 20.95
C ILE D 143 8.14 -11.25 20.57
N GLN D 144 9.15 -11.55 21.38
CA GLN D 144 10.50 -11.04 21.11
C GLN D 144 11.54 -12.15 21.11
N ASP D 145 11.09 -13.40 21.04
CA ASP D 145 12.01 -14.53 21.02
C ASP D 145 12.07 -15.25 19.68
N PHE D 146 11.64 -14.58 18.61
CA PHE D 146 11.71 -15.19 17.29
C PHE D 146 13.05 -14.71 16.73
N LYS D 147 13.89 -15.65 16.30
CA LYS D 147 15.21 -15.32 15.79
C LYS D 147 15.38 -15.76 14.34
N VAL D 148 15.98 -14.89 13.54
CA VAL D 148 16.19 -15.19 12.12
C VAL D 148 17.66 -15.12 11.71
N VAL D 149 18.08 -16.09 10.91
CA VAL D 149 19.43 -16.13 10.39
C VAL D 149 19.28 -16.04 8.87
N VAL D 150 19.89 -15.03 8.26
CA VAL D 150 19.82 -14.85 6.81
C VAL D 150 21.21 -15.09 6.22
N LEU D 151 21.26 -15.86 5.15
CA LEU D 151 22.53 -16.16 4.52
C LEU D 151 22.38 -16.55 3.05
N SER D 152 23.42 -16.31 2.27
CA SER D 152 23.47 -16.69 0.86
C SER D 152 24.52 -17.80 0.90
N TYR D 153 24.12 -19.01 0.53
CA TYR D 153 25.02 -20.16 0.59
C TYR D 153 26.43 -19.96 0.01
N ALA D 154 26.55 -19.15 -1.02
CA ALA D 154 27.85 -18.91 -1.64
C ALA D 154 28.86 -18.25 -0.70
N ASP D 155 28.36 -17.47 0.26
CA ASP D 155 29.23 -16.79 1.21
C ASP D 155 30.05 -17.71 2.11
N PHE D 156 29.72 -19.01 2.11
CA PHE D 156 30.46 -19.94 2.94
C PHE D 156 31.70 -20.55 2.30
N VAL D 157 31.96 -20.20 1.05
CA VAL D 157 33.15 -20.69 0.35
C VAL D 157 34.18 -19.57 0.44
N LYS D 158 34.94 -19.55 1.53
CA LYS D 158 35.94 -18.52 1.79
C LYS D 158 37.38 -19.00 1.81
N ASP D 159 37.60 -20.24 2.23
CA ASP D 159 38.96 -20.76 2.30
C ASP D 159 39.70 -20.68 0.97
N PRO D 160 40.83 -19.96 0.96
CA PRO D 160 41.66 -19.78 -0.24
C PRO D 160 42.02 -21.11 -0.90
N ALA D 161 42.25 -22.13 -0.08
CA ALA D 161 42.59 -23.45 -0.58
C ALA D 161 41.45 -24.01 -1.42
N VAL D 162 40.22 -23.60 -1.08
CA VAL D 162 39.05 -24.05 -1.82
C VAL D 162 38.95 -23.24 -3.11
N ILE D 163 39.13 -21.93 -2.99
CA ILE D 163 39.07 -21.03 -4.14
C ILE D 163 40.11 -21.48 -5.17
N GLN D 164 41.26 -21.92 -4.70
CA GLN D 164 42.34 -22.37 -5.57
C GLN D 164 41.93 -23.58 -6.42
N GLN D 165 41.23 -24.53 -5.80
CA GLN D 165 40.77 -25.72 -6.51
C GLN D 165 39.71 -25.37 -7.54
N LEU D 166 38.84 -24.43 -7.19
CA LEU D 166 37.76 -24.01 -8.09
C LEU D 166 38.25 -23.11 -9.21
N TYR D 167 39.23 -22.26 -8.89
CA TYR D 167 39.78 -21.32 -9.87
C TYR D 167 41.30 -21.38 -9.89
N PRO D 168 41.85 -22.51 -10.39
CA PRO D 168 43.31 -22.65 -10.45
C PRO D 168 43.96 -21.60 -11.35
N GLU D 169 43.21 -21.07 -12.31
CA GLU D 169 43.72 -20.06 -13.22
C GLU D 169 43.58 -18.67 -12.60
N GLY D 170 43.03 -18.62 -11.39
CA GLY D 170 42.84 -17.36 -10.71
C GLY D 170 41.38 -16.96 -10.61
N PHE D 171 40.96 -16.63 -9.39
CA PHE D 171 39.58 -16.21 -9.13
C PHE D 171 39.41 -14.74 -9.51
N LEU D 172 38.29 -14.40 -10.12
CA LEU D 172 38.05 -13.03 -10.55
C LEU D 172 36.87 -12.35 -9.86
N GLY D 173 36.63 -12.70 -8.59
CA GLY D 173 35.54 -12.09 -7.87
C GLY D 173 34.17 -12.72 -8.11
N TRP D 174 33.27 -12.55 -7.15
CA TRP D 174 31.93 -13.12 -7.24
C TRP D 174 30.94 -12.29 -8.04
N ASP D 175 31.27 -11.03 -8.30
CA ASP D 175 30.38 -10.15 -9.04
C ASP D 175 30.08 -10.58 -10.47
N ILE D 176 30.89 -11.49 -11.02
CA ILE D 176 30.69 -11.96 -12.39
C ILE D 176 30.26 -13.42 -12.46
N GLU D 177 29.94 -14.01 -11.30
CA GLU D 177 29.55 -15.42 -11.25
C GLU D 177 28.23 -15.86 -11.87
N HIS D 178 27.27 -14.96 -12.06
CA HIS D 178 25.98 -15.38 -12.63
C HIS D 178 26.10 -16.31 -13.84
N GLY D 179 25.70 -17.56 -13.64
CA GLY D 179 25.76 -18.55 -14.71
C GLY D 179 27.17 -19.04 -14.98
N GLY D 180 28.11 -18.66 -14.13
CA GLY D 180 29.49 -19.06 -14.31
C GLY D 180 29.87 -20.40 -13.69
N VAL D 181 31.16 -20.53 -13.41
CA VAL D 181 31.74 -21.74 -12.84
C VAL D 181 31.07 -22.25 -11.57
N PHE D 182 30.76 -21.34 -10.65
CA PHE D 182 30.17 -21.72 -9.35
C PHE D 182 28.80 -22.40 -9.40
N GLU D 183 27.77 -21.73 -9.92
CA GLU D 183 26.45 -22.35 -9.96
C GLU D 183 26.41 -23.51 -10.94
N THR D 184 27.12 -23.36 -12.05
CA THR D 184 27.14 -24.42 -13.06
C THR D 184 27.72 -25.71 -12.49
N SER D 185 28.77 -25.60 -11.67
CA SER D 185 29.40 -26.77 -11.07
C SER D 185 28.43 -27.46 -10.11
N LEU D 186 27.74 -26.66 -9.29
CA LEU D 186 26.78 -27.20 -8.34
C LEU D 186 25.65 -27.93 -9.08
N MET D 187 25.20 -27.34 -10.18
CA MET D 187 24.14 -27.94 -10.99
C MET D 187 24.62 -29.23 -11.66
N LEU D 188 25.89 -29.27 -12.04
CA LEU D 188 26.43 -30.47 -12.66
C LEU D 188 26.41 -31.63 -11.67
N ALA D 189 26.62 -31.30 -10.39
CA ALA D 189 26.63 -32.31 -9.33
C ALA D 189 25.24 -32.65 -8.81
N LEU D 190 24.33 -31.70 -8.87
CA LEU D 190 22.99 -31.91 -8.35
C LEU D 190 21.91 -32.22 -9.38
N TYR D 191 21.91 -31.48 -10.48
CA TYR D 191 20.91 -31.67 -11.53
C TYR D 191 21.55 -31.72 -12.91
N PRO D 192 22.31 -32.80 -13.19
CA PRO D 192 22.99 -32.97 -14.48
C PRO D 192 22.08 -32.91 -15.70
N ASP D 193 20.85 -33.40 -15.58
CA ASP D 193 19.91 -33.38 -16.71
C ASP D 193 19.45 -31.98 -17.08
N LEU D 194 19.63 -31.03 -16.17
CA LEU D 194 19.21 -29.65 -16.41
C LEU D 194 20.34 -28.73 -16.84
N VAL D 195 21.51 -29.31 -17.12
CA VAL D 195 22.67 -28.54 -17.54
C VAL D 195 23.27 -29.17 -18.80
N ASP D 196 23.53 -28.34 -19.81
CA ASP D 196 24.13 -28.79 -21.06
C ASP D 196 25.39 -27.96 -21.27
N LEU D 197 26.50 -28.39 -20.66
CA LEU D 197 27.74 -27.65 -20.74
C LEU D 197 28.25 -27.41 -22.16
N ASP D 198 27.82 -28.23 -23.10
CA ASP D 198 28.22 -28.07 -24.50
C ASP D 198 27.63 -26.80 -25.11
N ARG D 199 26.68 -26.19 -24.42
CA ARG D 199 26.06 -24.97 -24.92
C ARG D 199 26.70 -23.70 -24.39
N VAL D 200 27.65 -23.85 -23.47
CA VAL D 200 28.34 -22.70 -22.87
C VAL D 200 29.03 -21.82 -23.91
N VAL D 201 28.88 -20.51 -23.76
CA VAL D 201 29.53 -19.54 -24.64
C VAL D 201 30.71 -19.00 -23.84
N ASP D 202 31.92 -19.34 -24.25
CA ASP D 202 33.14 -18.95 -23.56
C ASP D 202 33.58 -17.50 -23.80
N HIS D 203 32.78 -16.55 -23.35
CA HIS D 203 33.09 -15.12 -23.52
C HIS D 203 33.91 -14.57 -22.35
N PRO D 204 34.65 -13.47 -22.59
CA PRO D 204 35.47 -12.86 -21.53
C PRO D 204 34.59 -12.39 -20.37
N PRO D 205 35.18 -12.27 -19.17
CA PRO D 205 34.43 -11.81 -17.99
C PRO D 205 33.80 -10.45 -18.22
N ALA D 206 32.54 -10.31 -17.84
CA ALA D 206 31.84 -9.04 -18.01
C ALA D 206 32.47 -7.98 -17.11
N THR D 207 32.66 -6.77 -17.65
CA THR D 207 33.23 -5.68 -16.88
C THR D 207 32.30 -4.48 -17.03
N PHE D 208 32.19 -3.67 -15.97
CA PHE D 208 31.32 -2.50 -15.98
C PHE D 208 31.98 -1.29 -15.35
N PRO D 209 31.49 -0.09 -15.69
CA PRO D 209 32.04 1.14 -15.12
C PRO D 209 31.51 1.21 -13.68
N PRO D 210 32.02 2.14 -12.85
CA PRO D 210 31.56 2.25 -11.47
C PRO D 210 30.21 2.93 -11.26
N TYR D 211 29.26 2.63 -12.14
CA TYR D 211 27.92 3.20 -12.03
C TYR D 211 26.92 2.31 -12.74
N ASP D 212 25.64 2.59 -12.51
CA ASP D 212 24.57 1.81 -13.11
C ASP D 212 23.70 2.71 -13.98
N VAL D 213 23.11 2.14 -15.02
CA VAL D 213 22.26 2.91 -15.93
C VAL D 213 20.86 2.31 -16.09
N PHE D 214 19.86 3.18 -16.07
CA PHE D 214 18.46 2.78 -16.24
C PHE D 214 17.81 3.76 -17.24
N PRO D 215 16.97 3.26 -18.17
CA PRO D 215 16.57 1.86 -18.38
C PRO D 215 17.79 0.99 -18.66
N VAL D 216 17.71 -0.29 -18.29
CA VAL D 216 18.84 -1.19 -18.50
C VAL D 216 19.19 -1.28 -19.98
N ASP D 217 20.47 -1.11 -20.29
CA ASP D 217 20.97 -1.16 -21.66
C ASP D 217 21.46 -2.57 -22.00
N PRO D 218 20.70 -3.30 -22.83
CA PRO D 218 21.01 -4.66 -23.26
C PRO D 218 22.43 -4.88 -23.78
N ALA D 219 23.02 -3.84 -24.35
CA ALA D 219 24.37 -3.93 -24.90
C ALA D 219 25.48 -4.10 -23.87
N ARG D 220 25.19 -3.79 -22.62
CA ARG D 220 26.20 -3.91 -21.57
C ARG D 220 26.24 -5.29 -20.90
N THR D 221 25.38 -6.19 -21.36
CA THR D 221 25.34 -7.56 -20.83
C THR D 221 25.71 -8.54 -21.94
N PRO D 222 26.58 -9.52 -21.65
CA PRO D 222 26.94 -10.49 -22.69
C PRO D 222 25.67 -11.12 -23.28
N ALA D 223 25.63 -11.28 -24.60
CA ALA D 223 24.46 -11.84 -25.27
C ALA D 223 23.86 -13.08 -24.63
N PRO D 224 24.70 -14.05 -24.21
CA PRO D 224 24.18 -15.27 -23.59
C PRO D 224 23.44 -15.07 -22.27
N GLY D 225 23.72 -13.95 -21.59
CA GLY D 225 23.07 -13.68 -20.33
C GLY D 225 23.99 -13.93 -19.14
N THR D 226 25.05 -14.69 -19.37
CA THR D 226 26.03 -15.01 -18.35
C THR D 226 27.01 -13.84 -18.15
N LEU D 227 27.53 -13.71 -16.94
CA LEU D 227 28.50 -12.66 -16.64
C LEU D 227 29.93 -13.18 -16.70
N SER D 228 30.08 -14.50 -16.79
CA SER D 228 31.39 -15.14 -16.89
C SER D 228 31.20 -16.54 -17.48
N SER D 229 32.24 -17.08 -18.10
CA SER D 229 32.16 -18.41 -18.71
C SER D 229 32.23 -19.59 -17.74
N ALA D 230 31.35 -20.56 -17.92
CA ALA D 230 31.31 -21.74 -17.07
C ALA D 230 32.02 -22.93 -17.73
N LYS D 231 32.85 -22.65 -18.73
CA LYS D 231 33.57 -23.68 -19.45
C LYS D 231 34.39 -24.62 -18.57
N THR D 232 34.97 -24.09 -17.49
CA THR D 232 35.78 -24.89 -16.57
C THR D 232 34.98 -25.51 -15.42
N ALA D 233 33.66 -25.48 -15.52
CA ALA D 233 32.80 -26.06 -14.48
C ALA D 233 32.86 -27.59 -14.52
N SER D 234 32.60 -28.24 -13.40
CA SER D 234 32.60 -29.70 -13.33
C SER D 234 31.83 -30.19 -12.11
N ARG D 235 31.37 -31.44 -12.15
CA ARG D 235 30.63 -31.98 -11.04
C ARG D 235 31.52 -32.13 -9.81
N GLU D 236 32.82 -32.36 -10.03
CA GLU D 236 33.75 -32.51 -8.91
C GLU D 236 33.88 -31.17 -8.17
N LYS D 237 33.91 -30.06 -8.92
CA LYS D 237 34.00 -28.75 -8.29
C LYS D 237 32.69 -28.54 -7.54
N GLY D 238 31.60 -29.00 -8.13
CA GLY D 238 30.30 -28.86 -7.50
C GLY D 238 30.22 -29.67 -6.22
N GLU D 239 30.82 -30.86 -6.21
CA GLU D 239 30.79 -31.70 -5.01
C GLU D 239 31.57 -31.03 -3.89
N LEU D 240 32.68 -30.39 -4.24
CA LEU D 240 33.50 -29.69 -3.27
C LEU D 240 32.71 -28.52 -2.67
N ILE D 241 32.11 -27.71 -3.55
CA ILE D 241 31.34 -26.55 -3.12
C ILE D 241 30.21 -26.95 -2.18
N LEU D 242 29.49 -28.02 -2.55
CA LEU D 242 28.37 -28.49 -1.75
C LEU D 242 28.79 -28.91 -0.34
N GLU D 243 29.86 -29.69 -0.23
CA GLU D 243 30.32 -30.11 1.08
C GLU D 243 30.76 -28.93 1.96
N VAL D 244 31.45 -27.97 1.35
CA VAL D 244 31.90 -26.79 2.08
C VAL D 244 30.71 -25.95 2.59
N CYS D 245 29.70 -25.79 1.74
CA CYS D 245 28.51 -25.02 2.11
C CYS D 245 27.67 -25.76 3.16
N VAL D 246 27.42 -27.04 2.92
CA VAL D 246 26.61 -27.84 3.84
C VAL D 246 27.22 -27.87 5.24
N GLN D 247 28.54 -28.07 5.29
CA GLN D 247 29.27 -28.13 6.56
C GLN D 247 29.31 -26.77 7.25
N GLY D 248 29.66 -25.73 6.50
CA GLY D 248 29.74 -24.39 7.05
C GLY D 248 28.41 -23.88 7.57
N ILE D 249 27.35 -24.10 6.80
CA ILE D 249 26.03 -23.65 7.19
C ILE D 249 25.47 -24.47 8.36
N ALA D 250 25.69 -25.78 8.32
CA ALA D 250 25.22 -26.67 9.38
C ALA D 250 25.84 -26.24 10.71
N ASP D 251 27.13 -25.92 10.69
CA ASP D 251 27.82 -25.50 11.90
C ASP D 251 27.30 -24.16 12.40
N ALA D 252 27.03 -23.26 11.46
CA ALA D 252 26.54 -21.93 11.80
C ALA D 252 25.18 -22.04 12.49
N ILE D 253 24.32 -22.94 12.00
CA ILE D 253 23.01 -23.13 12.60
C ILE D 253 23.09 -23.74 14.00
N ARG D 254 24.01 -24.66 14.20
CA ARG D 254 24.15 -25.28 15.51
C ARG D 254 24.63 -24.22 16.51
N GLU D 255 25.46 -23.30 16.03
CA GLU D 255 25.99 -22.21 16.84
C GLU D 255 24.90 -21.19 17.20
N GLU D 256 24.08 -20.82 16.23
CA GLU D 256 23.02 -19.84 16.47
C GLU D 256 21.73 -20.42 17.03
N PHE D 257 21.47 -21.69 16.72
CA PHE D 257 20.26 -22.37 17.20
C PHE D 257 20.62 -23.67 17.93
N PRO D 258 21.31 -23.57 19.07
CA PRO D 258 21.67 -24.80 19.78
C PRO D 258 20.44 -25.49 20.38
N PRO D 259 20.54 -26.82 20.60
CA PRO D 259 19.43 -27.59 21.16
C PRO D 259 19.09 -27.13 22.58
N SER E 4 10.96 -31.01 -21.53
CA SER E 4 10.05 -30.79 -20.37
C SER E 4 8.93 -29.81 -20.68
N VAL E 5 7.85 -29.88 -19.92
CA VAL E 5 6.74 -28.95 -20.12
C VAL E 5 6.80 -27.87 -19.05
N PHE E 6 7.80 -27.97 -18.17
CA PHE E 6 7.96 -26.99 -17.09
C PHE E 6 8.92 -25.86 -17.46
N VAL E 7 8.41 -24.64 -17.46
CA VAL E 7 9.22 -23.48 -17.81
C VAL E 7 10.50 -23.42 -17.00
N GLY E 8 10.42 -23.80 -15.73
CA GLY E 8 11.59 -23.76 -14.87
C GLY E 8 12.74 -24.66 -15.32
N GLU E 9 12.42 -25.72 -16.03
CA GLU E 9 13.44 -26.66 -16.50
C GLU E 9 14.02 -26.31 -17.86
N LEU E 10 13.54 -25.22 -18.46
CA LEU E 10 14.02 -24.80 -19.77
C LEU E 10 15.05 -23.67 -19.65
N THR E 11 15.88 -23.49 -20.68
CA THR E 11 16.85 -22.39 -20.67
C THR E 11 16.07 -21.21 -21.22
N TRP E 12 16.57 -19.99 -21.06
CA TRP E 12 15.80 -18.86 -21.56
C TRP E 12 15.68 -18.90 -23.09
N LYS E 13 16.66 -19.51 -23.75
CA LYS E 13 16.64 -19.60 -25.21
C LYS E 13 15.50 -20.50 -25.69
N GLU E 14 15.29 -21.61 -25.00
CA GLU E 14 14.23 -22.55 -25.35
C GLU E 14 12.87 -21.90 -25.11
N TYR E 15 12.73 -21.22 -23.96
CA TYR E 15 11.49 -20.54 -23.62
C TYR E 15 11.19 -19.49 -24.67
N GLU E 16 12.20 -18.68 -24.99
CA GLU E 16 12.06 -17.63 -25.98
C GLU E 16 11.55 -18.18 -27.31
N ALA E 17 12.10 -19.32 -27.70
CA ALA E 17 11.74 -19.99 -28.95
C ALA E 17 10.27 -20.40 -28.97
N ARG E 18 9.81 -20.96 -27.85
CA ARG E 18 8.42 -21.39 -27.77
C ARG E 18 7.42 -20.23 -27.75
N VAL E 19 7.85 -19.08 -27.23
CA VAL E 19 6.95 -17.92 -27.21
C VAL E 19 6.99 -17.23 -28.58
N ALA E 20 8.15 -17.30 -29.23
CA ALA E 20 8.33 -16.69 -30.55
C ALA E 20 7.39 -17.30 -31.58
N ALA E 21 6.96 -18.53 -31.35
CA ALA E 21 6.04 -19.21 -32.27
C ALA E 21 4.75 -18.40 -32.40
N GLY E 22 4.39 -17.69 -31.34
CA GLY E 22 3.20 -16.86 -31.36
C GLY E 22 1.90 -17.48 -30.88
N ASP E 23 1.92 -18.77 -30.56
CA ASP E 23 0.71 -19.45 -30.10
C ASP E 23 0.90 -20.12 -28.75
N CYS E 24 2.05 -19.89 -28.13
CA CYS E 24 2.35 -20.51 -26.84
C CYS E 24 1.34 -20.26 -25.73
N VAL E 25 0.96 -21.34 -25.05
CA VAL E 25 0.02 -21.25 -23.94
C VAL E 25 0.76 -21.56 -22.63
N LEU E 26 0.58 -20.70 -21.63
CA LEU E 26 1.23 -20.90 -20.34
C LEU E 26 0.23 -21.30 -19.27
N MET E 27 0.69 -22.07 -18.29
CA MET E 27 -0.17 -22.53 -17.21
C MET E 27 0.47 -22.23 -15.86
N LEU E 28 -0.31 -21.65 -14.95
CA LEU E 28 0.20 -21.31 -13.62
C LEU E 28 -0.56 -22.01 -12.50
N PRO E 29 0.09 -22.97 -11.82
CA PRO E 29 -0.57 -23.67 -10.72
C PRO E 29 -0.56 -22.74 -9.50
N VAL E 30 -1.69 -22.64 -8.81
CA VAL E 30 -1.80 -21.80 -7.62
C VAL E 30 -2.33 -22.66 -6.47
N GLY E 31 -1.47 -22.94 -5.51
CA GLY E 31 -1.88 -23.78 -4.40
C GLY E 31 -1.81 -23.15 -3.02
N ALA E 32 -1.33 -23.94 -2.06
CA ALA E 32 -1.23 -23.47 -0.68
C ALA E 32 -0.59 -24.54 0.20
N LEU E 33 -0.09 -24.10 1.35
CA LEU E 33 0.50 -25.02 2.33
C LEU E 33 -0.62 -25.04 3.35
N GLU E 34 -1.40 -26.12 3.34
CA GLU E 34 -2.56 -26.24 4.21
C GLU E 34 -2.71 -27.64 4.80
N GLN E 35 -3.15 -27.73 6.05
CA GLN E 35 -3.35 -29.03 6.69
C GLN E 35 -4.40 -29.81 5.92
N HIS E 36 -4.17 -31.11 5.78
CA HIS E 36 -5.11 -31.97 5.05
C HIS E 36 -5.41 -33.27 5.78
N GLY E 37 -5.75 -33.15 7.06
CA GLY E 37 -6.07 -34.31 7.87
C GLY E 37 -4.84 -35.02 8.42
N HIS E 38 -5.09 -36.16 9.06
CA HIS E 38 -4.02 -36.96 9.65
C HIS E 38 -3.41 -37.89 8.60
N HIS E 39 -4.07 -38.04 7.46
CA HIS E 39 -3.61 -38.96 6.42
C HIS E 39 -2.85 -38.44 5.19
N MET E 40 -2.81 -37.13 4.97
CA MET E 40 -2.11 -36.59 3.80
C MET E 40 -1.12 -35.48 4.14
N CYS E 41 -0.23 -35.19 3.19
CA CYS E 41 0.77 -34.14 3.36
C CYS E 41 0.07 -32.79 3.22
N MET E 42 0.76 -31.71 3.57
CA MET E 42 0.19 -30.37 3.51
C MET E 42 0.34 -29.62 2.18
N ASN E 43 1.06 -30.18 1.22
CA ASN E 43 1.23 -29.48 -0.06
C ASN E 43 0.29 -29.99 -1.15
N VAL E 44 -0.76 -30.67 -0.73
CA VAL E 44 -1.77 -31.23 -1.63
C VAL E 44 -2.29 -30.24 -2.68
N ASP E 45 -2.63 -29.02 -2.27
CA ASP E 45 -3.16 -28.02 -3.20
C ASP E 45 -2.17 -27.51 -4.24
N VAL E 46 -0.91 -27.89 -4.06
CA VAL E 46 0.13 -27.51 -5.01
C VAL E 46 0.34 -28.71 -5.94
N LEU E 47 0.49 -29.89 -5.33
CA LEU E 47 0.72 -31.13 -6.06
C LEU E 47 -0.33 -31.48 -7.10
N LEU E 48 -1.60 -31.49 -6.71
CA LEU E 48 -2.68 -31.86 -7.61
C LEU E 48 -2.81 -30.95 -8.84
N PRO E 49 -2.97 -29.63 -8.63
CA PRO E 49 -3.10 -28.79 -9.82
C PRO E 49 -1.85 -28.84 -10.72
N THR E 50 -0.69 -29.02 -10.12
CA THR E 50 0.55 -29.08 -10.89
C THR E 50 0.56 -30.37 -11.71
N ALA E 51 0.11 -31.47 -11.11
CA ALA E 51 0.07 -32.77 -11.79
C ALA E 51 -0.88 -32.69 -12.97
N VAL E 52 -2.04 -32.08 -12.77
CA VAL E 52 -3.02 -31.94 -13.83
C VAL E 52 -2.48 -31.07 -14.95
N CYS E 53 -1.80 -29.97 -14.59
CA CYS E 53 -1.22 -29.08 -15.58
C CYS E 53 -0.21 -29.80 -16.46
N LYS E 54 0.64 -30.62 -15.83
CA LYS E 54 1.67 -31.36 -16.55
C LYS E 54 1.06 -32.24 -17.64
N ARG E 55 0.07 -33.04 -17.25
CA ARG E 55 -0.59 -33.93 -18.18
C ARG E 55 -1.35 -33.18 -19.27
N VAL E 56 -1.98 -32.07 -18.92
CA VAL E 56 -2.70 -31.29 -19.91
C VAL E 56 -1.71 -30.65 -20.87
N ALA E 57 -0.65 -30.06 -20.30
CA ALA E 57 0.39 -29.40 -21.09
C ALA E 57 1.05 -30.35 -22.08
N GLU E 58 1.20 -31.61 -21.68
CA GLU E 58 1.81 -32.61 -22.53
C GLU E 58 0.93 -32.93 -23.74
N ARG E 59 -0.38 -32.90 -23.52
CA ARG E 59 -1.33 -33.21 -24.59
C ARG E 59 -1.60 -32.05 -25.55
N ILE E 60 -1.53 -30.82 -25.07
CA ILE E 60 -1.82 -29.67 -25.93
C ILE E 60 -0.61 -28.85 -26.37
N GLY E 61 0.58 -29.18 -25.86
CA GLY E 61 1.77 -28.44 -26.24
C GLY E 61 1.96 -27.14 -25.47
N ALA E 62 1.48 -27.11 -24.24
CA ALA E 62 1.61 -25.91 -23.40
C ALA E 62 2.79 -26.04 -22.44
N LEU E 63 3.05 -24.97 -21.68
CA LEU E 63 4.14 -24.96 -20.70
C LEU E 63 3.61 -24.58 -19.33
N VAL E 64 4.23 -25.13 -18.28
CA VAL E 64 3.78 -24.89 -16.91
C VAL E 64 4.79 -24.06 -16.10
N MET E 65 4.31 -22.95 -15.55
CA MET E 65 5.13 -22.05 -14.73
C MET E 65 5.29 -22.60 -13.32
N PRO E 66 6.32 -22.16 -12.60
CA PRO E 66 6.53 -22.63 -11.24
C PRO E 66 5.24 -22.30 -10.50
N GLY E 67 4.77 -23.21 -9.66
CA GLY E 67 3.52 -22.96 -8.97
C GLY E 67 3.64 -22.09 -7.73
N LEU E 68 2.56 -21.40 -7.38
CA LEU E 68 2.57 -20.58 -6.18
C LEU E 68 2.37 -21.56 -5.03
N GLN E 69 3.33 -21.60 -4.12
CA GLN E 69 3.31 -22.54 -2.99
C GLN E 69 2.45 -22.11 -1.80
N TYR E 70 2.20 -20.81 -1.67
CA TYR E 70 1.41 -20.29 -0.55
C TYR E 70 0.16 -19.56 -1.03
N GLY E 71 -0.98 -19.91 -0.45
CA GLY E 71 -2.23 -19.29 -0.84
C GLY E 71 -2.87 -18.47 0.26
N TYR E 72 -4.10 -18.02 0.03
CA TYR E 72 -4.80 -17.21 1.01
C TYR E 72 -5.17 -18.00 2.27
N LYS E 73 -5.54 -17.27 3.32
CA LYS E 73 -5.93 -17.84 4.59
C LYS E 73 -7.05 -18.88 4.45
N SER E 74 -6.86 -20.02 5.10
CA SER E 74 -7.84 -21.11 5.07
C SER E 74 -9.12 -20.69 5.81
N GLN E 75 -10.27 -21.00 5.23
CA GLN E 75 -11.56 -20.66 5.85
C GLN E 75 -12.21 -21.95 6.36
N GLN E 76 -12.79 -21.87 7.56
CA GLN E 76 -13.42 -23.02 8.21
C GLN E 76 -14.30 -23.89 7.32
N LYS E 77 -15.26 -23.29 6.65
CA LYS E 77 -16.18 -24.04 5.80
C LYS E 77 -15.58 -24.64 4.54
N SER E 78 -14.33 -24.30 4.23
CA SER E 78 -13.71 -24.83 3.02
C SER E 78 -12.42 -25.58 3.26
N GLY E 79 -11.58 -25.07 4.17
CA GLY E 79 -10.31 -25.72 4.45
C GLY E 79 -10.07 -26.03 5.91
N GLY E 80 -11.09 -25.80 6.75
CA GLY E 80 -10.96 -26.09 8.16
C GLY E 80 -10.63 -24.92 9.05
N GLY E 81 -10.01 -23.87 8.51
CA GLY E 81 -9.67 -22.71 9.32
C GLY E 81 -8.18 -22.46 9.40
N ASN E 82 -7.81 -21.21 9.66
CA ASN E 82 -6.40 -20.84 9.72
C ASN E 82 -5.78 -20.92 11.12
N HIS E 83 -6.44 -21.62 12.02
CA HIS E 83 -5.92 -21.78 13.39
C HIS E 83 -5.07 -23.04 13.50
N PHE E 84 -5.04 -23.82 12.43
CA PHE E 84 -4.27 -25.07 12.38
C PHE E 84 -2.78 -24.81 12.17
N PRO E 85 -1.92 -25.59 12.84
CA PRO E 85 -0.47 -25.39 12.65
C PRO E 85 -0.13 -25.96 11.27
N GLY E 86 1.03 -25.63 10.75
CA GLY E 86 1.40 -26.16 9.43
C GLY E 86 0.86 -25.27 8.33
N THR E 87 -0.43 -24.96 8.39
CA THR E 87 -1.07 -24.10 7.40
C THR E 87 -0.32 -22.76 7.45
N THR E 88 0.23 -22.35 6.30
CA THR E 88 0.99 -21.09 6.21
C THR E 88 0.38 -20.25 5.10
N SER E 89 -0.35 -19.21 5.50
CA SER E 89 -1.07 -18.36 4.57
C SER E 89 -0.58 -16.93 4.37
N LEU E 90 -0.87 -16.40 3.19
CA LEU E 90 -0.50 -15.04 2.81
C LEU E 90 -1.69 -14.11 2.98
N ASP E 91 -1.42 -12.81 3.15
CA ASP E 91 -2.49 -11.83 3.25
C ASP E 91 -2.99 -11.68 1.81
N GLY E 92 -4.23 -11.20 1.66
CA GLY E 92 -4.81 -11.03 0.34
C GLY E 92 -4.03 -10.15 -0.62
N ALA E 93 -3.52 -9.03 -0.11
CA ALA E 93 -2.75 -8.11 -0.96
C ALA E 93 -1.50 -8.79 -1.52
N THR E 94 -0.87 -9.63 -0.70
CA THR E 94 0.35 -10.32 -1.10
C THR E 94 0.09 -11.28 -2.26
N LEU E 95 -0.93 -12.10 -2.12
CA LEU E 95 -1.28 -13.05 -3.17
C LEU E 95 -1.71 -12.32 -4.45
N THR E 96 -2.52 -11.28 -4.29
CA THR E 96 -2.99 -10.49 -5.42
C THR E 96 -1.80 -9.90 -6.18
N GLY E 97 -0.86 -9.33 -5.43
CA GLY E 97 0.31 -8.72 -6.04
C GLY E 97 1.20 -9.71 -6.77
N THR E 98 1.30 -10.92 -6.22
CA THR E 98 2.12 -11.98 -6.85
C THR E 98 1.56 -12.32 -8.22
N VAL E 99 0.25 -12.52 -8.29
CA VAL E 99 -0.42 -12.84 -9.54
C VAL E 99 -0.24 -11.67 -10.52
N GLN E 100 -0.45 -10.46 -10.02
CA GLN E 100 -0.30 -9.26 -10.84
C GLN E 100 1.10 -9.14 -11.45
N ASP E 101 2.12 -9.31 -10.61
CA ASP E 101 3.51 -9.21 -11.07
C ASP E 101 3.86 -10.23 -12.15
N ILE E 102 3.43 -11.47 -11.98
CA ILE E 102 3.73 -12.51 -12.96
C ILE E 102 3.10 -12.22 -14.32
N ILE E 103 1.85 -11.78 -14.32
CA ILE E 103 1.16 -11.46 -15.57
C ILE E 103 1.88 -10.32 -16.28
N ARG E 104 2.32 -9.32 -15.51
CA ARG E 104 3.03 -8.18 -16.07
C ARG E 104 4.29 -8.68 -16.80
N GLU E 105 5.03 -9.56 -16.15
CA GLU E 105 6.27 -10.09 -16.73
C GLU E 105 6.03 -10.98 -17.95
N LEU E 106 5.01 -11.83 -17.90
CA LEU E 106 4.70 -12.70 -19.02
C LEU E 106 4.34 -11.85 -20.22
N ALA E 107 3.61 -10.76 -19.97
CA ALA E 107 3.24 -9.85 -21.05
C ALA E 107 4.52 -9.27 -21.64
N ARG E 108 5.47 -8.91 -20.78
CA ARG E 108 6.74 -8.37 -21.23
C ARG E 108 7.49 -9.36 -22.13
N HIS E 109 7.38 -10.64 -21.81
CA HIS E 109 8.04 -11.71 -22.60
C HIS E 109 7.41 -11.78 -23.99
N GLY E 110 6.14 -11.39 -24.06
CA GLY E 110 5.43 -11.43 -25.31
C GLY E 110 4.33 -12.48 -25.27
N ALA E 111 4.16 -13.13 -24.12
CA ALA E 111 3.13 -14.15 -23.94
C ALA E 111 1.78 -13.44 -23.89
N ARG E 112 0.71 -14.15 -24.28
CA ARG E 112 -0.63 -13.54 -24.29
C ARG E 112 -1.74 -14.51 -23.92
N ARG E 113 -1.37 -15.74 -23.59
CA ARG E 113 -2.35 -16.76 -23.23
C ARG E 113 -1.99 -17.43 -21.92
N LEU E 114 -2.82 -17.22 -20.92
CA LEU E 114 -2.55 -17.80 -19.61
C LEU E 114 -3.70 -18.56 -19.00
N VAL E 115 -3.39 -19.74 -18.48
CA VAL E 115 -4.38 -20.56 -17.80
C VAL E 115 -3.92 -20.62 -16.35
N LEU E 116 -4.78 -20.17 -15.45
CA LEU E 116 -4.46 -20.19 -14.02
C LEU E 116 -5.25 -21.33 -13.39
N MET E 117 -4.55 -22.34 -12.89
CA MET E 117 -5.23 -23.46 -12.27
C MET E 117 -5.16 -23.37 -10.76
N ASN E 118 -6.29 -23.03 -10.16
CA ASN E 118 -6.38 -22.88 -8.72
C ASN E 118 -6.61 -24.24 -8.08
N GLY E 119 -5.85 -24.54 -7.03
CA GLY E 119 -6.02 -25.81 -6.35
C GLY E 119 -6.43 -25.58 -4.90
N HIS E 120 -6.65 -24.31 -4.56
CA HIS E 120 -7.03 -23.89 -3.21
C HIS E 120 -8.20 -22.90 -3.32
N TYR E 121 -9.39 -23.37 -3.00
CA TYR E 121 -10.61 -22.57 -3.09
C TYR E 121 -10.53 -21.11 -2.62
N GLU E 122 -9.90 -20.88 -1.47
CA GLU E 122 -9.79 -19.54 -0.92
C GLU E 122 -8.98 -18.53 -1.74
N ASN E 123 -8.25 -18.99 -2.75
CA ASN E 123 -7.44 -18.11 -3.58
C ASN E 123 -8.26 -17.34 -4.61
N SER E 124 -9.35 -17.96 -5.03
CA SER E 124 -10.25 -17.43 -6.05
C SER E 124 -10.36 -15.93 -6.27
N MET E 125 -10.90 -15.21 -5.29
CA MET E 125 -11.10 -13.78 -5.44
C MET E 125 -9.84 -12.93 -5.50
N PHE E 126 -8.76 -13.39 -4.88
CA PHE E 126 -7.53 -12.61 -4.90
C PHE E 126 -6.82 -12.84 -6.23
N ILE E 127 -7.06 -14.01 -6.82
CA ILE E 127 -6.48 -14.30 -8.13
C ILE E 127 -7.19 -13.40 -9.12
N VAL E 128 -8.51 -13.30 -8.97
CA VAL E 128 -9.32 -12.46 -9.85
C VAL E 128 -8.86 -10.99 -9.77
N GLU E 129 -8.61 -10.49 -8.57
CA GLU E 129 -8.16 -9.10 -8.43
C GLU E 129 -6.77 -8.93 -9.05
N GLY E 130 -5.89 -9.90 -8.83
CA GLY E 130 -4.56 -9.82 -9.42
C GLY E 130 -4.63 -9.72 -10.93
N ILE E 131 -5.55 -10.49 -11.52
CA ILE E 131 -5.73 -10.47 -12.97
C ILE E 131 -6.28 -9.13 -13.44
N ASP E 132 -7.30 -8.61 -12.75
CA ASP E 132 -7.87 -7.33 -13.15
C ASP E 132 -6.85 -6.19 -13.08
N LEU E 133 -6.10 -6.13 -11.98
CA LEU E 133 -5.10 -5.07 -11.82
C LEU E 133 -4.04 -5.16 -12.91
N ALA E 134 -3.65 -6.38 -13.26
CA ALA E 134 -2.65 -6.61 -14.29
C ALA E 134 -3.16 -6.17 -15.67
N LEU E 135 -4.38 -6.58 -16.01
CA LEU E 135 -4.98 -6.21 -17.29
C LEU E 135 -5.19 -4.70 -17.40
N ARG E 136 -5.53 -4.09 -16.27
CA ARG E 136 -5.75 -2.63 -16.23
C ARG E 136 -4.44 -1.97 -16.64
N GLU E 137 -3.35 -2.49 -16.08
CA GLU E 137 -2.02 -1.98 -16.33
C GLU E 137 -1.61 -2.18 -17.79
N LEU E 138 -1.90 -3.35 -18.33
CA LEU E 138 -1.57 -3.65 -19.72
C LEU E 138 -2.25 -2.67 -20.68
N ARG E 139 -3.50 -2.30 -20.37
CA ARG E 139 -4.20 -1.34 -21.21
C ARG E 139 -3.43 -0.02 -21.25
N TYR E 140 -2.92 0.40 -20.09
CA TYR E 140 -2.14 1.64 -20.02
C TYR E 140 -0.92 1.54 -20.91
N ALA E 141 -0.38 0.33 -21.03
CA ALA E 141 0.81 0.10 -21.85
C ALA E 141 0.44 -0.10 -23.31
N GLY E 142 -0.85 -0.21 -23.60
CA GLY E 142 -1.29 -0.40 -24.97
C GLY E 142 -1.56 -1.85 -25.33
N ILE E 143 -1.64 -2.71 -24.33
CA ILE E 143 -1.89 -4.14 -24.56
C ILE E 143 -3.31 -4.55 -24.17
N GLN E 144 -4.06 -5.07 -25.13
CA GLN E 144 -5.42 -5.51 -24.88
C GLN E 144 -5.68 -6.92 -25.43
N ASP E 145 -4.61 -7.61 -25.83
CA ASP E 145 -4.75 -8.96 -26.38
C ASP E 145 -4.26 -10.08 -25.46
N PHE E 146 -4.13 -9.80 -24.18
CA PHE E 146 -3.70 -10.81 -23.21
C PHE E 146 -4.97 -11.45 -22.66
N LYS E 147 -5.05 -12.77 -22.72
CA LYS E 147 -6.25 -13.46 -22.25
C LYS E 147 -5.96 -14.47 -21.15
N VAL E 148 -6.84 -14.53 -20.16
CA VAL E 148 -6.67 -15.45 -19.05
C VAL E 148 -7.87 -16.32 -18.80
N VAL E 149 -7.62 -17.61 -18.59
CA VAL E 149 -8.67 -18.57 -18.28
C VAL E 149 -8.38 -19.04 -16.86
N VAL E 150 -9.35 -18.89 -15.97
CA VAL E 150 -9.19 -19.31 -14.58
C VAL E 150 -10.07 -20.52 -14.34
N LEU E 151 -9.51 -21.56 -13.74
CA LEU E 151 -10.30 -22.76 -13.48
C LEU E 151 -9.77 -23.62 -12.34
N SER E 152 -10.70 -24.35 -11.70
CA SER E 152 -10.38 -25.27 -10.62
C SER E 152 -10.65 -26.64 -11.20
N TYR E 153 -9.60 -27.43 -11.37
CA TYR E 153 -9.70 -28.76 -11.96
C TYR E 153 -10.90 -29.59 -11.50
N ALA E 154 -11.30 -29.43 -10.25
CA ALA E 154 -12.43 -30.19 -9.71
C ALA E 154 -13.75 -29.95 -10.46
N ASP E 155 -13.93 -28.74 -10.98
CA ASP E 155 -15.16 -28.38 -11.69
C ASP E 155 -15.40 -29.17 -12.98
N PHE E 156 -14.41 -29.94 -13.40
CA PHE E 156 -14.56 -30.72 -14.63
C PHE E 156 -14.99 -32.16 -14.36
N VAL E 157 -15.45 -32.40 -13.14
CA VAL E 157 -15.92 -33.72 -12.75
C VAL E 157 -17.38 -33.57 -12.34
N LYS E 158 -18.25 -33.38 -13.33
CA LYS E 158 -19.67 -33.17 -13.08
C LYS E 158 -20.57 -34.30 -13.60
N ASP E 159 -20.04 -35.09 -14.55
CA ASP E 159 -20.81 -36.19 -15.13
C ASP E 159 -21.41 -37.11 -14.07
N PRO E 160 -22.74 -37.25 -14.05
CA PRO E 160 -23.44 -38.10 -13.08
C PRO E 160 -22.88 -39.52 -13.03
N ALA E 161 -22.53 -40.06 -14.20
CA ALA E 161 -21.98 -41.40 -14.28
C ALA E 161 -20.70 -41.48 -13.45
N VAL E 162 -19.77 -40.58 -13.72
CA VAL E 162 -18.51 -40.55 -12.98
C VAL E 162 -18.77 -40.34 -11.50
N ILE E 163 -19.70 -39.45 -11.18
CA ILE E 163 -20.05 -39.16 -9.79
C ILE E 163 -20.50 -40.46 -9.12
N GLN E 164 -21.34 -41.21 -9.84
CA GLN E 164 -21.86 -42.48 -9.35
C GLN E 164 -20.70 -43.40 -9.01
N GLN E 165 -19.81 -43.59 -9.98
CA GLN E 165 -18.64 -44.46 -9.82
C GLN E 165 -17.82 -44.02 -8.62
N LEU E 166 -17.72 -42.71 -8.42
CA LEU E 166 -16.95 -42.15 -7.31
C LEU E 166 -17.72 -42.22 -5.99
N TYR E 167 -19.01 -41.90 -6.05
CA TYR E 167 -19.85 -41.92 -4.86
C TYR E 167 -21.07 -42.82 -5.06
N PRO E 168 -20.87 -44.15 -4.94
CA PRO E 168 -21.96 -45.11 -5.10
C PRO E 168 -23.00 -44.94 -4.01
N GLU E 169 -22.54 -44.54 -2.82
CA GLU E 169 -23.43 -44.32 -1.68
C GLU E 169 -24.02 -42.92 -1.74
N GLY E 170 -23.88 -42.27 -2.88
CA GLY E 170 -24.42 -40.93 -3.06
C GLY E 170 -23.46 -39.82 -2.66
N PHE E 171 -23.35 -38.82 -3.53
CA PHE E 171 -22.49 -37.67 -3.27
C PHE E 171 -23.20 -36.68 -2.36
N LEU E 172 -22.49 -36.20 -1.34
CA LEU E 172 -23.06 -35.26 -0.38
C LEU E 172 -22.65 -33.81 -0.65
N GLY E 173 -22.11 -33.55 -1.83
CA GLY E 173 -21.71 -32.19 -2.16
C GLY E 173 -20.21 -31.95 -2.11
N TRP E 174 -19.78 -30.81 -2.65
CA TRP E 174 -18.37 -30.46 -2.68
C TRP E 174 -17.89 -29.66 -1.48
N ASP E 175 -18.78 -28.83 -0.93
CA ASP E 175 -18.43 -27.99 0.21
C ASP E 175 -17.88 -28.74 1.42
N ILE E 176 -17.70 -30.05 1.29
CA ILE E 176 -17.17 -30.87 2.37
C ILE E 176 -15.95 -31.66 1.91
N GLU E 177 -15.58 -31.48 0.64
CA GLU E 177 -14.46 -32.18 0.04
C GLU E 177 -13.06 -31.65 0.32
N HIS E 178 -12.72 -31.52 1.60
CA HIS E 178 -11.39 -31.07 1.98
C HIS E 178 -10.72 -32.25 2.67
N GLY E 179 -9.75 -32.86 1.99
CA GLY E 179 -9.07 -34.01 2.55
C GLY E 179 -10.01 -35.20 2.55
N GLY E 180 -10.97 -35.18 1.62
CA GLY E 180 -11.94 -36.26 1.53
C GLY E 180 -11.64 -37.25 0.43
N VAL E 181 -12.69 -37.89 -0.07
CA VAL E 181 -12.56 -38.90 -1.12
C VAL E 181 -11.92 -38.37 -2.40
N PHE E 182 -12.42 -37.25 -2.90
CA PHE E 182 -11.91 -36.67 -4.14
C PHE E 182 -10.40 -36.44 -4.16
N GLU E 183 -9.89 -35.65 -3.22
CA GLU E 183 -8.46 -35.37 -3.17
C GLU E 183 -7.60 -36.57 -2.82
N THR E 184 -8.00 -37.31 -1.79
CA THR E 184 -7.23 -38.48 -1.37
C THR E 184 -7.12 -39.50 -2.50
N SER E 185 -8.17 -39.63 -3.31
CA SER E 185 -8.15 -40.57 -4.42
C SER E 185 -7.14 -40.13 -5.47
N LEU E 186 -7.01 -38.82 -5.66
CA LEU E 186 -6.05 -38.29 -6.62
C LEU E 186 -4.65 -38.49 -6.10
N MET E 187 -4.47 -38.27 -4.80
CA MET E 187 -3.17 -38.44 -4.18
C MET E 187 -2.74 -39.91 -4.16
N LEU E 188 -3.67 -40.82 -3.86
CA LEU E 188 -3.36 -42.24 -3.83
C LEU E 188 -2.82 -42.69 -5.19
N ALA E 189 -3.33 -42.07 -6.24
CA ALA E 189 -2.93 -42.40 -7.61
C ALA E 189 -1.68 -41.66 -8.06
N LEU E 190 -1.46 -40.46 -7.53
CA LEU E 190 -0.30 -39.65 -7.93
C LEU E 190 0.86 -39.63 -6.94
N TYR E 191 0.56 -39.57 -5.65
CA TYR E 191 1.60 -39.53 -4.62
C TYR E 191 1.23 -40.43 -3.45
N PRO E 192 1.13 -41.75 -3.69
CA PRO E 192 0.78 -42.72 -2.65
C PRO E 192 1.68 -42.63 -1.43
N ASP E 193 2.95 -42.34 -1.66
CA ASP E 193 3.93 -42.22 -0.57
C ASP E 193 3.62 -41.05 0.36
N LEU E 194 2.77 -40.14 -0.10
CA LEU E 194 2.41 -38.97 0.71
C LEU E 194 1.02 -39.12 1.29
N VAL E 195 0.53 -40.36 1.28
CA VAL E 195 -0.80 -40.69 1.80
C VAL E 195 -0.75 -42.00 2.60
N ASP E 196 -1.41 -42.00 3.75
CA ASP E 196 -1.49 -43.19 4.61
C ASP E 196 -2.97 -43.33 4.97
N LEU E 197 -3.71 -44.01 4.11
CA LEU E 197 -5.14 -44.20 4.29
C LEU E 197 -5.53 -44.80 5.64
N ASP E 198 -4.61 -45.49 6.30
CA ASP E 198 -4.89 -46.09 7.59
C ASP E 198 -4.97 -45.05 8.71
N ARG E 199 -4.72 -43.79 8.35
CA ARG E 199 -4.77 -42.71 9.33
C ARG E 199 -6.06 -41.91 9.20
N VAL E 200 -6.78 -42.12 8.10
CA VAL E 200 -8.03 -41.43 7.85
C VAL E 200 -8.98 -41.59 9.04
N VAL E 201 -9.52 -40.46 9.50
CA VAL E 201 -10.46 -40.47 10.61
C VAL E 201 -11.87 -40.47 10.03
N ASP E 202 -12.54 -41.62 10.14
CA ASP E 202 -13.89 -41.77 9.60
C ASP E 202 -14.94 -41.09 10.47
N HIS E 203 -15.12 -39.78 10.26
CA HIS E 203 -16.09 -39.00 11.01
C HIS E 203 -17.23 -38.61 10.08
N PRO E 204 -18.38 -38.21 10.65
CA PRO E 204 -19.52 -37.81 9.81
C PRO E 204 -19.25 -36.47 9.13
N PRO E 205 -19.83 -36.25 7.95
CA PRO E 205 -19.64 -34.99 7.20
C PRO E 205 -19.88 -33.75 8.07
N ALA E 206 -19.01 -32.76 7.91
CA ALA E 206 -19.12 -31.52 8.68
C ALA E 206 -20.29 -30.68 8.19
N THR E 207 -20.97 -30.03 9.13
CA THR E 207 -22.10 -29.18 8.82
C THR E 207 -21.95 -27.87 9.61
N PHE E 208 -22.42 -26.78 9.04
CA PHE E 208 -22.33 -25.48 9.69
C PHE E 208 -23.60 -24.67 9.53
N PRO E 209 -23.83 -23.71 10.45
CA PRO E 209 -25.04 -22.89 10.34
C PRO E 209 -24.86 -22.00 9.12
N PRO E 210 -25.91 -21.30 8.68
CA PRO E 210 -25.82 -20.42 7.51
C PRO E 210 -25.09 -19.10 7.73
N TYR E 211 -23.96 -19.12 8.43
CA TYR E 211 -23.19 -17.92 8.68
C TYR E 211 -21.78 -18.25 9.17
N ASP E 212 -20.91 -17.24 9.20
CA ASP E 212 -19.52 -17.42 9.65
C ASP E 212 -19.22 -16.60 10.90
N VAL E 213 -18.28 -17.09 11.69
CA VAL E 213 -17.90 -16.41 12.93
C VAL E 213 -16.40 -16.13 12.99
N PHE E 214 -16.05 -14.94 13.48
CA PHE E 214 -14.66 -14.52 13.61
C PHE E 214 -14.53 -13.83 14.97
N PRO E 215 -13.47 -14.16 15.74
CA PRO E 215 -12.42 -15.14 15.44
C PRO E 215 -12.97 -16.53 15.15
N VAL E 216 -12.31 -17.26 14.27
CA VAL E 216 -12.76 -18.61 13.92
C VAL E 216 -12.86 -19.45 15.20
N ASP E 217 -13.91 -20.27 15.27
CA ASP E 217 -14.14 -21.13 16.42
C ASP E 217 -13.67 -22.56 16.13
N PRO E 218 -12.54 -22.97 16.72
CA PRO E 218 -11.95 -24.30 16.55
C PRO E 218 -12.93 -25.47 16.70
N ALA E 219 -13.79 -25.39 17.71
CA ALA E 219 -14.76 -26.43 17.99
C ALA E 219 -15.75 -26.70 16.86
N ARG E 220 -15.80 -25.80 15.88
CA ARG E 220 -16.73 -25.98 14.76
C ARG E 220 -16.12 -26.70 13.56
N THR E 221 -14.89 -27.18 13.73
CA THR E 221 -14.20 -27.90 12.67
C THR E 221 -13.83 -29.30 13.18
N PRO E 222 -14.12 -30.34 12.38
CA PRO E 222 -13.78 -31.70 12.82
C PRO E 222 -12.34 -31.75 13.30
N ALA E 223 -12.13 -32.34 14.48
CA ALA E 223 -10.81 -32.46 15.10
C ALA E 223 -9.64 -32.78 14.16
N PRO E 224 -9.82 -33.73 13.23
CA PRO E 224 -8.72 -34.07 12.31
C PRO E 224 -8.40 -32.99 11.26
N GLY E 225 -9.31 -32.04 11.08
CA GLY E 225 -9.08 -30.98 10.10
C GLY E 225 -9.82 -31.24 8.80
N THR E 226 -10.26 -32.48 8.63
CA THR E 226 -10.99 -32.89 7.44
C THR E 226 -12.46 -32.51 7.60
N LEU E 227 -13.16 -32.32 6.49
CA LEU E 227 -14.57 -31.97 6.54
C LEU E 227 -15.44 -33.19 6.24
N SER E 228 -14.80 -34.25 5.75
CA SER E 228 -15.49 -35.51 5.43
C SER E 228 -14.46 -36.64 5.37
N SER E 229 -14.90 -37.84 5.74
CA SER E 229 -14.02 -39.02 5.75
C SER E 229 -13.60 -39.45 4.34
N ALA E 230 -12.37 -39.94 4.21
CA ALA E 230 -11.85 -40.40 2.93
C ALA E 230 -11.56 -41.90 2.97
N LYS E 231 -12.31 -42.61 3.79
CA LYS E 231 -12.13 -44.05 3.95
C LYS E 231 -12.40 -44.81 2.66
N THR E 232 -13.34 -44.31 1.86
CA THR E 232 -13.69 -44.96 0.59
C THR E 232 -12.87 -44.45 -0.59
N ALA E 233 -11.77 -43.77 -0.31
CA ALA E 233 -10.91 -43.26 -1.36
C ALA E 233 -10.09 -44.40 -1.93
N SER E 234 -9.67 -44.28 -3.18
CA SER E 234 -8.88 -45.34 -3.81
C SER E 234 -8.11 -44.86 -5.04
N ARG E 235 -7.07 -45.59 -5.40
CA ARG E 235 -6.26 -45.26 -6.56
C ARG E 235 -7.12 -45.33 -7.81
N GLU E 236 -8.03 -46.30 -7.84
CA GLU E 236 -8.92 -46.48 -8.97
C GLU E 236 -9.73 -45.20 -9.21
N LYS E 237 -10.33 -44.68 -8.14
CA LYS E 237 -11.11 -43.46 -8.24
C LYS E 237 -10.23 -42.32 -8.73
N GLY E 238 -9.02 -42.23 -8.17
CA GLY E 238 -8.11 -41.19 -8.57
C GLY E 238 -7.87 -41.19 -10.07
N GLU E 239 -7.56 -42.37 -10.61
CA GLU E 239 -7.30 -42.53 -12.03
C GLU E 239 -8.46 -42.02 -12.88
N LEU E 240 -9.68 -42.30 -12.43
CA LEU E 240 -10.87 -41.86 -13.13
C LEU E 240 -10.92 -40.33 -13.13
N ILE E 241 -10.86 -39.76 -11.94
CA ILE E 241 -10.89 -38.31 -11.77
C ILE E 241 -9.83 -37.65 -12.66
N LEU E 242 -8.60 -38.12 -12.53
CA LEU E 242 -7.48 -37.58 -13.28
C LEU E 242 -7.76 -37.52 -14.78
N GLU E 243 -8.06 -38.66 -15.39
CA GLU E 243 -8.32 -38.69 -16.82
C GLU E 243 -9.47 -37.79 -17.23
N VAL E 244 -10.52 -37.75 -16.41
CA VAL E 244 -11.67 -36.91 -16.70
C VAL E 244 -11.24 -35.44 -16.70
N CYS E 245 -10.55 -35.03 -15.65
CA CYS E 245 -10.07 -33.65 -15.53
C CYS E 245 -9.10 -33.27 -16.63
N VAL E 246 -8.11 -34.13 -16.86
CA VAL E 246 -7.12 -33.86 -17.90
C VAL E 246 -7.80 -33.64 -19.24
N GLN E 247 -8.70 -34.55 -19.60
CA GLN E 247 -9.41 -34.44 -20.87
C GLN E 247 -10.29 -33.21 -20.93
N GLY E 248 -11.17 -33.06 -19.94
CA GLY E 248 -12.07 -31.92 -19.91
C GLY E 248 -11.37 -30.57 -20.02
N ILE E 249 -10.28 -30.41 -19.28
CA ILE E 249 -9.53 -29.15 -19.30
C ILE E 249 -8.82 -28.92 -20.64
N ALA E 250 -8.25 -29.98 -21.21
CA ALA E 250 -7.57 -29.88 -22.49
C ALA E 250 -8.51 -29.33 -23.56
N ASP E 251 -9.74 -29.84 -23.57
CA ASP E 251 -10.75 -29.41 -24.54
C ASP E 251 -11.11 -27.94 -24.32
N ALA E 252 -11.27 -27.55 -23.06
CA ALA E 252 -11.61 -26.17 -22.71
C ALA E 252 -10.55 -25.21 -23.23
N ILE E 253 -9.29 -25.58 -23.08
CA ILE E 253 -8.19 -24.74 -23.52
C ILE E 253 -8.10 -24.66 -25.05
N ARG E 254 -8.41 -25.77 -25.71
CA ARG E 254 -8.37 -25.78 -27.17
C ARG E 254 -9.39 -24.78 -27.69
N GLU E 255 -10.55 -24.74 -27.03
CA GLU E 255 -11.62 -23.83 -27.42
C GLU E 255 -11.33 -22.36 -27.15
N GLU E 256 -10.86 -22.05 -25.94
CA GLU E 256 -10.55 -20.67 -25.59
C GLU E 256 -9.31 -20.16 -26.30
N PHE E 257 -8.31 -21.02 -26.48
CA PHE E 257 -7.10 -20.65 -27.18
C PHE E 257 -6.98 -21.52 -28.43
N PRO E 258 -7.89 -21.32 -29.39
CA PRO E 258 -7.91 -22.08 -30.65
C PRO E 258 -6.60 -22.07 -31.41
N PRO E 259 -6.07 -23.26 -31.74
CA PRO E 259 -4.83 -23.38 -32.48
C PRO E 259 -4.94 -22.72 -33.85
N LYS F 3 -38.30 5.64 18.54
CA LYS F 3 -36.83 5.89 18.40
C LYS F 3 -36.32 5.14 17.17
N SER F 4 -35.13 5.51 16.70
CA SER F 4 -34.55 4.87 15.52
C SER F 4 -33.57 3.76 15.83
N VAL F 5 -33.40 2.84 14.88
CA VAL F 5 -32.46 1.74 15.04
C VAL F 5 -31.19 2.06 14.24
N PHE F 6 -31.22 3.20 13.52
CA PHE F 6 -30.07 3.61 12.73
C PHE F 6 -29.12 4.52 13.49
N VAL F 7 -27.89 4.05 13.65
CA VAL F 7 -26.87 4.82 14.36
C VAL F 7 -26.76 6.23 13.80
N GLY F 8 -26.89 6.35 12.48
CA GLY F 8 -26.78 7.66 11.85
C GLY F 8 -27.80 8.69 12.31
N GLU F 9 -28.98 8.22 12.73
CA GLU F 9 -30.04 9.12 13.18
C GLU F 9 -29.99 9.42 14.68
N LEU F 10 -29.01 8.86 15.38
CA LEU F 10 -28.86 9.08 16.82
C LEU F 10 -27.81 10.15 17.10
N THR F 11 -27.86 10.75 18.28
CA THR F 11 -26.86 11.74 18.68
C THR F 11 -25.75 10.90 19.29
N TRP F 12 -24.55 11.46 19.44
CA TRP F 12 -23.48 10.64 20.01
C TRP F 12 -23.78 10.25 21.46
N LYS F 13 -24.58 11.05 22.16
CA LYS F 13 -24.93 10.75 23.54
C LYS F 13 -25.85 9.53 23.62
N GLU F 14 -26.78 9.42 22.68
CA GLU F 14 -27.72 8.30 22.65
C GLU F 14 -26.96 7.02 22.28
N TYR F 15 -26.02 7.15 21.34
CA TYR F 15 -25.21 6.01 20.91
C TYR F 15 -24.34 5.53 22.06
N GLU F 16 -23.70 6.48 22.73
CA GLU F 16 -22.83 6.20 23.86
C GLU F 16 -23.56 5.43 24.96
N ALA F 17 -24.81 5.83 25.21
CA ALA F 17 -25.63 5.20 26.23
C ALA F 17 -25.95 3.76 25.88
N ARG F 18 -26.25 3.50 24.60
CA ARG F 18 -26.55 2.16 24.17
C ARG F 18 -25.34 1.24 24.22
N VAL F 19 -24.15 1.79 23.99
CA VAL F 19 -22.95 0.96 24.05
C VAL F 19 -22.54 0.76 25.51
N ALA F 20 -22.79 1.79 26.33
CA ALA F 20 -22.48 1.75 27.75
C ALA F 20 -23.20 0.59 28.43
N ALA F 21 -24.36 0.21 27.90
CA ALA F 21 -25.12 -0.90 28.46
C ALA F 21 -24.23 -2.14 28.52
N GLY F 22 -23.33 -2.26 27.56
CA GLY F 22 -22.41 -3.39 27.54
C GLY F 22 -22.82 -4.60 26.73
N ASP F 23 -24.04 -4.61 26.21
CA ASP F 23 -24.52 -5.73 25.41
C ASP F 23 -25.04 -5.28 24.05
N CYS F 24 -24.56 -4.14 23.59
CA CYS F 24 -25.03 -3.60 22.32
C CYS F 24 -24.54 -4.37 21.08
N VAL F 25 -25.46 -4.70 20.20
CA VAL F 25 -25.13 -5.40 18.95
C VAL F 25 -25.28 -4.42 17.79
N LEU F 26 -24.27 -4.38 16.93
CA LEU F 26 -24.28 -3.49 15.78
C LEU F 26 -24.38 -4.29 14.48
N MET F 27 -24.99 -3.68 13.47
CA MET F 27 -25.15 -4.32 12.19
C MET F 27 -24.67 -3.39 11.06
N LEU F 28 -23.87 -3.94 10.15
CA LEU F 28 -23.35 -3.17 9.02
C LEU F 28 -23.74 -3.75 7.67
N PRO F 29 -24.65 -3.08 6.96
CA PRO F 29 -25.05 -3.57 5.64
C PRO F 29 -23.92 -3.29 4.66
N VAL F 30 -23.60 -4.24 3.80
CA VAL F 30 -22.54 -4.05 2.81
C VAL F 30 -23.14 -4.38 1.45
N GLY F 31 -23.29 -3.36 0.61
CA GLY F 31 -23.89 -3.58 -0.69
C GLY F 31 -23.04 -3.23 -1.90
N ALA F 32 -23.66 -2.56 -2.86
CA ALA F 32 -22.98 -2.19 -4.09
C ALA F 32 -23.90 -1.42 -5.01
N LEU F 33 -23.30 -0.72 -5.97
CA LEU F 33 -24.07 0.01 -6.97
C LEU F 33 -23.82 -0.88 -8.19
N GLU F 34 -24.81 -1.68 -8.54
CA GLU F 34 -24.67 -2.64 -9.64
C GLU F 34 -25.94 -2.77 -10.45
N GLN F 35 -25.80 -2.91 -11.77
CA GLN F 35 -26.94 -3.06 -12.65
C GLN F 35 -27.77 -4.26 -12.21
N HIS F 36 -29.09 -4.16 -12.35
CA HIS F 36 -29.97 -5.25 -11.96
C HIS F 36 -31.08 -5.48 -12.98
N GLY F 37 -30.72 -5.46 -14.26
CA GLY F 37 -31.70 -5.68 -15.31
C GLY F 37 -32.39 -4.41 -15.76
N HIS F 38 -33.39 -4.56 -16.63
CA HIS F 38 -34.13 -3.43 -17.12
C HIS F 38 -35.31 -3.10 -16.23
N HIS F 39 -35.56 -3.94 -15.24
CA HIS F 39 -36.71 -3.76 -14.35
C HIS F 39 -36.48 -3.27 -12.92
N MET F 40 -35.23 -3.11 -12.50
CA MET F 40 -34.96 -2.65 -11.13
C MET F 40 -33.88 -1.58 -11.07
N CYS F 41 -33.83 -0.89 -9.94
CA CYS F 41 -32.84 0.16 -9.73
C CYS F 41 -31.48 -0.49 -9.45
N MET F 42 -30.42 0.31 -9.46
CA MET F 42 -29.09 -0.23 -9.24
C MET F 42 -28.61 -0.34 -7.79
N ASN F 43 -29.39 0.15 -6.83
CA ASN F 43 -28.94 0.07 -5.44
C ASN F 43 -29.59 -1.07 -4.64
N VAL F 44 -30.07 -2.08 -5.35
CA VAL F 44 -30.70 -3.24 -4.72
C VAL F 44 -29.87 -3.88 -3.61
N ASP F 45 -28.57 -4.07 -3.87
CA ASP F 45 -27.67 -4.71 -2.89
C ASP F 45 -27.44 -3.94 -1.61
N VAL F 46 -27.89 -2.70 -1.56
CA VAL F 46 -27.78 -1.88 -0.38
C VAL F 46 -29.14 -1.88 0.30
N LEU F 47 -30.17 -1.61 -0.50
CA LEU F 47 -31.55 -1.56 -0.01
C LEU F 47 -32.01 -2.80 0.73
N LEU F 48 -31.87 -3.96 0.10
CA LEU F 48 -32.31 -5.21 0.71
C LEU F 48 -31.66 -5.54 2.04
N PRO F 49 -30.32 -5.65 2.08
CA PRO F 49 -29.70 -5.96 3.37
C PRO F 49 -30.02 -4.92 4.44
N THR F 50 -30.14 -3.66 4.02
CA THR F 50 -30.45 -2.58 4.97
C THR F 50 -31.85 -2.77 5.55
N ALA F 51 -32.81 -3.13 4.69
CA ALA F 51 -34.19 -3.36 5.12
C ALA F 51 -34.24 -4.52 6.12
N VAL F 52 -33.56 -5.61 5.78
CA VAL F 52 -33.53 -6.78 6.64
C VAL F 52 -32.90 -6.43 7.98
N CYS F 53 -31.81 -5.66 7.94
CA CYS F 53 -31.12 -5.24 9.15
C CYS F 53 -32.04 -4.43 10.06
N LYS F 54 -32.81 -3.52 9.46
CA LYS F 54 -33.72 -2.68 10.24
C LYS F 54 -34.75 -3.52 10.98
N ARG F 55 -35.40 -4.43 10.27
CA ARG F 55 -36.41 -5.29 10.87
C ARG F 55 -35.80 -6.21 11.93
N VAL F 56 -34.64 -6.77 11.66
CA VAL F 56 -33.99 -7.64 12.64
C VAL F 56 -33.60 -6.80 13.85
N ALA F 57 -32.99 -5.65 13.61
CA ALA F 57 -32.55 -4.76 14.68
C ALA F 57 -33.71 -4.36 15.59
N GLU F 58 -34.86 -4.06 15.00
CA GLU F 58 -36.03 -3.67 15.78
C GLU F 58 -36.47 -4.78 16.71
N ARG F 59 -36.39 -6.02 16.23
CA ARG F 59 -36.80 -7.18 17.01
C ARG F 59 -35.85 -7.60 18.14
N ILE F 60 -34.55 -7.42 17.94
CA ILE F 60 -33.58 -7.82 18.95
C ILE F 60 -32.96 -6.68 19.75
N GLY F 61 -33.26 -5.44 19.38
CA GLY F 61 -32.71 -4.30 20.10
C GLY F 61 -31.31 -3.93 19.68
N ALA F 62 -30.99 -4.14 18.40
CA ALA F 62 -29.67 -3.81 17.88
C ALA F 62 -29.71 -2.49 17.11
N LEU F 63 -28.55 -2.02 16.65
CA LEU F 63 -28.44 -0.78 15.89
C LEU F 63 -27.80 -1.04 14.52
N VAL F 64 -28.18 -0.24 13.53
CA VAL F 64 -27.68 -0.40 12.18
C VAL F 64 -26.80 0.76 11.72
N MET F 65 -25.57 0.44 11.35
CA MET F 65 -24.59 1.41 10.89
C MET F 65 -24.90 1.82 9.45
N PRO F 66 -24.41 2.99 9.02
CA PRO F 66 -24.66 3.44 7.64
C PRO F 66 -24.08 2.36 6.72
N GLY F 67 -24.82 1.99 5.69
CA GLY F 67 -24.33 0.93 4.81
C GLY F 67 -23.24 1.32 3.84
N LEU F 68 -22.44 0.35 3.41
CA LEU F 68 -21.41 0.62 2.44
C LEU F 68 -22.12 0.58 1.09
N GLN F 69 -22.11 1.72 0.40
CA GLN F 69 -22.79 1.89 -0.88
C GLN F 69 -22.07 1.30 -2.10
N TYR F 70 -20.76 1.14 -2.00
CA TYR F 70 -19.98 0.60 -3.11
C TYR F 70 -19.29 -0.71 -2.73
N GLY F 71 -19.43 -1.72 -3.59
CA GLY F 71 -18.84 -3.02 -3.33
C GLY F 71 -17.80 -3.44 -4.35
N TYR F 72 -17.35 -4.68 -4.28
CA TYR F 72 -16.32 -5.17 -5.19
C TYR F 72 -16.83 -5.34 -6.62
N LYS F 73 -15.89 -5.45 -7.55
CA LYS F 73 -16.18 -5.61 -8.97
C LYS F 73 -17.15 -6.75 -9.25
N SER F 74 -18.14 -6.49 -10.10
CA SER F 74 -19.13 -7.49 -10.46
C SER F 74 -18.47 -8.58 -11.30
N GLN F 75 -18.83 -9.85 -11.02
CA GLN F 75 -18.28 -10.97 -11.76
C GLN F 75 -19.38 -11.58 -12.64
N GLN F 76 -19.01 -11.93 -13.87
CA GLN F 76 -19.96 -12.48 -14.83
C GLN F 76 -20.92 -13.56 -14.32
N LYS F 77 -20.38 -14.62 -13.74
CA LYS F 77 -21.22 -15.71 -13.25
C LYS F 77 -22.06 -15.37 -12.02
N SER F 78 -21.87 -14.20 -11.44
CA SER F 78 -22.65 -13.83 -10.25
C SER F 78 -23.46 -12.55 -10.40
N GLY F 79 -22.83 -11.50 -10.90
CA GLY F 79 -23.51 -10.23 -11.06
C GLY F 79 -23.65 -9.76 -12.50
N GLY F 80 -23.12 -10.56 -13.43
CA GLY F 80 -23.23 -10.21 -14.83
C GLY F 80 -21.98 -9.64 -15.46
N GLY F 81 -21.08 -9.07 -14.66
CA GLY F 81 -19.86 -8.51 -15.20
C GLY F 81 -19.70 -7.02 -14.94
N ASN F 82 -18.45 -6.58 -14.78
CA ASN F 82 -18.17 -5.18 -14.50
C ASN F 82 -18.02 -4.32 -15.76
N HIS F 83 -18.50 -4.83 -16.89
CA HIS F 83 -18.40 -4.07 -18.13
C HIS F 83 -19.67 -3.24 -18.36
N PHE F 84 -20.68 -3.46 -17.52
CA PHE F 84 -21.94 -2.73 -17.63
C PHE F 84 -21.84 -1.31 -17.08
N PRO F 85 -22.50 -0.34 -17.73
CA PRO F 85 -22.43 1.02 -17.20
C PRO F 85 -23.28 1.04 -15.94
N GLY F 86 -23.18 2.11 -15.15
CA GLY F 86 -23.97 2.17 -13.93
C GLY F 86 -23.26 1.48 -12.77
N THR F 87 -22.86 0.23 -12.99
CA THR F 87 -22.13 -0.52 -11.96
C THR F 87 -20.86 0.29 -11.64
N THR F 88 -20.67 0.63 -10.36
CA THR F 88 -19.52 1.41 -9.91
C THR F 88 -18.83 0.61 -8.80
N SER F 89 -17.73 -0.04 -9.14
CA SER F 89 -17.01 -0.90 -8.20
C SER F 89 -15.69 -0.40 -7.65
N LEU F 90 -15.38 -0.84 -6.44
CA LEU F 90 -14.13 -0.51 -5.76
C LEU F 90 -13.10 -1.61 -5.99
N ASP F 91 -11.83 -1.29 -5.78
CA ASP F 91 -10.77 -2.28 -5.89
C ASP F 91 -10.84 -3.05 -4.57
N GLY F 92 -10.31 -4.28 -4.56
CA GLY F 92 -10.35 -5.08 -3.35
C GLY F 92 -9.74 -4.46 -2.11
N ALA F 93 -8.58 -3.83 -2.25
CA ALA F 93 -7.92 -3.21 -1.11
C ALA F 93 -8.78 -2.09 -0.51
N THR F 94 -9.47 -1.36 -1.36
CA THR F 94 -10.32 -0.26 -0.90
C THR F 94 -11.45 -0.78 -0.01
N LEU F 95 -12.15 -1.81 -0.48
CA LEU F 95 -13.25 -2.38 0.30
C LEU F 95 -12.72 -3.01 1.60
N THR F 96 -11.61 -3.73 1.49
CA THR F 96 -11.01 -4.38 2.65
C THR F 96 -10.65 -3.33 3.71
N GLY F 97 -10.01 -2.25 3.27
CA GLY F 97 -9.61 -1.20 4.18
C GLY F 97 -10.80 -0.49 4.81
N THR F 98 -11.90 -0.39 4.07
CA THR F 98 -13.09 0.28 4.60
C THR F 98 -13.64 -0.54 5.77
N VAL F 99 -13.75 -1.85 5.56
CA VAL F 99 -14.25 -2.74 6.60
C VAL F 99 -13.30 -2.71 7.81
N GLN F 100 -12.00 -2.78 7.53
CA GLN F 100 -10.99 -2.74 8.59
C GLN F 100 -11.09 -1.48 9.43
N ASP F 101 -11.18 -0.33 8.78
CA ASP F 101 -11.26 0.94 9.51
C ASP F 101 -12.49 1.03 10.43
N ILE F 102 -13.65 0.61 9.92
CA ILE F 102 -14.87 0.68 10.71
C ILE F 102 -14.79 -0.19 11.96
N ILE F 103 -14.24 -1.40 11.83
CA ILE F 103 -14.11 -2.29 12.97
C ILE F 103 -13.17 -1.66 14.00
N ARG F 104 -12.06 -1.08 13.54
CA ARG F 104 -11.12 -0.43 14.45
C ARG F 104 -11.84 0.66 15.26
N GLU F 105 -12.65 1.46 14.58
CA GLU F 105 -13.38 2.53 15.24
C GLU F 105 -14.47 2.02 16.19
N LEU F 106 -15.21 1.00 15.78
CA LEU F 106 -16.25 0.45 16.65
C LEU F 106 -15.61 -0.08 17.92
N ALA F 107 -14.45 -0.73 17.79
CA ALA F 107 -13.74 -1.25 18.95
C ALA F 107 -13.36 -0.10 19.88
N ARG F 108 -12.92 1.01 19.28
CA ARG F 108 -12.53 2.19 20.06
C ARG F 108 -13.72 2.74 20.86
N HIS F 109 -14.93 2.61 20.32
CA HIS F 109 -16.12 3.09 21.01
C HIS F 109 -16.44 2.18 22.20
N GLY F 110 -15.93 0.95 22.14
CA GLY F 110 -16.17 -0.01 23.21
C GLY F 110 -17.13 -1.10 22.75
N ALA F 111 -17.53 -1.04 21.48
CA ALA F 111 -18.44 -2.05 20.94
C ALA F 111 -17.62 -3.32 20.77
N ARG F 112 -18.29 -4.48 20.86
CA ARG F 112 -17.59 -5.76 20.75
C ARG F 112 -18.36 -6.82 19.97
N ARG F 113 -19.54 -6.47 19.48
CA ARG F 113 -20.37 -7.43 18.74
C ARG F 113 -20.85 -6.83 17.43
N LEU F 114 -20.40 -7.42 16.32
CA LEU F 114 -20.77 -6.91 15.00
C LEU F 114 -21.33 -7.94 14.04
N VAL F 115 -22.42 -7.58 13.38
CA VAL F 115 -23.03 -8.43 12.39
C VAL F 115 -22.84 -7.72 11.05
N LEU F 116 -22.16 -8.38 10.12
CA LEU F 116 -21.93 -7.81 8.80
C LEU F 116 -22.87 -8.51 7.84
N MET F 117 -23.85 -7.78 7.31
CA MET F 117 -24.78 -8.38 6.38
C MET F 117 -24.44 -7.99 4.96
N ASN F 118 -24.01 -8.99 4.19
CA ASN F 118 -23.61 -8.80 2.81
C ASN F 118 -24.78 -8.95 1.85
N GLY F 119 -24.89 -8.03 0.90
CA GLY F 119 -25.96 -8.11 -0.07
C GLY F 119 -25.40 -8.18 -1.48
N HIS F 120 -24.08 -8.29 -1.57
CA HIS F 120 -23.36 -8.35 -2.85
C HIS F 120 -22.35 -9.50 -2.75
N TYR F 121 -22.67 -10.60 -3.43
CA TYR F 121 -21.83 -11.81 -3.43
C TYR F 121 -20.32 -11.60 -3.55
N GLU F 122 -19.92 -10.75 -4.49
CA GLU F 122 -18.51 -10.49 -4.75
C GLU F 122 -17.72 -9.82 -3.62
N ASN F 123 -18.41 -9.28 -2.62
CA ASN F 123 -17.74 -8.62 -1.50
C ASN F 123 -17.15 -9.62 -0.52
N SER F 124 -17.80 -10.78 -0.43
CA SER F 124 -17.43 -11.86 0.48
C SER F 124 -16.01 -11.97 0.99
N MET F 125 -15.06 -12.31 0.12
CA MET F 125 -13.69 -12.49 0.55
C MET F 125 -12.96 -11.21 0.96
N PHE F 126 -13.37 -10.07 0.44
CA PHE F 126 -12.70 -8.84 0.82
C PHE F 126 -13.21 -8.38 2.17
N ILE F 127 -14.41 -8.82 2.53
CA ILE F 127 -14.97 -8.51 3.84
C ILE F 127 -14.22 -9.39 4.83
N VAL F 128 -13.99 -10.65 4.45
CA VAL F 128 -13.26 -11.58 5.31
C VAL F 128 -11.86 -11.06 5.64
N GLU F 129 -11.17 -10.53 4.64
CA GLU F 129 -9.81 -10.01 4.84
C GLU F 129 -9.86 -8.77 5.74
N GLY F 130 -10.86 -7.92 5.53
CA GLY F 130 -10.98 -6.72 6.36
C GLY F 130 -11.13 -7.09 7.82
N ILE F 131 -11.95 -8.12 8.07
CA ILE F 131 -12.18 -8.59 9.43
C ILE F 131 -10.89 -9.14 10.03
N ASP F 132 -10.18 -9.97 9.28
CA ASP F 132 -8.95 -10.55 9.80
C ASP F 132 -7.88 -9.51 10.14
N LEU F 133 -7.68 -8.54 9.26
CA LEU F 133 -6.67 -7.51 9.51
C LEU F 133 -7.06 -6.65 10.72
N ALA F 134 -8.36 -6.40 10.89
CA ALA F 134 -8.84 -5.60 12.02
C ALA F 134 -8.65 -6.35 13.34
N LEU F 135 -8.99 -7.63 13.35
CA LEU F 135 -8.84 -8.45 14.56
C LEU F 135 -7.35 -8.63 14.90
N ARG F 136 -6.53 -8.75 13.85
CA ARG F 136 -5.09 -8.90 14.06
C ARG F 136 -4.63 -7.66 14.81
N GLU F 137 -5.10 -6.51 14.34
CA GLU F 137 -4.80 -5.22 14.93
C GLU F 137 -5.30 -5.11 16.36
N LEU F 138 -6.56 -5.50 16.58
CA LEU F 138 -7.14 -5.43 17.92
C LEU F 138 -6.33 -6.29 18.88
N ARG F 139 -5.85 -7.42 18.39
CA ARG F 139 -5.03 -8.31 19.19
C ARG F 139 -3.75 -7.57 19.64
N TYR F 140 -3.13 -6.82 18.74
CA TYR F 140 -1.93 -6.08 19.10
C TYR F 140 -2.25 -5.05 20.18
N ALA F 141 -3.50 -4.59 20.17
CA ALA F 141 -3.95 -3.59 21.14
C ALA F 141 -4.39 -4.23 22.45
N GLY F 142 -4.43 -5.57 22.48
CA GLY F 142 -4.83 -6.27 23.68
C GLY F 142 -6.31 -6.61 23.73
N ILE F 143 -6.97 -6.53 22.59
CA ILE F 143 -8.40 -6.81 22.50
C ILE F 143 -8.66 -8.13 21.77
N GLN F 144 -9.28 -9.08 22.47
CA GLN F 144 -9.61 -10.37 21.88
C GLN F 144 -11.07 -10.75 22.07
N ASP F 145 -11.85 -9.84 22.64
CA ASP F 145 -13.27 -10.11 22.88
C ASP F 145 -14.21 -9.43 21.87
N PHE F 146 -13.69 -9.14 20.68
CA PHE F 146 -14.53 -8.53 19.64
C PHE F 146 -14.94 -9.69 18.75
N LYS F 147 -16.25 -9.85 18.54
CA LYS F 147 -16.76 -10.95 17.72
C LYS F 147 -17.59 -10.50 16.53
N VAL F 148 -17.34 -11.11 15.38
CA VAL F 148 -18.04 -10.77 14.17
C VAL F 148 -18.79 -11.94 13.57
N VAL F 149 -20.02 -11.68 13.13
CA VAL F 149 -20.85 -12.70 12.49
C VAL F 149 -21.09 -12.19 11.08
N VAL F 150 -20.67 -12.96 10.09
CA VAL F 150 -20.84 -12.57 8.70
C VAL F 150 -21.90 -13.47 8.06
N LEU F 151 -22.89 -12.86 7.43
CA LEU F 151 -23.95 -13.63 6.81
C LEU F 151 -24.62 -12.94 5.63
N SER F 152 -25.20 -13.74 4.74
CA SER F 152 -25.93 -13.25 3.59
C SER F 152 -27.36 -13.68 3.85
N TYR F 153 -28.26 -12.71 3.96
CA TYR F 153 -29.66 -12.97 4.24
C TYR F 153 -30.28 -14.05 3.35
N ALA F 154 -29.78 -14.18 2.13
CA ALA F 154 -30.29 -15.18 1.21
C ALA F 154 -30.03 -16.62 1.64
N ASP F 155 -29.03 -16.80 2.50
CA ASP F 155 -28.69 -18.15 2.97
C ASP F 155 -29.61 -18.66 4.07
N PHE F 156 -30.60 -17.87 4.46
CA PHE F 156 -31.53 -18.29 5.50
C PHE F 156 -32.87 -18.74 4.92
N VAL F 157 -32.90 -18.92 3.61
CA VAL F 157 -34.10 -19.38 2.92
C VAL F 157 -33.77 -20.70 2.23
N LYS F 158 -33.59 -21.75 3.04
CA LYS F 158 -33.25 -23.06 2.51
C LYS F 158 -34.37 -24.08 2.67
N ASP F 159 -35.16 -23.95 3.73
CA ASP F 159 -36.26 -24.87 4.00
C ASP F 159 -37.05 -25.20 2.73
N PRO F 160 -37.19 -26.49 2.41
CA PRO F 160 -37.92 -26.95 1.22
C PRO F 160 -39.34 -26.41 1.13
N ALA F 161 -39.97 -26.21 2.29
CA ALA F 161 -41.34 -25.70 2.34
C ALA F 161 -41.45 -24.34 1.65
N VAL F 162 -40.52 -23.44 1.94
CA VAL F 162 -40.52 -22.12 1.35
C VAL F 162 -40.06 -22.15 -0.09
N ILE F 163 -38.97 -22.87 -0.34
CA ILE F 163 -38.41 -22.99 -1.68
C ILE F 163 -39.49 -23.42 -2.66
N GLN F 164 -40.26 -24.43 -2.26
CA GLN F 164 -41.33 -24.97 -3.09
C GLN F 164 -42.33 -23.84 -3.40
N GLN F 165 -42.68 -23.08 -2.37
CA GLN F 165 -43.62 -21.97 -2.51
C GLN F 165 -43.08 -20.87 -3.41
N LEU F 166 -41.77 -20.65 -3.38
CA LEU F 166 -41.13 -19.63 -4.18
C LEU F 166 -40.93 -20.10 -5.63
N TYR F 167 -40.49 -21.34 -5.78
CA TYR F 167 -40.26 -21.89 -7.10
C TYR F 167 -41.05 -23.17 -7.34
N PRO F 168 -42.38 -23.08 -7.33
CA PRO F 168 -43.23 -24.25 -7.54
C PRO F 168 -43.00 -24.85 -8.92
N GLU F 169 -42.67 -23.98 -9.87
CA GLU F 169 -42.41 -24.40 -11.24
C GLU F 169 -41.06 -25.12 -11.31
N GLY F 170 -40.32 -25.10 -10.20
CA GLY F 170 -39.03 -25.74 -10.16
C GLY F 170 -37.89 -24.81 -9.81
N PHE F 171 -37.03 -25.22 -8.88
CA PHE F 171 -35.90 -24.41 -8.46
C PHE F 171 -34.66 -24.82 -9.25
N LEU F 172 -33.88 -23.83 -9.68
CA LEU F 172 -32.67 -24.08 -10.46
C LEU F 172 -31.38 -23.67 -9.76
N GLY F 173 -31.48 -23.28 -8.48
CA GLY F 173 -30.31 -22.88 -7.75
C GLY F 173 -30.20 -21.38 -7.56
N TRP F 174 -29.21 -20.96 -6.77
CA TRP F 174 -29.00 -19.54 -6.48
C TRP F 174 -27.96 -18.94 -7.41
N ASP F 175 -27.11 -19.78 -7.99
CA ASP F 175 -26.06 -19.34 -8.89
C ASP F 175 -26.58 -18.53 -10.08
N ILE F 176 -27.91 -18.50 -10.23
CA ILE F 176 -28.52 -17.76 -11.33
C ILE F 176 -29.48 -16.66 -10.82
N GLU F 177 -29.46 -16.44 -9.51
CA GLU F 177 -30.34 -15.46 -8.90
C GLU F 177 -29.85 -14.01 -8.83
N HIS F 178 -29.58 -13.42 -9.99
CA HIS F 178 -29.16 -12.03 -10.04
C HIS F 178 -30.22 -11.28 -10.82
N GLY F 179 -30.97 -10.41 -10.13
CA GLY F 179 -32.03 -9.66 -10.78
C GLY F 179 -33.17 -10.60 -11.13
N GLY F 180 -33.26 -11.71 -10.42
CA GLY F 180 -34.30 -12.69 -10.67
C GLY F 180 -35.46 -12.66 -9.69
N VAL F 181 -36.12 -13.81 -9.56
CA VAL F 181 -37.28 -13.97 -8.70
C VAL F 181 -37.05 -13.63 -7.24
N PHE F 182 -35.93 -14.09 -6.68
CA PHE F 182 -35.65 -13.84 -5.26
C PHE F 182 -35.57 -12.35 -4.91
N GLU F 183 -34.66 -11.63 -5.57
CA GLU F 183 -34.49 -10.21 -5.29
C GLU F 183 -35.67 -9.33 -5.72
N THR F 184 -36.20 -9.60 -6.91
CA THR F 184 -37.31 -8.82 -7.43
C THR F 184 -38.54 -8.92 -6.51
N SER F 185 -38.76 -10.09 -5.94
CA SER F 185 -39.89 -10.30 -5.04
C SER F 185 -39.71 -9.47 -3.76
N LEU F 186 -38.49 -9.44 -3.24
CA LEU F 186 -38.19 -8.67 -2.04
C LEU F 186 -38.44 -7.18 -2.32
N MET F 187 -37.96 -6.73 -3.47
CA MET F 187 -38.12 -5.34 -3.86
C MET F 187 -39.58 -4.96 -4.04
N LEU F 188 -40.36 -5.85 -4.67
CA LEU F 188 -41.78 -5.60 -4.88
C LEU F 188 -42.50 -5.44 -3.55
N ALA F 189 -41.95 -6.03 -2.50
CA ALA F 189 -42.53 -5.96 -1.18
C ALA F 189 -41.96 -4.81 -0.33
N LEU F 190 -40.79 -4.31 -0.72
CA LEU F 190 -40.15 -3.24 0.03
C LEU F 190 -40.05 -1.90 -0.71
N TYR F 191 -39.73 -1.96 -1.99
CA TYR F 191 -39.59 -0.75 -2.80
C TYR F 191 -40.25 -0.92 -4.16
N PRO F 192 -41.58 -1.12 -4.18
CA PRO F 192 -42.33 -1.30 -5.43
C PRO F 192 -42.08 -0.20 -6.46
N ASP F 193 -41.92 1.04 -5.98
CA ASP F 193 -41.67 2.16 -6.88
C ASP F 193 -40.33 2.04 -7.61
N LEU F 194 -39.44 1.21 -7.09
CA LEU F 194 -38.13 1.02 -7.71
C LEU F 194 -38.08 -0.25 -8.54
N VAL F 195 -39.26 -0.77 -8.89
CA VAL F 195 -39.38 -1.98 -9.68
C VAL F 195 -40.52 -1.85 -10.68
N ASP F 196 -40.30 -2.35 -11.89
CA ASP F 196 -41.31 -2.32 -12.94
C ASP F 196 -41.26 -3.65 -13.67
N LEU F 197 -41.97 -4.64 -13.12
CA LEU F 197 -42.02 -5.99 -13.66
C LEU F 197 -42.31 -6.05 -15.16
N ASP F 198 -42.96 -5.03 -15.68
CA ASP F 198 -43.30 -4.98 -17.10
C ASP F 198 -42.06 -4.87 -17.98
N ARG F 199 -40.91 -4.62 -17.35
CA ARG F 199 -39.66 -4.48 -18.09
C ARG F 199 -38.85 -5.77 -18.02
N VAL F 200 -39.22 -6.66 -17.11
CA VAL F 200 -38.53 -7.93 -16.95
C VAL F 200 -38.37 -8.65 -18.28
N VAL F 201 -37.16 -9.10 -18.57
CA VAL F 201 -36.90 -9.83 -19.80
C VAL F 201 -36.89 -11.32 -19.47
N ASP F 202 -37.92 -12.02 -19.92
CA ASP F 202 -38.07 -13.45 -19.65
C ASP F 202 -37.17 -14.28 -20.56
N HIS F 203 -35.90 -14.41 -20.18
CA HIS F 203 -34.94 -15.20 -20.94
C HIS F 203 -34.58 -16.47 -20.19
N PRO F 204 -34.07 -17.48 -20.92
CA PRO F 204 -33.69 -18.75 -20.27
C PRO F 204 -32.57 -18.53 -19.27
N PRO F 205 -32.54 -19.32 -18.18
CA PRO F 205 -31.49 -19.17 -17.17
C PRO F 205 -30.10 -19.23 -17.81
N ALA F 206 -29.23 -18.31 -17.41
CA ALA F 206 -27.87 -18.26 -17.95
C ALA F 206 -27.05 -19.48 -17.54
N THR F 207 -26.15 -19.88 -18.43
CA THR F 207 -25.28 -21.04 -18.18
C THR F 207 -23.88 -20.73 -18.74
N PHE F 208 -22.85 -21.21 -18.04
CA PHE F 208 -21.47 -20.98 -18.48
C PHE F 208 -20.64 -22.26 -18.33
N PRO F 209 -19.51 -22.32 -19.06
CA PRO F 209 -18.64 -23.49 -18.97
C PRO F 209 -18.00 -23.52 -17.58
N PRO F 210 -17.31 -24.61 -17.23
CA PRO F 210 -16.67 -24.73 -15.91
C PRO F 210 -15.38 -23.93 -15.74
N TYR F 211 -15.38 -22.66 -16.13
CA TYR F 211 -14.20 -21.81 -16.00
C TYR F 211 -14.53 -20.35 -16.32
N ASP F 212 -13.60 -19.45 -15.98
CA ASP F 212 -13.79 -18.03 -16.24
C ASP F 212 -12.79 -17.45 -17.23
N VAL F 213 -13.20 -16.38 -17.89
CA VAL F 213 -12.37 -15.72 -18.89
C VAL F 213 -12.23 -14.23 -18.61
N PHE F 214 -11.01 -13.72 -18.78
CA PHE F 214 -10.70 -12.30 -18.57
C PHE F 214 -9.79 -11.90 -19.72
N PRO F 215 -10.04 -10.75 -20.36
CA PRO F 215 -11.12 -9.79 -20.09
C PRO F 215 -12.50 -10.44 -20.21
N VAL F 216 -13.43 -10.05 -19.36
CA VAL F 216 -14.77 -10.61 -19.39
C VAL F 216 -15.39 -10.45 -20.78
N ASP F 217 -16.02 -11.51 -21.26
CA ASP F 217 -16.66 -11.52 -22.57
C ASP F 217 -18.15 -11.20 -22.43
N PRO F 218 -18.56 -9.98 -22.82
CA PRO F 218 -19.96 -9.52 -22.74
C PRO F 218 -20.98 -10.50 -23.31
N ALA F 219 -20.62 -11.15 -24.41
CA ALA F 219 -21.49 -12.10 -25.07
C ALA F 219 -21.93 -13.25 -24.18
N ARG F 220 -21.21 -13.48 -23.09
CA ARG F 220 -21.55 -14.57 -22.19
C ARG F 220 -22.56 -14.18 -21.12
N THR F 221 -23.03 -12.94 -21.15
CA THR F 221 -24.01 -12.46 -20.20
C THR F 221 -25.30 -12.06 -20.91
N PRO F 222 -26.46 -12.54 -20.43
CA PRO F 222 -27.73 -12.18 -21.08
C PRO F 222 -27.78 -10.66 -21.26
N ALA F 223 -28.15 -10.22 -22.46
CA ALA F 223 -28.23 -8.81 -22.79
C ALA F 223 -28.76 -7.89 -21.68
N PRO F 224 -29.91 -8.23 -21.08
CA PRO F 224 -30.48 -7.41 -20.00
C PRO F 224 -29.57 -7.26 -18.77
N GLY F 225 -28.64 -8.19 -18.60
CA GLY F 225 -27.74 -8.14 -17.47
C GLY F 225 -28.20 -9.07 -16.37
N THR F 226 -29.38 -9.65 -16.55
CA THR F 226 -29.96 -10.57 -15.57
C THR F 226 -29.49 -11.99 -15.89
N LEU F 227 -29.45 -12.85 -14.87
CA LEU F 227 -29.01 -14.23 -15.07
C LEU F 227 -30.19 -15.20 -15.09
N SER F 228 -31.39 -14.67 -14.80
CA SER F 228 -32.61 -15.48 -14.79
C SER F 228 -33.83 -14.58 -14.70
N SER F 229 -34.86 -14.90 -15.47
CA SER F 229 -36.11 -14.14 -15.50
C SER F 229 -36.78 -13.97 -14.14
N ALA F 230 -37.40 -12.81 -13.93
CA ALA F 230 -38.07 -12.52 -12.68
C ALA F 230 -39.58 -12.40 -12.92
N LYS F 231 -40.04 -12.94 -14.05
CA LYS F 231 -41.45 -12.88 -14.41
C LYS F 231 -42.38 -13.44 -13.34
N THR F 232 -41.94 -14.50 -12.66
CA THR F 232 -42.76 -15.13 -11.63
C THR F 232 -42.55 -14.51 -10.24
N ALA F 233 -41.90 -13.35 -10.21
CA ALA F 233 -41.66 -12.65 -8.95
C ALA F 233 -42.96 -11.99 -8.49
N SER F 234 -43.11 -11.84 -7.18
CA SER F 234 -44.33 -11.23 -6.65
C SER F 234 -44.12 -10.68 -5.24
N ARG F 235 -44.94 -9.71 -4.88
CA ARG F 235 -44.89 -9.10 -3.56
C ARG F 235 -45.12 -10.17 -2.51
N GLU F 236 -46.04 -11.09 -2.81
CA GLU F 236 -46.37 -12.19 -1.90
C GLU F 236 -45.13 -13.02 -1.61
N LYS F 237 -44.39 -13.36 -2.65
CA LYS F 237 -43.17 -14.14 -2.49
C LYS F 237 -42.15 -13.35 -1.66
N GLY F 238 -42.02 -12.06 -1.97
CA GLY F 238 -41.08 -11.22 -1.25
C GLY F 238 -41.39 -11.21 0.24
N GLU F 239 -42.67 -11.02 0.57
CA GLU F 239 -43.11 -10.99 1.95
C GLU F 239 -42.77 -12.28 2.69
N LEU F 240 -42.80 -13.40 1.96
CA LEU F 240 -42.48 -14.69 2.55
C LEU F 240 -40.98 -14.73 2.88
N ILE F 241 -40.16 -14.44 1.88
CA ILE F 241 -38.71 -14.42 2.04
C ILE F 241 -38.33 -13.52 3.21
N LEU F 242 -38.79 -12.28 3.16
CA LEU F 242 -38.50 -11.29 4.18
C LEU F 242 -38.73 -11.86 5.58
N GLU F 243 -39.95 -12.34 5.81
CA GLU F 243 -40.32 -12.91 7.09
C GLU F 243 -39.39 -14.05 7.50
N VAL F 244 -39.10 -14.93 6.55
CA VAL F 244 -38.22 -16.07 6.82
C VAL F 244 -36.83 -15.59 7.23
N CYS F 245 -36.23 -14.75 6.39
CA CYS F 245 -34.89 -14.22 6.65
C CYS F 245 -34.79 -13.46 7.96
N VAL F 246 -35.73 -12.55 8.19
CA VAL F 246 -35.73 -11.76 9.41
C VAL F 246 -35.78 -12.65 10.65
N GLN F 247 -36.62 -13.67 10.60
CA GLN F 247 -36.77 -14.58 11.72
C GLN F 247 -35.52 -15.43 11.94
N GLY F 248 -35.02 -16.02 10.86
CA GLY F 248 -33.83 -16.85 10.94
C GLY F 248 -32.60 -16.10 11.41
N ILE F 249 -32.39 -14.90 10.86
CA ILE F 249 -31.24 -14.11 11.24
C ILE F 249 -31.32 -13.67 12.70
N ALA F 250 -32.51 -13.25 13.12
CA ALA F 250 -32.70 -12.82 14.50
C ALA F 250 -32.35 -13.92 15.49
N ASP F 251 -32.68 -15.16 15.13
CA ASP F 251 -32.39 -16.30 16.00
C ASP F 251 -30.89 -16.60 15.99
N ALA F 252 -30.27 -16.51 14.83
CA ALA F 252 -28.85 -16.75 14.70
C ALA F 252 -28.08 -15.77 15.57
N ILE F 253 -28.53 -14.51 15.57
CA ILE F 253 -27.89 -13.47 16.37
C ILE F 253 -28.09 -13.74 17.86
N ARG F 254 -29.29 -14.17 18.23
CA ARG F 254 -29.58 -14.47 19.62
C ARG F 254 -28.63 -15.58 20.07
N GLU F 255 -28.39 -16.53 19.18
CA GLU F 255 -27.53 -17.67 19.44
C GLU F 255 -26.05 -17.29 19.64
N GLU F 256 -25.53 -16.42 18.79
CA GLU F 256 -24.13 -16.01 18.87
C GLU F 256 -23.85 -14.91 19.89
N PHE F 257 -24.77 -13.98 20.05
CA PHE F 257 -24.60 -12.90 21.02
C PHE F 257 -25.67 -12.98 22.10
N PRO F 258 -25.59 -14.01 22.97
CA PRO F 258 -26.56 -14.21 24.06
C PRO F 258 -26.49 -13.13 25.12
N PRO F 259 -27.63 -12.81 25.75
CA PRO F 259 -27.67 -11.77 26.80
C PRO F 259 -26.77 -12.14 27.98
MN MN G . -17.52 17.20 9.94
ZN ZN H . -20.62 18.80 10.36
CL CL I . -17.94 20.23 9.13
MN MN J . 4.13 26.25 -0.10
ZN ZN K . 5.78 29.37 0.59
CL CL L . 2.96 28.35 1.98
MN MN M . 25.55 5.08 5.86
ZN ZN N . 28.56 6.89 6.16
CL CL O . 27.98 4.39 4.01
MN MN P . 19.89 -14.75 -9.55
ZN ZN Q . 21.74 -17.63 -10.16
CL CL R . 22.72 -15.21 -8.24
MN MN S . -7.23 -25.62 -0.05
ZN ZN T . -7.09 -29.17 -0.57
CL CL U . -9.37 -27.16 -1.56
MN MN V . -24.53 -8.06 -6.34
ZN ZN W . -28.12 -8.13 -6.34
CL CL X . -26.03 -10.49 -5.59
#